data_3DML
# 
_entry.id   3DML 
# 
_audit_conform.dict_name       mmcif_pdbx.dic 
_audit_conform.dict_version    5.404 
_audit_conform.dict_location   http://mmcif.pdb.org/dictionaries/ascii/mmcif_pdbx.dic 
# 
loop_
_database_2.database_id 
_database_2.database_code 
_database_2.pdbx_database_accession 
_database_2.pdbx_DOI 
PDB   3DML         pdb_00003dml 10.2210/pdb3dml/pdb 
RCSB  RCSB048226   ?            ?                   
WWPDB D_1000048226 ?            ?                   
# 
loop_
_pdbx_audit_revision_history.ordinal 
_pdbx_audit_revision_history.data_content_type 
_pdbx_audit_revision_history.major_revision 
_pdbx_audit_revision_history.minor_revision 
_pdbx_audit_revision_history.revision_date 
_pdbx_audit_revision_history.part_number 
1 'Structure model' 1 0 2008-08-26 ? 
2 'Structure model' 1 1 2011-07-13 ? 
3 'Structure model' 1 2 2017-10-25 ? 
4 'Structure model' 1 3 2024-10-16 ? 
5 'Structure model' 1 4 2025-08-06 ? 
# 
_pdbx_audit_revision_details.ordinal             1 
_pdbx_audit_revision_details.revision_ordinal    1 
_pdbx_audit_revision_details.data_content_type   'Structure model' 
_pdbx_audit_revision_details.provider            repository 
_pdbx_audit_revision_details.type                'Initial release' 
_pdbx_audit_revision_details.description         ? 
_pdbx_audit_revision_details.details             ? 
# 
loop_
_pdbx_audit_revision_group.ordinal 
_pdbx_audit_revision_group.revision_ordinal 
_pdbx_audit_revision_group.data_content_type 
_pdbx_audit_revision_group.group 
1 2 'Structure model' 'Version format compliance' 
2 3 'Structure model' 'Refinement description'    
3 4 'Structure model' 'Data collection'           
4 4 'Structure model' 'Database references'       
5 4 'Structure model' 'Derived calculations'      
6 4 'Structure model' 'Structure summary'         
7 5 'Structure model' 'Database references'       
# 
loop_
_pdbx_audit_revision_category.ordinal 
_pdbx_audit_revision_category.revision_ordinal 
_pdbx_audit_revision_category.data_content_type 
_pdbx_audit_revision_category.category 
1  3 'Structure model' software                  
2  4 'Structure model' chem_comp_atom            
3  4 'Structure model' chem_comp_bond            
4  4 'Structure model' database_2                
5  4 'Structure model' diffrn_source             
6  4 'Structure model' pdbx_entry_details        
7  4 'Structure model' pdbx_modification_feature 
8  4 'Structure model' struct_conn               
9  4 'Structure model' struct_ref_seq_dif        
10 5 'Structure model' citation                  
# 
loop_
_pdbx_audit_revision_item.ordinal 
_pdbx_audit_revision_item.revision_ordinal 
_pdbx_audit_revision_item.data_content_type 
_pdbx_audit_revision_item.item 
1  3 'Structure model' '_software.name'                       
2  4 'Structure model' '_database_2.pdbx_DOI'                 
3  4 'Structure model' '_database_2.pdbx_database_accession'  
4  4 'Structure model' '_diffrn_source.pdbx_synchrotron_site' 
5  4 'Structure model' '_struct_conn.pdbx_leaving_atom_flag'  
6  4 'Structure model' '_struct_ref_seq_dif.details'          
7  5 'Structure model' '_citation.country'                    
8  5 'Structure model' '_citation.journal_abbrev'             
9  5 'Structure model' '_citation.journal_id_ASTM'            
10 5 'Structure model' '_citation.journal_id_CSD'             
11 5 'Structure model' '_citation.journal_id_ISSN'            
12 5 'Structure model' '_citation.journal_volume'             
13 5 'Structure model' '_citation.page_first'                 
14 5 'Structure model' '_citation.page_last'                  
15 5 'Structure model' '_citation.pdbx_database_id_DOI'       
16 5 'Structure model' '_citation.pdbx_database_id_PubMed'    
17 5 'Structure model' '_citation.title'                      
18 5 'Structure model' '_citation.year'                       
# 
_pdbx_database_status.status_code                     REL 
_pdbx_database_status.entry_id                        3DML 
_pdbx_database_status.recvd_initial_deposition_date   2008-07-01 
_pdbx_database_status.deposit_site                    RCSB 
_pdbx_database_status.process_site                    PDBJ 
_pdbx_database_status.status_code_sf                  REL 
_pdbx_database_status.status_code_mr                  ? 
_pdbx_database_status.SG_entry                        ? 
_pdbx_database_status.pdb_format_compatible           Y 
_pdbx_database_status.status_code_cs                  ? 
_pdbx_database_status.methods_development_category    ? 
_pdbx_database_status.status_code_nmr_data            ? 
# 
_pdbx_database_related.db_name        PDB 
_pdbx_database_related.db_id          3D4T 
_pdbx_database_related.details        'SoxS in its oxidized form' 
_pdbx_database_related.content_type   unspecified 
# 
loop_
_audit_author.name 
_audit_author.pdbx_ordinal 
'Carius, Y.'      1 
'Friedrich, C.G.' 2 
'Scheidig, A.J.'  3 
# 
_citation.id                        primary 
_citation.title                     
;The structure of the periplasmic thiol-disulfide oxidoreductase SoxS from Paracoccus pantotrophus indicates a triple Trx/Grx/DsbC functionality in chemotrophic sulfur oxidation.
;
_citation.journal_abbrev            'Acta Crystallogr.,Sect.D' 
_citation.journal_volume            65 
_citation.page_first                229 
_citation.page_last                 240 
_citation.year                      2009 
_citation.journal_id_ASTM           ABCRE6 
_citation.country                   US 
_citation.journal_id_ISSN           1399-0047 
_citation.journal_id_CSD            ? 
_citation.book_publisher            ? 
_citation.pdbx_database_id_PubMed   19237745 
_citation.pdbx_database_id_DOI      10.1107/S0907444908043023 
# 
loop_
_citation_author.citation_id 
_citation_author.name 
_citation_author.ordinal 
_citation_author.identifier_ORCID 
primary 'Carius, Y.'      1 ? 
primary 'Rother, D.'      2 ? 
primary 'Friedrich, C.G.' 3 ? 
primary 'Scheidig, A.J.'  4 ? 
# 
loop_
_entity.id 
_entity.type 
_entity.src_method 
_entity.pdbx_description 
_entity.formula_weight 
_entity.pdbx_number_of_molecules 
_entity.pdbx_ec 
_entity.pdbx_mutation 
_entity.pdbx_fragment 
_entity.details 
1 polymer man 'Putative uncharacterized protein' 13315.221 1   1.8.4.- ? 'periplasmic domain, UNP residues 32-130' ? 
2 water   nat water                              18.015    161 ?       ? ?                                         ? 
# 
_entity_name_com.entity_id   1 
_entity_name_com.name        'Thiol-disulfide oxidoreductase SoxS' 
# 
_entity_poly.entity_id                      1 
_entity_poly.type                           'polypeptide(L)' 
_entity_poly.nstd_linkage                   no 
_entity_poly.nstd_monomer                   yes 
_entity_poly.pdbx_seq_one_letter_code       
;(MSE)RGSHHHHHHGSDDDDKAELRLL(MSE)FEQPGCLYCARWDAEIAPQYPLTDEGRAAPVQRLQ(MSE)RDPLPPGL
ELARPVTFTPTFVL(MSE)AGDVESGRLEGYPGEDFFWP(MSE)LARLIGQAEPGQ
;
_entity_poly.pdbx_seq_one_letter_code_can   
;MRGSHHHHHHGSDDDDKAELRLLMFEQPGCLYCARWDAEIAPQYPLTDEGRAAPVQRLQMRDPLPPGLELARPVTFTPTF
VLMAGDVESGRLEGYPGEDFFWPMLARLIGQAEPGQ
;
_entity_poly.pdbx_strand_id                 A 
_entity_poly.pdbx_target_identifier         ? 
# 
_pdbx_entity_nonpoly.entity_id   2 
_pdbx_entity_nonpoly.name        water 
_pdbx_entity_nonpoly.comp_id     HOH 
# 
loop_
_entity_poly_seq.entity_id 
_entity_poly_seq.num 
_entity_poly_seq.mon_id 
_entity_poly_seq.hetero 
1 1   MSE n 
1 2   ARG n 
1 3   GLY n 
1 4   SER n 
1 5   HIS n 
1 6   HIS n 
1 7   HIS n 
1 8   HIS n 
1 9   HIS n 
1 10  HIS n 
1 11  GLY n 
1 12  SER n 
1 13  ASP n 
1 14  ASP n 
1 15  ASP n 
1 16  ASP n 
1 17  LYS n 
1 18  ALA n 
1 19  GLU n 
1 20  LEU n 
1 21  ARG n 
1 22  LEU n 
1 23  LEU n 
1 24  MSE n 
1 25  PHE n 
1 26  GLU n 
1 27  GLN n 
1 28  PRO n 
1 29  GLY n 
1 30  CYS n 
1 31  LEU n 
1 32  TYR n 
1 33  CYS n 
1 34  ALA n 
1 35  ARG n 
1 36  TRP n 
1 37  ASP n 
1 38  ALA n 
1 39  GLU n 
1 40  ILE n 
1 41  ALA n 
1 42  PRO n 
1 43  GLN n 
1 44  TYR n 
1 45  PRO n 
1 46  LEU n 
1 47  THR n 
1 48  ASP n 
1 49  GLU n 
1 50  GLY n 
1 51  ARG n 
1 52  ALA n 
1 53  ALA n 
1 54  PRO n 
1 55  VAL n 
1 56  GLN n 
1 57  ARG n 
1 58  LEU n 
1 59  GLN n 
1 60  MSE n 
1 61  ARG n 
1 62  ASP n 
1 63  PRO n 
1 64  LEU n 
1 65  PRO n 
1 66  PRO n 
1 67  GLY n 
1 68  LEU n 
1 69  GLU n 
1 70  LEU n 
1 71  ALA n 
1 72  ARG n 
1 73  PRO n 
1 74  VAL n 
1 75  THR n 
1 76  PHE n 
1 77  THR n 
1 78  PRO n 
1 79  THR n 
1 80  PHE n 
1 81  VAL n 
1 82  LEU n 
1 83  MSE n 
1 84  ALA n 
1 85  GLY n 
1 86  ASP n 
1 87  VAL n 
1 88  GLU n 
1 89  SER n 
1 90  GLY n 
1 91  ARG n 
1 92  LEU n 
1 93  GLU n 
1 94  GLY n 
1 95  TYR n 
1 96  PRO n 
1 97  GLY n 
1 98  GLU n 
1 99  ASP n 
1 100 PHE n 
1 101 PHE n 
1 102 TRP n 
1 103 PRO n 
1 104 MSE n 
1 105 LEU n 
1 106 ALA n 
1 107 ARG n 
1 108 LEU n 
1 109 ILE n 
1 110 GLY n 
1 111 GLN n 
1 112 ALA n 
1 113 GLU n 
1 114 PRO n 
1 115 GLY n 
1 116 GLN n 
# 
_entity_src_gen.entity_id                          1 
_entity_src_gen.pdbx_src_id                        1 
_entity_src_gen.pdbx_alt_source_flag               sample 
_entity_src_gen.pdbx_seq_type                      ? 
_entity_src_gen.pdbx_beg_seq_num                   ? 
_entity_src_gen.pdbx_end_seq_num                   ? 
_entity_src_gen.gene_src_common_name               ? 
_entity_src_gen.gene_src_genus                     ? 
_entity_src_gen.pdbx_gene_src_gene                 soxS 
_entity_src_gen.gene_src_species                   ? 
_entity_src_gen.gene_src_strain                    GB17 
_entity_src_gen.gene_src_tissue                    ? 
_entity_src_gen.gene_src_tissue_fraction           ? 
_entity_src_gen.gene_src_details                   ? 
_entity_src_gen.pdbx_gene_src_fragment             ? 
_entity_src_gen.pdbx_gene_src_scientific_name      'Paracoccus denitrificans' 
_entity_src_gen.pdbx_gene_src_ncbi_taxonomy_id     266 
_entity_src_gen.pdbx_gene_src_variant              ? 
_entity_src_gen.pdbx_gene_src_cell_line            ? 
_entity_src_gen.pdbx_gene_src_atcc                 ? 
_entity_src_gen.pdbx_gene_src_organ                ? 
_entity_src_gen.pdbx_gene_src_organelle            ? 
_entity_src_gen.pdbx_gene_src_cell                 ? 
_entity_src_gen.pdbx_gene_src_cellular_location    ? 
_entity_src_gen.host_org_common_name               ? 
_entity_src_gen.pdbx_host_org_scientific_name      'Escherichia coli' 
_entity_src_gen.pdbx_host_org_ncbi_taxonomy_id     562 
_entity_src_gen.host_org_genus                     ? 
_entity_src_gen.pdbx_host_org_gene                 ? 
_entity_src_gen.pdbx_host_org_organ                ? 
_entity_src_gen.host_org_species                   ? 
_entity_src_gen.pdbx_host_org_tissue               ? 
_entity_src_gen.pdbx_host_org_tissue_fraction      ? 
_entity_src_gen.pdbx_host_org_strain               'M15[pREP4]' 
_entity_src_gen.pdbx_host_org_variant              ? 
_entity_src_gen.pdbx_host_org_cell_line            ? 
_entity_src_gen.pdbx_host_org_atcc                 ? 
_entity_src_gen.pdbx_host_org_culture_collection   ? 
_entity_src_gen.pdbx_host_org_cell                 ? 
_entity_src_gen.pdbx_host_org_organelle            ? 
_entity_src_gen.pdbx_host_org_cellular_location    ? 
_entity_src_gen.pdbx_host_org_vector_type          plasmid 
_entity_src_gen.pdbx_host_org_vector               ? 
_entity_src_gen.host_org_details                   ? 
_entity_src_gen.expression_system_id               ? 
_entity_src_gen.plasmid_name                       pQE-30 
_entity_src_gen.plasmid_details                    ? 
_entity_src_gen.pdbx_description                   ? 
# 
loop_
_chem_comp.id 
_chem_comp.type 
_chem_comp.mon_nstd_flag 
_chem_comp.name 
_chem_comp.pdbx_synonyms 
_chem_comp.formula 
_chem_comp.formula_weight 
ALA 'L-peptide linking' y ALANINE          ? 'C3 H7 N O2'     89.093  
ARG 'L-peptide linking' y ARGININE         ? 'C6 H15 N4 O2 1' 175.209 
ASP 'L-peptide linking' y 'ASPARTIC ACID'  ? 'C4 H7 N O4'     133.103 
CYS 'L-peptide linking' y CYSTEINE         ? 'C3 H7 N O2 S'   121.158 
GLN 'L-peptide linking' y GLUTAMINE        ? 'C5 H10 N2 O3'   146.144 
GLU 'L-peptide linking' y 'GLUTAMIC ACID'  ? 'C5 H9 N O4'     147.129 
GLY 'peptide linking'   y GLYCINE          ? 'C2 H5 N O2'     75.067  
HIS 'L-peptide linking' y HISTIDINE        ? 'C6 H10 N3 O2 1' 156.162 
HOH non-polymer         . WATER            ? 'H2 O'           18.015  
ILE 'L-peptide linking' y ISOLEUCINE       ? 'C6 H13 N O2'    131.173 
LEU 'L-peptide linking' y LEUCINE          ? 'C6 H13 N O2'    131.173 
LYS 'L-peptide linking' y LYSINE           ? 'C6 H15 N2 O2 1' 147.195 
MSE 'L-peptide linking' n SELENOMETHIONINE ? 'C5 H11 N O2 Se' 196.106 
PHE 'L-peptide linking' y PHENYLALANINE    ? 'C9 H11 N O2'    165.189 
PRO 'L-peptide linking' y PROLINE          ? 'C5 H9 N O2'     115.130 
SER 'L-peptide linking' y SERINE           ? 'C3 H7 N O3'     105.093 
THR 'L-peptide linking' y THREONINE        ? 'C4 H9 N O3'     119.119 
TRP 'L-peptide linking' y TRYPTOPHAN       ? 'C11 H12 N2 O2'  204.225 
TYR 'L-peptide linking' y TYROSINE         ? 'C9 H11 N O3'    181.189 
VAL 'L-peptide linking' y VALINE           ? 'C5 H11 N O2'    117.146 
# 
loop_
_pdbx_poly_seq_scheme.asym_id 
_pdbx_poly_seq_scheme.entity_id 
_pdbx_poly_seq_scheme.seq_id 
_pdbx_poly_seq_scheme.mon_id 
_pdbx_poly_seq_scheme.ndb_seq_num 
_pdbx_poly_seq_scheme.pdb_seq_num 
_pdbx_poly_seq_scheme.auth_seq_num 
_pdbx_poly_seq_scheme.pdb_mon_id 
_pdbx_poly_seq_scheme.auth_mon_id 
_pdbx_poly_seq_scheme.pdb_strand_id 
_pdbx_poly_seq_scheme.pdb_ins_code 
_pdbx_poly_seq_scheme.hetero 
A 1 1   MSE 1   -16 ?  ?   ?   A . n 
A 1 2   ARG 2   -15 ?  ?   ?   A . n 
A 1 3   GLY 3   -14 ?  ?   ?   A . n 
A 1 4   SER 4   -13 ?  ?   ?   A . n 
A 1 5   HIS 5   -12 ?  ?   ?   A . n 
A 1 6   HIS 6   -11 ?  ?   ?   A . n 
A 1 7   HIS 7   -10 ?  ?   ?   A . n 
A 1 8   HIS 8   -9  ?  ?   ?   A . n 
A 1 9   HIS 9   -8  ?  ?   ?   A . n 
A 1 10  HIS 10  -7  ?  ?   ?   A . n 
A 1 11  GLY 11  -6  ?  ?   ?   A . n 
A 1 12  SER 12  -5  ?  ?   ?   A . n 
A 1 13  ASP 13  -4  ?  ?   ?   A . n 
A 1 14  ASP 14  -3  ?  ?   ?   A . n 
A 1 15  ASP 15  -2  ?  ?   ?   A . n 
A 1 16  ASP 16  -1  ?  ?   ?   A . n 
A 1 17  LYS 17  0   ?  ?   ?   A . n 
A 1 18  ALA 18  1   ?  ?   ?   A . n 
A 1 19  GLU 19  2   2  GLU GLU A . n 
A 1 20  LEU 20  3   3  LEU LEU A . n 
A 1 21  ARG 21  4   4  ARG ARG A . n 
A 1 22  LEU 22  5   5  LEU LEU A . n 
A 1 23  LEU 23  6   6  LEU LEU A . n 
A 1 24  MSE 24  7   7  MSE MSE A . n 
A 1 25  PHE 25  8   8  PHE PHE A . n 
A 1 26  GLU 26  9   9  GLU GLU A . n 
A 1 27  GLN 27  10  10 GLN GLN A . n 
A 1 28  PRO 28  11  11 PRO PRO A . n 
A 1 29  GLY 29  12  12 GLY GLY A . n 
A 1 30  CYS 30  13  13 CYS CYS A . n 
A 1 31  LEU 31  14  14 LEU LEU A . n 
A 1 32  TYR 32  15  15 TYR TYR A . n 
A 1 33  CYS 33  16  16 CYS CYS A . n 
A 1 34  ALA 34  17  17 ALA ALA A . n 
A 1 35  ARG 35  18  18 ARG ARG A . n 
A 1 36  TRP 36  19  19 TRP TRP A . n 
A 1 37  ASP 37  20  20 ASP ASP A . n 
A 1 38  ALA 38  21  21 ALA ALA A . n 
A 1 39  GLU 39  22  22 GLU GLU A . n 
A 1 40  ILE 40  23  23 ILE ILE A . n 
A 1 41  ALA 41  24  24 ALA ALA A . n 
A 1 42  PRO 42  25  25 PRO PRO A . n 
A 1 43  GLN 43  26  26 GLN GLN A . n 
A 1 44  TYR 44  27  27 TYR TYR A . n 
A 1 45  PRO 45  28  28 PRO PRO A . n 
A 1 46  LEU 46  29  29 LEU LEU A . n 
A 1 47  THR 47  30  30 THR THR A . n 
A 1 48  ASP 48  31  31 ASP ASP A . n 
A 1 49  GLU 49  32  32 GLU GLU A . n 
A 1 50  GLY 50  33  33 GLY GLY A . n 
A 1 51  ARG 51  34  34 ARG ARG A . n 
A 1 52  ALA 52  35  35 ALA ALA A . n 
A 1 53  ALA 53  36  36 ALA ALA A . n 
A 1 54  PRO 54  37  37 PRO PRO A . n 
A 1 55  VAL 55  38  38 VAL VAL A . n 
A 1 56  GLN 56  39  39 GLN GLN A . n 
A 1 57  ARG 57  40  40 ARG ARG A . n 
A 1 58  LEU 58  41  41 LEU LEU A . n 
A 1 59  GLN 59  42  42 GLN GLN A . n 
A 1 60  MSE 60  43  43 MSE MSE A . n 
A 1 61  ARG 61  44  44 ARG ARG A . n 
A 1 62  ASP 62  45  45 ASP ASP A . n 
A 1 63  PRO 63  46  46 PRO PRO A . n 
A 1 64  LEU 64  47  47 LEU LEU A . n 
A 1 65  PRO 65  48  48 PRO PRO A . n 
A 1 66  PRO 66  49  49 PRO PRO A . n 
A 1 67  GLY 67  50  50 GLY GLY A . n 
A 1 68  LEU 68  51  51 LEU LEU A . n 
A 1 69  GLU 69  52  52 GLU GLU A . n 
A 1 70  LEU 70  53  53 LEU LEU A . n 
A 1 71  ALA 71  54  54 ALA ALA A . n 
A 1 72  ARG 72  55  55 ARG ARG A . n 
A 1 73  PRO 73  56  56 PRO PRO A . n 
A 1 74  VAL 74  57  57 VAL VAL A . n 
A 1 75  THR 75  58  58 THR THR A . n 
A 1 76  PHE 76  59  59 PHE PHE A . n 
A 1 77  THR 77  60  60 THR THR A . n 
A 1 78  PRO 78  61  61 PRO PRO A . n 
A 1 79  THR 79  62  62 THR THR A . n 
A 1 80  PHE 80  63  63 PHE PHE A . n 
A 1 81  VAL 81  64  64 VAL VAL A . n 
A 1 82  LEU 82  65  65 LEU LEU A . n 
A 1 83  MSE 83  66  66 MSE MSE A . n 
A 1 84  ALA 84  67  67 ALA ALA A . n 
A 1 85  GLY 85  68  68 GLY GLY A . n 
A 1 86  ASP 86  69  69 ASP ASP A . n 
A 1 87  VAL 87  70  70 VAL VAL A . n 
A 1 88  GLU 88  71  71 GLU GLU A . n 
A 1 89  SER 89  72  72 SER SER A . n 
A 1 90  GLY 90  73  73 GLY GLY A . n 
A 1 91  ARG 91  74  74 ARG ARG A . n 
A 1 92  LEU 92  75  75 LEU LEU A . n 
A 1 93  GLU 93  76  76 GLU GLU A . n 
A 1 94  GLY 94  77  77 GLY GLY A . n 
A 1 95  TYR 95  78  78 TYR TYR A . n 
A 1 96  PRO 96  79  79 PRO PRO A . n 
A 1 97  GLY 97  80  80 GLY GLY A . n 
A 1 98  GLU 98  81  81 GLU GLU A . n 
A 1 99  ASP 99  82  82 ASP ASP A . n 
A 1 100 PHE 100 83  83 PHE PHE A . n 
A 1 101 PHE 101 84  84 PHE PHE A . n 
A 1 102 TRP 102 85  85 TRP TRP A . n 
A 1 103 PRO 103 86  86 PRO PRO A . n 
A 1 104 MSE 104 87  87 MSE MSE A . n 
A 1 105 LEU 105 88  88 LEU LEU A . n 
A 1 106 ALA 106 89  89 ALA ALA A . n 
A 1 107 ARG 107 90  90 ARG ARG A . n 
A 1 108 LEU 108 91  91 LEU LEU A . n 
A 1 109 ILE 109 92  92 ILE ILE A . n 
A 1 110 GLY 110 93  93 GLY GLY A . n 
A 1 111 GLN 111 94  94 GLN GLN A . n 
A 1 112 ALA 112 95  95 ALA ALA A . n 
A 1 113 GLU 113 96  96 GLU GLU A . n 
A 1 114 PRO 114 97  97 PRO PRO A . n 
A 1 115 GLY 115 98  ?  ?   ?   A . n 
A 1 116 GLN 116 99  ?  ?   ?   A . n 
# 
loop_
_pdbx_nonpoly_scheme.asym_id 
_pdbx_nonpoly_scheme.entity_id 
_pdbx_nonpoly_scheme.mon_id 
_pdbx_nonpoly_scheme.ndb_seq_num 
_pdbx_nonpoly_scheme.pdb_seq_num 
_pdbx_nonpoly_scheme.auth_seq_num 
_pdbx_nonpoly_scheme.pdb_mon_id 
_pdbx_nonpoly_scheme.auth_mon_id 
_pdbx_nonpoly_scheme.pdb_strand_id 
_pdbx_nonpoly_scheme.pdb_ins_code 
B 2 HOH 1   501 501 HOH HOH A . 
B 2 HOH 2   502 502 HOH HOH A . 
B 2 HOH 3   503 503 HOH HOH A . 
B 2 HOH 4   504 504 HOH HOH A . 
B 2 HOH 5   505 505 HOH HOH A . 
B 2 HOH 6   506 506 HOH HOH A . 
B 2 HOH 7   507 507 HOH HOH A . 
B 2 HOH 8   508 508 HOH HOH A . 
B 2 HOH 9   509 509 HOH HOH A . 
B 2 HOH 10  510 510 HOH HOH A . 
B 2 HOH 11  511 511 HOH HOH A . 
B 2 HOH 12  512 512 HOH HOH A . 
B 2 HOH 13  513 513 HOH HOH A . 
B 2 HOH 14  514 514 HOH HOH A . 
B 2 HOH 15  515 515 HOH HOH A . 
B 2 HOH 16  516 516 HOH HOH A . 
B 2 HOH 17  517 517 HOH HOH A . 
B 2 HOH 18  518 518 HOH HOH A . 
B 2 HOH 19  519 519 HOH HOH A . 
B 2 HOH 20  520 520 HOH HOH A . 
B 2 HOH 21  521 521 HOH HOH A . 
B 2 HOH 22  522 522 HOH HOH A . 
B 2 HOH 23  523 523 HOH HOH A . 
B 2 HOH 24  524 524 HOH HOH A . 
B 2 HOH 25  525 525 HOH HOH A . 
B 2 HOH 26  526 526 HOH HOH A . 
B 2 HOH 27  527 527 HOH HOH A . 
B 2 HOH 28  528 528 HOH HOH A . 
B 2 HOH 29  529 529 HOH HOH A . 
B 2 HOH 30  530 530 HOH HOH A . 
B 2 HOH 31  531 531 HOH HOH A . 
B 2 HOH 32  532 532 HOH HOH A . 
B 2 HOH 33  533 533 HOH HOH A . 
B 2 HOH 34  534 534 HOH HOH A . 
B 2 HOH 35  535 535 HOH HOH A . 
B 2 HOH 36  536 536 HOH HOH A . 
B 2 HOH 37  537 537 HOH HOH A . 
B 2 HOH 38  538 538 HOH HOH A . 
B 2 HOH 39  539 539 HOH HOH A . 
B 2 HOH 40  540 540 HOH HOH A . 
B 2 HOH 41  541 541 HOH HOH A . 
B 2 HOH 42  542 542 HOH HOH A . 
B 2 HOH 43  543 543 HOH HOH A . 
B 2 HOH 44  544 544 HOH HOH A . 
B 2 HOH 45  545 545 HOH HOH A . 
B 2 HOH 46  546 546 HOH HOH A . 
B 2 HOH 47  547 547 HOH HOH A . 
B 2 HOH 48  548 548 HOH HOH A . 
B 2 HOH 49  549 549 HOH HOH A . 
B 2 HOH 50  550 550 HOH HOH A . 
B 2 HOH 51  551 551 HOH HOH A . 
B 2 HOH 52  552 552 HOH HOH A . 
B 2 HOH 53  553 553 HOH HOH A . 
B 2 HOH 54  554 554 HOH HOH A . 
B 2 HOH 55  555 555 HOH HOH A . 
B 2 HOH 56  556 556 HOH HOH A . 
B 2 HOH 57  557 557 HOH HOH A . 
B 2 HOH 58  558 558 HOH HOH A . 
B 2 HOH 59  559 559 HOH HOH A . 
B 2 HOH 60  560 560 HOH HOH A . 
B 2 HOH 61  561 561 HOH HOH A . 
B 2 HOH 62  562 562 HOH HOH A . 
B 2 HOH 63  563 563 HOH HOH A . 
B 2 HOH 64  564 564 HOH HOH A . 
B 2 HOH 65  565 565 HOH HOH A . 
B 2 HOH 66  566 566 HOH HOH A . 
B 2 HOH 67  567 567 HOH HOH A . 
B 2 HOH 68  568 568 HOH HOH A . 
B 2 HOH 69  569 569 HOH HOH A . 
B 2 HOH 70  570 570 HOH HOH A . 
B 2 HOH 71  571 571 HOH HOH A . 
B 2 HOH 72  572 572 HOH HOH A . 
B 2 HOH 73  573 573 HOH HOH A . 
B 2 HOH 74  574 574 HOH HOH A . 
B 2 HOH 75  575 575 HOH HOH A . 
B 2 HOH 76  576 576 HOH HOH A . 
B 2 HOH 77  577 577 HOH HOH A . 
B 2 HOH 78  578 578 HOH HOH A . 
B 2 HOH 79  579 579 HOH HOH A . 
B 2 HOH 80  580 580 HOH HOH A . 
B 2 HOH 81  581 581 HOH HOH A . 
B 2 HOH 82  582 582 HOH HOH A . 
B 2 HOH 83  583 583 HOH HOH A . 
B 2 HOH 84  584 584 HOH HOH A . 
B 2 HOH 85  585 585 HOH HOH A . 
B 2 HOH 86  586 586 HOH HOH A . 
B 2 HOH 87  587 587 HOH HOH A . 
B 2 HOH 88  588 588 HOH HOH A . 
B 2 HOH 89  589 589 HOH HOH A . 
B 2 HOH 90  590 590 HOH HOH A . 
B 2 HOH 91  591 591 HOH HOH A . 
B 2 HOH 92  592 592 HOH HOH A . 
B 2 HOH 93  593 593 HOH HOH A . 
B 2 HOH 94  594 594 HOH HOH A . 
B 2 HOH 95  595 595 HOH HOH A . 
B 2 HOH 96  596 596 HOH HOH A . 
B 2 HOH 97  597 597 HOH HOH A . 
B 2 HOH 98  598 598 HOH HOH A . 
B 2 HOH 99  599 599 HOH HOH A . 
B 2 HOH 100 600 600 HOH HOH A . 
B 2 HOH 101 601 601 HOH HOH A . 
B 2 HOH 102 602 602 HOH HOH A . 
B 2 HOH 103 603 603 HOH HOH A . 
B 2 HOH 104 604 604 HOH HOH A . 
B 2 HOH 105 605 605 HOH HOH A . 
B 2 HOH 106 606 606 HOH HOH A . 
B 2 HOH 107 607 607 HOH HOH A . 
B 2 HOH 108 608 608 HOH HOH A . 
B 2 HOH 109 609 609 HOH HOH A . 
B 2 HOH 110 610 610 HOH HOH A . 
B 2 HOH 111 611 611 HOH HOH A . 
B 2 HOH 112 612 612 HOH HOH A . 
B 2 HOH 113 613 613 HOH HOH A . 
B 2 HOH 114 614 614 HOH HOH A . 
B 2 HOH 115 615 615 HOH HOH A . 
B 2 HOH 116 616 616 HOH HOH A . 
B 2 HOH 117 617 617 HOH HOH A . 
B 2 HOH 118 618 618 HOH HOH A . 
B 2 HOH 119 619 619 HOH HOH A . 
B 2 HOH 120 620 620 HOH HOH A . 
B 2 HOH 121 621 621 HOH HOH A . 
B 2 HOH 122 622 622 HOH HOH A . 
B 2 HOH 123 623 623 HOH HOH A . 
B 2 HOH 124 624 624 HOH HOH A . 
B 2 HOH 125 625 625 HOH HOH A . 
B 2 HOH 126 626 626 HOH HOH A . 
B 2 HOH 127 628 628 HOH HOH A . 
B 2 HOH 128 629 629 HOH HOH A . 
B 2 HOH 129 630 630 HOH HOH A . 
B 2 HOH 130 631 631 HOH HOH A . 
B 2 HOH 131 632 632 HOH HOH A . 
B 2 HOH 132 633 633 HOH HOH A . 
B 2 HOH 133 635 635 HOH HOH A . 
B 2 HOH 134 636 636 HOH HOH A . 
B 2 HOH 135 637 637 HOH HOH A . 
B 2 HOH 136 638 638 HOH HOH A . 
B 2 HOH 137 639 639 HOH HOH A . 
B 2 HOH 138 640 640 HOH HOH A . 
B 2 HOH 139 641 641 HOH HOH A . 
B 2 HOH 140 642 642 HOH HOH A . 
B 2 HOH 141 643 643 HOH HOH A . 
B 2 HOH 142 644 644 HOH HOH A . 
B 2 HOH 143 645 645 HOH HOH A . 
B 2 HOH 144 646 646 HOH HOH A . 
B 2 HOH 145 647 647 HOH HOH A . 
B 2 HOH 146 648 648 HOH HOH A . 
B 2 HOH 147 649 649 HOH HOH A . 
B 2 HOH 148 650 650 HOH HOH A . 
B 2 HOH 149 651 651 HOH HOH A . 
B 2 HOH 150 652 652 HOH HOH A . 
B 2 HOH 151 653 653 HOH HOH A . 
B 2 HOH 152 655 655 HOH HOH A . 
B 2 HOH 153 656 656 HOH HOH A . 
B 2 HOH 154 657 657 HOH HOH A . 
B 2 HOH 155 658 658 HOH HOH A . 
B 2 HOH 156 659 659 HOH HOH A . 
B 2 HOH 157 661 661 HOH HOH A . 
B 2 HOH 158 662 662 HOH HOH A . 
B 2 HOH 159 663 663 HOH HOH A . 
B 2 HOH 160 665 665 HOH HOH A . 
B 2 HOH 161 667 667 HOH HOH A . 
# 
loop_
_pdbx_unobs_or_zero_occ_atoms.id 
_pdbx_unobs_or_zero_occ_atoms.PDB_model_num 
_pdbx_unobs_or_zero_occ_atoms.polymer_flag 
_pdbx_unobs_or_zero_occ_atoms.occupancy_flag 
_pdbx_unobs_or_zero_occ_atoms.auth_asym_id 
_pdbx_unobs_or_zero_occ_atoms.auth_comp_id 
_pdbx_unobs_or_zero_occ_atoms.auth_seq_id 
_pdbx_unobs_or_zero_occ_atoms.PDB_ins_code 
_pdbx_unobs_or_zero_occ_atoms.auth_atom_id 
_pdbx_unobs_or_zero_occ_atoms.label_alt_id 
_pdbx_unobs_or_zero_occ_atoms.label_asym_id 
_pdbx_unobs_or_zero_occ_atoms.label_comp_id 
_pdbx_unobs_or_zero_occ_atoms.label_seq_id 
_pdbx_unobs_or_zero_occ_atoms.label_atom_id 
1 1 Y 1 A PRO 97 ? CA ? A PRO 114 CA 
2 1 Y 1 A PRO 97 ? C  ? A PRO 114 C  
3 1 Y 1 A PRO 97 ? O  ? A PRO 114 O  
4 1 Y 1 A PRO 97 ? CB ? A PRO 114 CB 
5 1 Y 1 A PRO 97 ? CG ? A PRO 114 CG 
6 1 Y 1 A PRO 97 ? CD ? A PRO 114 CD 
# 
loop_
_software.name 
_software.classification 
_software.version 
_software.citation_id 
_software.pdbx_ordinal 
REFMAC        refinement        5.2.0019 ? 1 
MAR345        'data collection' CCD      ? 2 
DENZO         'data reduction'  .        ? 3 
SCALEPACK     'data scaling'    .        ? 4 
Auto-Rickshaw phasing           .        ? 5 
# 
_cell.entry_id           3DML 
_cell.length_a           80.909 
_cell.length_b           80.909 
_cell.length_c           33.212 
_cell.angle_alpha        90.00 
_cell.angle_beta         90.00 
_cell.angle_gamma        120.00 
_cell.Z_PDB              6 
_cell.pdbx_unique_axis   ? 
_cell.length_a_esd       ? 
_cell.length_b_esd       ? 
_cell.length_c_esd       ? 
_cell.angle_alpha_esd    ? 
_cell.angle_beta_esd     ? 
_cell.angle_gamma_esd    ? 
# 
_symmetry.entry_id                         3DML 
_symmetry.space_group_name_H-M             'P 31 2 1' 
_symmetry.pdbx_full_space_group_name_H-M   ? 
_symmetry.cell_setting                     ? 
_symmetry.Int_Tables_number                152 
_symmetry.space_group_name_Hall            ? 
# 
_exptl.entry_id          3DML 
_exptl.method            'X-RAY DIFFRACTION' 
_exptl.crystals_number   1 
# 
_exptl_crystal.id                    1 
_exptl_crystal.density_meas          ? 
_exptl_crystal.density_Matthews      2.36 
_exptl_crystal.density_percent_sol   47.81 
_exptl_crystal.description           ? 
_exptl_crystal.F_000                 ? 
_exptl_crystal.preparation           ? 
# 
_exptl_crystal_grow.crystal_id      1 
_exptl_crystal_grow.method          'VAPOR DIFFUSION, HANGING DROP' 
_exptl_crystal_grow.temp            291 
_exptl_crystal_grow.temp_details    ? 
_exptl_crystal_grow.pH              5.4 
_exptl_crystal_grow.pdbx_details    
;0.1M citrate, 0.4M sodium phosphate, 0.4M potassium phosphate, 3% (w/v) glucose, pH 5.4, VAPOR DIFFUSION, HANGING DROP, temperature 291K
;
_exptl_crystal_grow.pdbx_pH_range   . 
# 
_diffrn.id                     1 
_diffrn.ambient_temp           100 
_diffrn.ambient_temp_details   ? 
_diffrn.crystal_id             1 
# 
_diffrn_detector.diffrn_id              1 
_diffrn_detector.detector               CCD 
_diffrn_detector.type                   'MARMOSAIC 225 mm CCD' 
_diffrn_detector.pdbx_collection_date   2006-09-22 
_diffrn_detector.details                mirrors 
# 
_diffrn_radiation.diffrn_id                        1 
_diffrn_radiation.wavelength_id                    1 
_diffrn_radiation.pdbx_monochromatic_or_laue_m_l   M 
_diffrn_radiation.monochromator                    'Double crystal Si[111]' 
_diffrn_radiation.pdbx_diffrn_protocol             MAD 
_diffrn_radiation.pdbx_scattering_type             x-ray 
# 
loop_
_diffrn_radiation_wavelength.id 
_diffrn_radiation_wavelength.wavelength 
_diffrn_radiation_wavelength.wt 
1 0.95369 1.0 
2 0.97833 1.0 
3 0.97838 1.0 
4 1.0332  1.0 
# 
_diffrn_source.diffrn_id                   1 
_diffrn_source.source                      SYNCHROTRON 
_diffrn_source.type                        'EMBL/DESY, HAMBURG BEAMLINE X12' 
_diffrn_source.pdbx_synchrotron_site       'EMBL/DESY, HAMBURG' 
_diffrn_source.pdbx_synchrotron_beamline   X12 
_diffrn_source.pdbx_wavelength             ? 
_diffrn_source.pdbx_wavelength_list        '0.95369, 0.97833, 0.97838, 1.0332' 
# 
_reflns.entry_id                     3DML 
_reflns.observed_criterion_sigma_F   ? 
_reflns.observed_criterion_sigma_I   ? 
_reflns.d_resolution_high            1.9 
_reflns.d_resolution_low             20.71 
_reflns.number_all                   10064 
_reflns.number_obs                   9998 
_reflns.percent_possible_obs         99.3 
_reflns.pdbx_Rmerge_I_obs            0.083 
_reflns.pdbx_Rsym_value              0.083 
_reflns.pdbx_netI_over_sigmaI        30.87 
_reflns.B_iso_Wilson_estimate        18.37 
_reflns.pdbx_redundancy              6.3 
_reflns.R_free_details               ? 
_reflns.limit_h_max                  ? 
_reflns.limit_h_min                  ? 
_reflns.limit_k_max                  ? 
_reflns.limit_k_min                  ? 
_reflns.limit_l_max                  ? 
_reflns.limit_l_min                  ? 
_reflns.observed_criterion_F_max     ? 
_reflns.observed_criterion_F_min     ? 
_reflns.pdbx_chi_squared             ? 
_reflns.pdbx_scaling_rejects         ? 
_reflns.pdbx_diffrn_id               1 
_reflns.pdbx_ordinal                 1 
# 
_reflns_shell.d_res_high             1.90 
_reflns_shell.d_res_low              1.94 
_reflns_shell.percent_possible_all   97.9 
_reflns_shell.Rmerge_I_obs           0.447 
_reflns_shell.pdbx_Rsym_value        0.447 
_reflns_shell.meanI_over_sigI_obs    6.36 
_reflns_shell.pdbx_redundancy        5.1 
_reflns_shell.percent_possible_obs   ? 
_reflns_shell.number_unique_all      662 
_reflns_shell.number_measured_all    ? 
_reflns_shell.number_measured_obs    ? 
_reflns_shell.number_unique_obs      ? 
_reflns_shell.pdbx_chi_squared       ? 
_reflns_shell.pdbx_diffrn_id         ? 
_reflns_shell.pdbx_ordinal           1 
# 
_refine.entry_id                                 3DML 
_refine.ls_number_reflns_obs                     9530 
_refine.ls_number_reflns_all                     9557 
_refine.pdbx_ls_sigma_I                          ? 
_refine.pdbx_ls_sigma_F                          ? 
_refine.pdbx_data_cutoff_high_absF               ? 
_refine.pdbx_data_cutoff_low_absF                ? 
_refine.pdbx_data_cutoff_high_rms_absF           ? 
_refine.ls_d_res_low                             20.71 
_refine.ls_d_res_high                            1.90 
_refine.ls_percent_reflns_obs                    99.72 
_refine.ls_R_factor_obs                          0.15668 
_refine.ls_R_factor_all                          0.15668 
_refine.ls_R_factor_R_work                       0.1544 
_refine.ls_R_factor_R_free                       0.20124 
_refine.ls_R_factor_R_free_error                 ? 
_refine.ls_R_factor_R_free_error_details         ? 
_refine.ls_percent_reflns_R_free                 4.8 
_refine.ls_number_reflns_R_free                  480 
_refine.ls_number_parameters                     ? 
_refine.ls_number_restraints                     ? 
_refine.occupancy_min                            ? 
_refine.occupancy_max                            ? 
_refine.correlation_coeff_Fo_to_Fc               0.966 
_refine.correlation_coeff_Fo_to_Fc_free          0.951 
_refine.B_iso_mean                               22.168 
_refine.aniso_B[1][1]                            0.30 
_refine.aniso_B[2][2]                            0.30 
_refine.aniso_B[3][3]                            -0.45 
_refine.aniso_B[1][2]                            0.15 
_refine.aniso_B[1][3]                            0.00 
_refine.aniso_B[2][3]                            0.00 
_refine.solvent_model_details                    MASK 
_refine.solvent_model_param_ksol                 ? 
_refine.solvent_model_param_bsol                 ? 
_refine.pdbx_solvent_vdw_probe_radii             1.40 
_refine.pdbx_solvent_ion_probe_radii             0.80 
_refine.pdbx_solvent_shrinkage_radii             0.80 
_refine.pdbx_ls_cross_valid_method               THROUGHOUT 
_refine.details                                  'HYDROGENS HAVE BEEN ADDED IN THE RIDING POSITIONS' 
_refine.pdbx_starting_model                      ? 
_refine.pdbx_method_to_determine_struct          MAD 
_refine.pdbx_isotropic_thermal_model             ? 
_refine.pdbx_stereochemistry_target_values       'MAXIMUM LIKELIHOOD' 
_refine.pdbx_stereochem_target_val_spec_case     ? 
_refine.pdbx_R_Free_selection_details            RANDOM 
_refine.pdbx_overall_ESU_R                       0.123 
_refine.pdbx_overall_ESU_R_Free                  0.124 
_refine.overall_SU_ML                            0.085 
_refine.overall_SU_B                             2.867 
_refine.ls_redundancy_reflns_obs                 ? 
_refine.B_iso_min                                ? 
_refine.B_iso_max                                ? 
_refine.overall_SU_R_Cruickshank_DPI             ? 
_refine.overall_SU_R_free                        ? 
_refine.ls_wR_factor_R_free                      ? 
_refine.ls_wR_factor_R_work                      ? 
_refine.overall_FOM_free_R_set                   ? 
_refine.overall_FOM_work_R_set                   ? 
_refine.pdbx_overall_phase_error                 ? 
_refine.pdbx_refine_id                           'X-RAY DIFFRACTION' 
_refine.pdbx_diffrn_id                           1 
_refine.pdbx_TLS_residual_ADP_flag               ? 
_refine.pdbx_overall_SU_R_free_Cruickshank_DPI   ? 
_refine.pdbx_overall_SU_R_Blow_DPI               ? 
_refine.pdbx_overall_SU_R_free_Blow_DPI          ? 
# 
_refine_analyze.entry_id                        3DML 
_refine_analyze.Luzzati_coordinate_error_obs    ? 
_refine_analyze.Luzzati_sigma_a_obs             ? 
_refine_analyze.Luzzati_d_res_low_obs           ? 
_refine_analyze.Luzzati_coordinate_error_free   0.124 
_refine_analyze.Luzzati_sigma_a_free            ? 
_refine_analyze.Luzzati_d_res_low_free          ? 
_refine_analyze.number_disordered_residues      ? 
_refine_analyze.occupancy_sum_non_hydrogen      ? 
_refine_analyze.occupancy_sum_hydrogen          ? 
_refine_analyze.pdbx_Luzzati_d_res_high_obs     ? 
_refine_analyze.pdbx_refine_id                  'X-RAY DIFFRACTION' 
# 
_refine_hist.pdbx_refine_id                   'X-RAY DIFFRACTION' 
_refine_hist.cycle_id                         LAST 
_refine_hist.pdbx_number_atoms_protein        799 
_refine_hist.pdbx_number_atoms_nucleic_acid   0 
_refine_hist.pdbx_number_atoms_ligand         0 
_refine_hist.number_atoms_solvent             162 
_refine_hist.number_atoms_total               961 
_refine_hist.d_res_high                       1.90 
_refine_hist.d_res_low                        20.71 
# 
loop_
_refine_ls_restr.type 
_refine_ls_restr.dev_ideal 
_refine_ls_restr.dev_ideal_target 
_refine_ls_restr.weight 
_refine_ls_restr.number 
_refine_ls_restr.pdbx_refine_id 
_refine_ls_restr.pdbx_restraint_function 
r_bond_refined_d             0.012  0.022  ? 829  'X-RAY DIFFRACTION' ? 
r_bond_other_d               ?      ?      ? ?    'X-RAY DIFFRACTION' ? 
r_angle_refined_deg          1.512  2.004  ? 1141 'X-RAY DIFFRACTION' ? 
r_angle_other_deg            ?      ?      ? ?    'X-RAY DIFFRACTION' ? 
r_dihedral_angle_1_deg       5.667  5.000  ? 110  'X-RAY DIFFRACTION' ? 
r_dihedral_angle_2_deg       33.723 23.171 ? 41   'X-RAY DIFFRACTION' ? 
r_dihedral_angle_3_deg       15.954 15.000 ? 138  'X-RAY DIFFRACTION' ? 
r_dihedral_angle_4_deg       19.553 15.000 ? 9    'X-RAY DIFFRACTION' ? 
r_chiral_restr               0.098  0.200  ? 120  'X-RAY DIFFRACTION' ? 
r_gen_planes_refined         0.006  0.020  ? 668  'X-RAY DIFFRACTION' ? 
r_gen_planes_other           ?      ?      ? ?    'X-RAY DIFFRACTION' ? 
r_nbd_refined                0.225  0.200  ? 400  'X-RAY DIFFRACTION' ? 
r_nbd_other                  ?      ?      ? ?    'X-RAY DIFFRACTION' ? 
r_nbtor_refined              0.320  0.200  ? 553  'X-RAY DIFFRACTION' ? 
r_nbtor_other                ?      ?      ? ?    'X-RAY DIFFRACTION' ? 
r_xyhbond_nbd_refined        0.192  0.200  ? 114  'X-RAY DIFFRACTION' ? 
r_xyhbond_nbd_other          ?      ?      ? ?    'X-RAY DIFFRACTION' ? 
r_metal_ion_refined          ?      ?      ? ?    'X-RAY DIFFRACTION' ? 
r_metal_ion_other            ?      ?      ? ?    'X-RAY DIFFRACTION' ? 
r_symmetry_vdw_refined       0.216  0.200  ? 45   'X-RAY DIFFRACTION' ? 
r_symmetry_vdw_other         ?      ?      ? ?    'X-RAY DIFFRACTION' ? 
r_symmetry_hbond_refined     0.214  0.200  ? 21   'X-RAY DIFFRACTION' ? 
r_symmetry_hbond_other       ?      ?      ? ?    'X-RAY DIFFRACTION' ? 
r_symmetry_metal_ion_refined ?      ?      ? ?    'X-RAY DIFFRACTION' ? 
r_symmetry_metal_ion_other   ?      ?      ? ?    'X-RAY DIFFRACTION' ? 
r_mcbond_it                  1.659  1.500  ? 520  'X-RAY DIFFRACTION' ? 
r_mcbond_other               ?      ?      ? ?    'X-RAY DIFFRACTION' ? 
r_mcangle_it                 1.738  2.000  ? 818  'X-RAY DIFFRACTION' ? 
r_scbond_it                  2.847  3.000  ? 358  'X-RAY DIFFRACTION' ? 
r_scangle_it                 4.157  4.500  ? 315  'X-RAY DIFFRACTION' ? 
r_rigid_bond_restr           ?      ?      ? ?    'X-RAY DIFFRACTION' ? 
r_sphericity_free            ?      ?      ? ?    'X-RAY DIFFRACTION' ? 
r_sphericity_bonded          ?      ?      ? ?    'X-RAY DIFFRACTION' ? 
# 
_refine_ls_shell.pdbx_total_number_of_bins_used   20 
_refine_ls_shell.d_res_high                       1.902 
_refine_ls_shell.d_res_low                        1.951 
_refine_ls_shell.number_reflns_R_work             684 
_refine_ls_shell.R_factor_R_work                  0.199 
_refine_ls_shell.percent_reflns_obs               97.28 
_refine_ls_shell.R_factor_R_free                  0.234 
_refine_ls_shell.R_factor_R_free_error            ? 
_refine_ls_shell.percent_reflns_R_free            ? 
_refine_ls_shell.number_reflns_R_free             32 
_refine_ls_shell.number_reflns_all                ? 
_refine_ls_shell.R_factor_all                     ? 
_refine_ls_shell.number_reflns_obs                684 
_refine_ls_shell.redundancy_reflns_obs            ? 
_refine_ls_shell.pdbx_refine_id                   'X-RAY DIFFRACTION' 
# 
_struct.entry_id                  3DML 
_struct.title                     
'Crystal structure of the periplasmic thioredoxin SoxS from Paracoccus pantotrophus (reduced form)' 
_struct.pdbx_model_details        ? 
_struct.pdbx_CASP_flag            ? 
_struct.pdbx_model_type_details   ? 
# 
_struct_keywords.entry_id        3DML 
_struct_keywords.pdbx_keywords   OXIDOREDUCTASE 
_struct_keywords.text            'thioredoxin, oxidoreductase, sulfur oxidation, thiol-disulfide oxidoreductase' 
# 
loop_
_struct_asym.id 
_struct_asym.pdbx_blank_PDB_chainid_flag 
_struct_asym.pdbx_modified 
_struct_asym.entity_id 
_struct_asym.details 
A N N 1 ? 
B N N 2 ? 
# 
_struct_ref.id                         1 
_struct_ref.db_name                    UNP 
_struct_ref.db_code                    Q8KM22_PARDE 
_struct_ref.pdbx_db_accession          Q8KM22 
_struct_ref.entity_id                  1 
_struct_ref.pdbx_seq_one_letter_code   
;AELRLLMFEQPGCLYCARWDAEIAPQYPLTDEGRAAPVQRLQMRDPLPPGLELARPVTFTPTFVLMAGDVESGRLEGYPG
EDFFWPMLARLIGQAEPGQ
;
_struct_ref.pdbx_align_begin           32 
_struct_ref.pdbx_db_isoform            ? 
# 
_struct_ref_seq.align_id                      1 
_struct_ref_seq.ref_id                        1 
_struct_ref_seq.pdbx_PDB_id_code              3DML 
_struct_ref_seq.pdbx_strand_id                A 
_struct_ref_seq.seq_align_beg                 18 
_struct_ref_seq.pdbx_seq_align_beg_ins_code   ? 
_struct_ref_seq.seq_align_end                 116 
_struct_ref_seq.pdbx_seq_align_end_ins_code   ? 
_struct_ref_seq.pdbx_db_accession             Q8KM22 
_struct_ref_seq.db_align_beg                  32 
_struct_ref_seq.pdbx_db_align_beg_ins_code    ? 
_struct_ref_seq.db_align_end                  130 
_struct_ref_seq.pdbx_db_align_end_ins_code    ? 
_struct_ref_seq.pdbx_auth_seq_align_beg       1 
_struct_ref_seq.pdbx_auth_seq_align_end       99 
# 
loop_
_struct_ref_seq_dif.align_id 
_struct_ref_seq_dif.pdbx_pdb_id_code 
_struct_ref_seq_dif.mon_id 
_struct_ref_seq_dif.pdbx_pdb_strand_id 
_struct_ref_seq_dif.seq_num 
_struct_ref_seq_dif.pdbx_pdb_ins_code 
_struct_ref_seq_dif.pdbx_seq_db_name 
_struct_ref_seq_dif.pdbx_seq_db_accession_code 
_struct_ref_seq_dif.db_mon_id 
_struct_ref_seq_dif.pdbx_seq_db_seq_num 
_struct_ref_seq_dif.details 
_struct_ref_seq_dif.pdbx_auth_seq_num 
_struct_ref_seq_dif.pdbx_ordinal 
1 3DML MSE A 1  ? UNP Q8KM22 ? ? 'expression tag' -16 1  
1 3DML ARG A 2  ? UNP Q8KM22 ? ? 'expression tag' -15 2  
1 3DML GLY A 3  ? UNP Q8KM22 ? ? 'expression tag' -14 3  
1 3DML SER A 4  ? UNP Q8KM22 ? ? 'expression tag' -13 4  
1 3DML HIS A 5  ? UNP Q8KM22 ? ? 'expression tag' -12 5  
1 3DML HIS A 6  ? UNP Q8KM22 ? ? 'expression tag' -11 6  
1 3DML HIS A 7  ? UNP Q8KM22 ? ? 'expression tag' -10 7  
1 3DML HIS A 8  ? UNP Q8KM22 ? ? 'expression tag' -9  8  
1 3DML HIS A 9  ? UNP Q8KM22 ? ? 'expression tag' -8  9  
1 3DML HIS A 10 ? UNP Q8KM22 ? ? 'expression tag' -7  10 
1 3DML GLY A 11 ? UNP Q8KM22 ? ? 'expression tag' -6  11 
1 3DML SER A 12 ? UNP Q8KM22 ? ? 'expression tag' -5  12 
1 3DML ASP A 13 ? UNP Q8KM22 ? ? 'expression tag' -4  13 
1 3DML ASP A 14 ? UNP Q8KM22 ? ? 'expression tag' -3  14 
1 3DML ASP A 15 ? UNP Q8KM22 ? ? 'expression tag' -2  15 
1 3DML ASP A 16 ? UNP Q8KM22 ? ? 'expression tag' -1  16 
1 3DML LYS A 17 ? UNP Q8KM22 ? ? 'expression tag' 0   17 
# 
_pdbx_struct_assembly.id                   1 
_pdbx_struct_assembly.details              author_and_software_defined_assembly 
_pdbx_struct_assembly.method_details       PISA 
_pdbx_struct_assembly.oligomeric_details   monomeric 
_pdbx_struct_assembly.oligomeric_count     1 
# 
_pdbx_struct_assembly_gen.assembly_id       1 
_pdbx_struct_assembly_gen.oper_expression   1 
_pdbx_struct_assembly_gen.asym_id_list      A,B 
# 
_pdbx_struct_oper_list.id                   1 
_pdbx_struct_oper_list.type                 'identity operation' 
_pdbx_struct_oper_list.name                 1_555 
_pdbx_struct_oper_list.symmetry_operation   x,y,z 
_pdbx_struct_oper_list.matrix[1][1]         1.0000000000 
_pdbx_struct_oper_list.matrix[1][2]         0.0000000000 
_pdbx_struct_oper_list.matrix[1][3]         0.0000000000 
_pdbx_struct_oper_list.vector[1]            0.0000000000 
_pdbx_struct_oper_list.matrix[2][1]         0.0000000000 
_pdbx_struct_oper_list.matrix[2][2]         1.0000000000 
_pdbx_struct_oper_list.matrix[2][3]         0.0000000000 
_pdbx_struct_oper_list.vector[2]            0.0000000000 
_pdbx_struct_oper_list.matrix[3][1]         0.0000000000 
_pdbx_struct_oper_list.matrix[3][2]         0.0000000000 
_pdbx_struct_oper_list.matrix[3][3]         1.0000000000 
_pdbx_struct_oper_list.vector[3]            0.0000000000 
# 
_struct_biol.id        1 
_struct_biol.details   ? 
# 
loop_
_struct_conf.conf_type_id 
_struct_conf.id 
_struct_conf.pdbx_PDB_helix_id 
_struct_conf.beg_label_comp_id 
_struct_conf.beg_label_asym_id 
_struct_conf.beg_label_seq_id 
_struct_conf.pdbx_beg_PDB_ins_code 
_struct_conf.end_label_comp_id 
_struct_conf.end_label_asym_id 
_struct_conf.end_label_seq_id 
_struct_conf.pdbx_end_PDB_ins_code 
_struct_conf.beg_auth_comp_id 
_struct_conf.beg_auth_asym_id 
_struct_conf.beg_auth_seq_id 
_struct_conf.end_auth_comp_id 
_struct_conf.end_auth_asym_id 
_struct_conf.end_auth_seq_id 
_struct_conf.pdbx_PDB_helix_class 
_struct_conf.details 
_struct_conf.pdbx_PDB_helix_length 
HELX_P HELX_P1 1 CYS A 30 ? ILE A 40  ? CYS A 13 ILE A 23 1 ? 11 
HELX_P HELX_P2 2 GLN A 43 ? LEU A 46  ? GLN A 26 LEU A 29 5 ? 4  
HELX_P HELX_P3 3 THR A 47 ? ALA A 53  ? THR A 30 ALA A 36 1 ? 7  
HELX_P HELX_P4 4 GLY A 97 ? GLU A 113 ? GLY A 80 GLU A 96 1 ? 17 
# 
_struct_conf_type.id          HELX_P 
_struct_conf_type.criteria    ? 
_struct_conf_type.reference   ? 
# 
loop_
_struct_conn.id 
_struct_conn.conn_type_id 
_struct_conn.pdbx_leaving_atom_flag 
_struct_conn.pdbx_PDB_id 
_struct_conn.ptnr1_label_asym_id 
_struct_conn.ptnr1_label_comp_id 
_struct_conn.ptnr1_label_seq_id 
_struct_conn.ptnr1_label_atom_id 
_struct_conn.pdbx_ptnr1_label_alt_id 
_struct_conn.pdbx_ptnr1_PDB_ins_code 
_struct_conn.pdbx_ptnr1_standard_comp_id 
_struct_conn.ptnr1_symmetry 
_struct_conn.ptnr2_label_asym_id 
_struct_conn.ptnr2_label_comp_id 
_struct_conn.ptnr2_label_seq_id 
_struct_conn.ptnr2_label_atom_id 
_struct_conn.pdbx_ptnr2_label_alt_id 
_struct_conn.pdbx_ptnr2_PDB_ins_code 
_struct_conn.ptnr1_auth_asym_id 
_struct_conn.ptnr1_auth_comp_id 
_struct_conn.ptnr1_auth_seq_id 
_struct_conn.ptnr2_auth_asym_id 
_struct_conn.ptnr2_auth_comp_id 
_struct_conn.ptnr2_auth_seq_id 
_struct_conn.ptnr2_symmetry 
_struct_conn.pdbx_ptnr3_label_atom_id 
_struct_conn.pdbx_ptnr3_label_seq_id 
_struct_conn.pdbx_ptnr3_label_comp_id 
_struct_conn.pdbx_ptnr3_label_asym_id 
_struct_conn.pdbx_ptnr3_label_alt_id 
_struct_conn.pdbx_ptnr3_PDB_ins_code 
_struct_conn.details 
_struct_conn.pdbx_dist_value 
_struct_conn.pdbx_value_order 
_struct_conn.pdbx_role 
covale1 covale both ? A LEU 23  C ? ? ? 1_555 A MSE 24  N ? ? A LEU 6  A MSE 7  1_555 ? ? ? ? ? ? ? 1.320 ? ? 
covale2 covale both ? A MSE 24  C ? ? ? 1_555 A PHE 25  N ? ? A MSE 7  A PHE 8  1_555 ? ? ? ? ? ? ? 1.330 ? ? 
covale3 covale both ? A GLN 59  C ? ? ? 1_555 A MSE 60  N ? ? A GLN 42 A MSE 43 1_555 ? ? ? ? ? ? ? 1.332 ? ? 
covale4 covale both ? A MSE 60  C ? ? ? 1_555 A ARG 61  N ? ? A MSE 43 A ARG 44 1_555 ? ? ? ? ? ? ? 1.331 ? ? 
covale5 covale both ? A LEU 82  C ? ? ? 1_555 A MSE 83  N ? ? A LEU 65 A MSE 66 1_555 ? ? ? ? ? ? ? 1.329 ? ? 
covale6 covale both ? A MSE 83  C ? ? ? 1_555 A ALA 84  N ? ? A MSE 66 A ALA 67 1_555 ? ? ? ? ? ? ? 1.324 ? ? 
covale7 covale both ? A PRO 103 C ? ? ? 1_555 A MSE 104 N ? ? A PRO 86 A MSE 87 1_555 ? ? ? ? ? ? ? 1.326 ? ? 
covale8 covale both ? A MSE 104 C ? ? ? 1_555 A LEU 105 N ? ? A MSE 87 A LEU 88 1_555 ? ? ? ? ? ? ? 1.332 ? ? 
# 
_struct_conn_type.id          covale 
_struct_conn_type.criteria    ? 
_struct_conn_type.reference   ? 
# 
loop_
_pdbx_modification_feature.ordinal 
_pdbx_modification_feature.label_comp_id 
_pdbx_modification_feature.label_asym_id 
_pdbx_modification_feature.label_seq_id 
_pdbx_modification_feature.label_alt_id 
_pdbx_modification_feature.modified_residue_label_comp_id 
_pdbx_modification_feature.modified_residue_label_asym_id 
_pdbx_modification_feature.modified_residue_label_seq_id 
_pdbx_modification_feature.modified_residue_label_alt_id 
_pdbx_modification_feature.auth_comp_id 
_pdbx_modification_feature.auth_asym_id 
_pdbx_modification_feature.auth_seq_id 
_pdbx_modification_feature.PDB_ins_code 
_pdbx_modification_feature.symmetry 
_pdbx_modification_feature.modified_residue_auth_comp_id 
_pdbx_modification_feature.modified_residue_auth_asym_id 
_pdbx_modification_feature.modified_residue_auth_seq_id 
_pdbx_modification_feature.modified_residue_PDB_ins_code 
_pdbx_modification_feature.modified_residue_symmetry 
_pdbx_modification_feature.comp_id_linking_atom 
_pdbx_modification_feature.modified_residue_id_linking_atom 
_pdbx_modification_feature.modified_residue_id 
_pdbx_modification_feature.ref_pcm_id 
_pdbx_modification_feature.ref_comp_id 
_pdbx_modification_feature.type 
_pdbx_modification_feature.category 
1 MSE A 24  ? . . . . MSE A 7  ? 1_555 . . . . . . . MET 1 MSE Selenomethionine 'Named protein modification' 
2 MSE A 60  ? . . . . MSE A 43 ? 1_555 . . . . . . . MET 1 MSE Selenomethionine 'Named protein modification' 
3 MSE A 83  ? . . . . MSE A 66 ? 1_555 . . . . . . . MET 1 MSE Selenomethionine 'Named protein modification' 
4 MSE A 104 ? . . . . MSE A 87 ? 1_555 . . . . . . . MET 1 MSE Selenomethionine 'Named protein modification' 
# 
_struct_mon_prot_cis.pdbx_id                1 
_struct_mon_prot_cis.label_comp_id          THR 
_struct_mon_prot_cis.label_seq_id           77 
_struct_mon_prot_cis.label_asym_id          A 
_struct_mon_prot_cis.label_alt_id           . 
_struct_mon_prot_cis.pdbx_PDB_ins_code      ? 
_struct_mon_prot_cis.auth_comp_id           THR 
_struct_mon_prot_cis.auth_seq_id            60 
_struct_mon_prot_cis.auth_asym_id           A 
_struct_mon_prot_cis.pdbx_label_comp_id_2   PRO 
_struct_mon_prot_cis.pdbx_label_seq_id_2    78 
_struct_mon_prot_cis.pdbx_label_asym_id_2   A 
_struct_mon_prot_cis.pdbx_PDB_ins_code_2    ? 
_struct_mon_prot_cis.pdbx_auth_comp_id_2    PRO 
_struct_mon_prot_cis.pdbx_auth_seq_id_2     61 
_struct_mon_prot_cis.pdbx_auth_asym_id_2    A 
_struct_mon_prot_cis.pdbx_PDB_model_num     1 
_struct_mon_prot_cis.pdbx_omega_angle       -1.15 
# 
_struct_sheet.id               A 
_struct_sheet.type             ? 
_struct_sheet.number_strands   4 
_struct_sheet.details          ? 
# 
loop_
_struct_sheet_order.sheet_id 
_struct_sheet_order.range_id_1 
_struct_sheet_order.range_id_2 
_struct_sheet_order.offset 
_struct_sheet_order.sense 
A 1 2 ? parallel      
A 2 3 ? anti-parallel 
A 3 4 ? anti-parallel 
# 
loop_
_struct_sheet_range.sheet_id 
_struct_sheet_range.id 
_struct_sheet_range.beg_label_comp_id 
_struct_sheet_range.beg_label_asym_id 
_struct_sheet_range.beg_label_seq_id 
_struct_sheet_range.pdbx_beg_PDB_ins_code 
_struct_sheet_range.end_label_comp_id 
_struct_sheet_range.end_label_asym_id 
_struct_sheet_range.end_label_seq_id 
_struct_sheet_range.pdbx_end_PDB_ins_code 
_struct_sheet_range.beg_auth_comp_id 
_struct_sheet_range.beg_auth_asym_id 
_struct_sheet_range.beg_auth_seq_id 
_struct_sheet_range.end_auth_comp_id 
_struct_sheet_range.end_auth_asym_id 
_struct_sheet_range.end_auth_seq_id 
A 1 VAL A 55 ? GLN A 59 ? VAL A 38 GLN A 42 
A 2 LEU A 20 ? GLU A 26 ? LEU A 3  GLU A 9  
A 3 THR A 79 ? ALA A 84 ? THR A 62 ALA A 67 
A 4 VAL A 87 ? GLU A 93 ? VAL A 70 GLU A 76 
# 
loop_
_pdbx_struct_sheet_hbond.sheet_id 
_pdbx_struct_sheet_hbond.range_id_1 
_pdbx_struct_sheet_hbond.range_id_2 
_pdbx_struct_sheet_hbond.range_1_label_atom_id 
_pdbx_struct_sheet_hbond.range_1_label_comp_id 
_pdbx_struct_sheet_hbond.range_1_label_asym_id 
_pdbx_struct_sheet_hbond.range_1_label_seq_id 
_pdbx_struct_sheet_hbond.range_1_PDB_ins_code 
_pdbx_struct_sheet_hbond.range_1_auth_atom_id 
_pdbx_struct_sheet_hbond.range_1_auth_comp_id 
_pdbx_struct_sheet_hbond.range_1_auth_asym_id 
_pdbx_struct_sheet_hbond.range_1_auth_seq_id 
_pdbx_struct_sheet_hbond.range_2_label_atom_id 
_pdbx_struct_sheet_hbond.range_2_label_comp_id 
_pdbx_struct_sheet_hbond.range_2_label_asym_id 
_pdbx_struct_sheet_hbond.range_2_label_seq_id 
_pdbx_struct_sheet_hbond.range_2_PDB_ins_code 
_pdbx_struct_sheet_hbond.range_2_auth_atom_id 
_pdbx_struct_sheet_hbond.range_2_auth_comp_id 
_pdbx_struct_sheet_hbond.range_2_auth_asym_id 
_pdbx_struct_sheet_hbond.range_2_auth_seq_id 
A 1 2 O GLN A 56 ? O GLN A 39 N MSE A 24 ? N MSE A 7  
A 2 3 N LEU A 23 ? N LEU A 6  O VAL A 81 ? O VAL A 64 
A 3 4 N LEU A 82 ? N LEU A 65 O SER A 89 ? O SER A 72 
# 
_pdbx_entry_details.entry_id                   3DML 
_pdbx_entry_details.compound_details           ? 
_pdbx_entry_details.source_details             ? 
_pdbx_entry_details.nonpolymer_details         ? 
_pdbx_entry_details.sequence_details           ? 
_pdbx_entry_details.has_ligand_of_interest     ? 
_pdbx_entry_details.has_protein_modification   Y 
# 
loop_
_pdbx_struct_mod_residue.id 
_pdbx_struct_mod_residue.label_asym_id 
_pdbx_struct_mod_residue.label_comp_id 
_pdbx_struct_mod_residue.label_seq_id 
_pdbx_struct_mod_residue.auth_asym_id 
_pdbx_struct_mod_residue.auth_comp_id 
_pdbx_struct_mod_residue.auth_seq_id 
_pdbx_struct_mod_residue.PDB_ins_code 
_pdbx_struct_mod_residue.parent_comp_id 
_pdbx_struct_mod_residue.details 
1 A MSE 24  A MSE 7  ? MET SELENOMETHIONINE 
2 A MSE 60  A MSE 43 ? MET SELENOMETHIONINE 
3 A MSE 83  A MSE 66 ? MET SELENOMETHIONINE 
4 A MSE 104 A MSE 87 ? MET SELENOMETHIONINE 
# 
loop_
_pdbx_struct_special_symmetry.id 
_pdbx_struct_special_symmetry.PDB_model_num 
_pdbx_struct_special_symmetry.auth_asym_id 
_pdbx_struct_special_symmetry.auth_comp_id 
_pdbx_struct_special_symmetry.auth_seq_id 
_pdbx_struct_special_symmetry.PDB_ins_code 
_pdbx_struct_special_symmetry.label_asym_id 
_pdbx_struct_special_symmetry.label_comp_id 
_pdbx_struct_special_symmetry.label_seq_id 
1 1 A HOH 505 ? B HOH . 
2 1 A HOH 515 ? B HOH . 
3 1 A HOH 603 ? B HOH . 
4 1 A HOH 655 ? B HOH . 
# 
loop_
_pdbx_unobs_or_zero_occ_residues.id 
_pdbx_unobs_or_zero_occ_residues.PDB_model_num 
_pdbx_unobs_or_zero_occ_residues.polymer_flag 
_pdbx_unobs_or_zero_occ_residues.occupancy_flag 
_pdbx_unobs_or_zero_occ_residues.auth_asym_id 
_pdbx_unobs_or_zero_occ_residues.auth_comp_id 
_pdbx_unobs_or_zero_occ_residues.auth_seq_id 
_pdbx_unobs_or_zero_occ_residues.PDB_ins_code 
_pdbx_unobs_or_zero_occ_residues.label_asym_id 
_pdbx_unobs_or_zero_occ_residues.label_comp_id 
_pdbx_unobs_or_zero_occ_residues.label_seq_id 
1  1 Y 1 A MSE -16 ? A MSE 1   
2  1 Y 1 A ARG -15 ? A ARG 2   
3  1 Y 1 A GLY -14 ? A GLY 3   
4  1 Y 1 A SER -13 ? A SER 4   
5  1 Y 1 A HIS -12 ? A HIS 5   
6  1 Y 1 A HIS -11 ? A HIS 6   
7  1 Y 1 A HIS -10 ? A HIS 7   
8  1 Y 1 A HIS -9  ? A HIS 8   
9  1 Y 1 A HIS -8  ? A HIS 9   
10 1 Y 1 A HIS -7  ? A HIS 10  
11 1 Y 1 A GLY -6  ? A GLY 11  
12 1 Y 1 A SER -5  ? A SER 12  
13 1 Y 1 A ASP -4  ? A ASP 13  
14 1 Y 1 A ASP -3  ? A ASP 14  
15 1 Y 1 A ASP -2  ? A ASP 15  
16 1 Y 1 A ASP -1  ? A ASP 16  
17 1 Y 1 A LYS 0   ? A LYS 17  
18 1 Y 1 A ALA 1   ? A ALA 18  
19 1 Y 1 A GLY 98  ? A GLY 115 
20 1 Y 1 A GLN 99  ? A GLN 116 
# 
loop_
_chem_comp_atom.comp_id 
_chem_comp_atom.atom_id 
_chem_comp_atom.type_symbol 
_chem_comp_atom.pdbx_aromatic_flag 
_chem_comp_atom.pdbx_stereo_config 
_chem_comp_atom.pdbx_ordinal 
ALA N    N  N N 1   
ALA CA   C  N S 2   
ALA C    C  N N 3   
ALA O    O  N N 4   
ALA CB   C  N N 5   
ALA OXT  O  N N 6   
ALA H    H  N N 7   
ALA H2   H  N N 8   
ALA HA   H  N N 9   
ALA HB1  H  N N 10  
ALA HB2  H  N N 11  
ALA HB3  H  N N 12  
ALA HXT  H  N N 13  
ARG N    N  N N 14  
ARG CA   C  N S 15  
ARG C    C  N N 16  
ARG O    O  N N 17  
ARG CB   C  N N 18  
ARG CG   C  N N 19  
ARG CD   C  N N 20  
ARG NE   N  N N 21  
ARG CZ   C  N N 22  
ARG NH1  N  N N 23  
ARG NH2  N  N N 24  
ARG OXT  O  N N 25  
ARG H    H  N N 26  
ARG H2   H  N N 27  
ARG HA   H  N N 28  
ARG HB2  H  N N 29  
ARG HB3  H  N N 30  
ARG HG2  H  N N 31  
ARG HG3  H  N N 32  
ARG HD2  H  N N 33  
ARG HD3  H  N N 34  
ARG HE   H  N N 35  
ARG HH11 H  N N 36  
ARG HH12 H  N N 37  
ARG HH21 H  N N 38  
ARG HH22 H  N N 39  
ARG HXT  H  N N 40  
ASP N    N  N N 41  
ASP CA   C  N S 42  
ASP C    C  N N 43  
ASP O    O  N N 44  
ASP CB   C  N N 45  
ASP CG   C  N N 46  
ASP OD1  O  N N 47  
ASP OD2  O  N N 48  
ASP OXT  O  N N 49  
ASP H    H  N N 50  
ASP H2   H  N N 51  
ASP HA   H  N N 52  
ASP HB2  H  N N 53  
ASP HB3  H  N N 54  
ASP HD2  H  N N 55  
ASP HXT  H  N N 56  
CYS N    N  N N 57  
CYS CA   C  N R 58  
CYS C    C  N N 59  
CYS O    O  N N 60  
CYS CB   C  N N 61  
CYS SG   S  N N 62  
CYS OXT  O  N N 63  
CYS H    H  N N 64  
CYS H2   H  N N 65  
CYS HA   H  N N 66  
CYS HB2  H  N N 67  
CYS HB3  H  N N 68  
CYS HG   H  N N 69  
CYS HXT  H  N N 70  
GLN N    N  N N 71  
GLN CA   C  N S 72  
GLN C    C  N N 73  
GLN O    O  N N 74  
GLN CB   C  N N 75  
GLN CG   C  N N 76  
GLN CD   C  N N 77  
GLN OE1  O  N N 78  
GLN NE2  N  N N 79  
GLN OXT  O  N N 80  
GLN H    H  N N 81  
GLN H2   H  N N 82  
GLN HA   H  N N 83  
GLN HB2  H  N N 84  
GLN HB3  H  N N 85  
GLN HG2  H  N N 86  
GLN HG3  H  N N 87  
GLN HE21 H  N N 88  
GLN HE22 H  N N 89  
GLN HXT  H  N N 90  
GLU N    N  N N 91  
GLU CA   C  N S 92  
GLU C    C  N N 93  
GLU O    O  N N 94  
GLU CB   C  N N 95  
GLU CG   C  N N 96  
GLU CD   C  N N 97  
GLU OE1  O  N N 98  
GLU OE2  O  N N 99  
GLU OXT  O  N N 100 
GLU H    H  N N 101 
GLU H2   H  N N 102 
GLU HA   H  N N 103 
GLU HB2  H  N N 104 
GLU HB3  H  N N 105 
GLU HG2  H  N N 106 
GLU HG3  H  N N 107 
GLU HE2  H  N N 108 
GLU HXT  H  N N 109 
GLY N    N  N N 110 
GLY CA   C  N N 111 
GLY C    C  N N 112 
GLY O    O  N N 113 
GLY OXT  O  N N 114 
GLY H    H  N N 115 
GLY H2   H  N N 116 
GLY HA2  H  N N 117 
GLY HA3  H  N N 118 
GLY HXT  H  N N 119 
HIS N    N  N N 120 
HIS CA   C  N S 121 
HIS C    C  N N 122 
HIS O    O  N N 123 
HIS CB   C  N N 124 
HIS CG   C  Y N 125 
HIS ND1  N  Y N 126 
HIS CD2  C  Y N 127 
HIS CE1  C  Y N 128 
HIS NE2  N  Y N 129 
HIS OXT  O  N N 130 
HIS H    H  N N 131 
HIS H2   H  N N 132 
HIS HA   H  N N 133 
HIS HB2  H  N N 134 
HIS HB3  H  N N 135 
HIS HD1  H  N N 136 
HIS HD2  H  N N 137 
HIS HE1  H  N N 138 
HIS HE2  H  N N 139 
HIS HXT  H  N N 140 
HOH O    O  N N 141 
HOH H1   H  N N 142 
HOH H2   H  N N 143 
ILE N    N  N N 144 
ILE CA   C  N S 145 
ILE C    C  N N 146 
ILE O    O  N N 147 
ILE CB   C  N S 148 
ILE CG1  C  N N 149 
ILE CG2  C  N N 150 
ILE CD1  C  N N 151 
ILE OXT  O  N N 152 
ILE H    H  N N 153 
ILE H2   H  N N 154 
ILE HA   H  N N 155 
ILE HB   H  N N 156 
ILE HG12 H  N N 157 
ILE HG13 H  N N 158 
ILE HG21 H  N N 159 
ILE HG22 H  N N 160 
ILE HG23 H  N N 161 
ILE HD11 H  N N 162 
ILE HD12 H  N N 163 
ILE HD13 H  N N 164 
ILE HXT  H  N N 165 
LEU N    N  N N 166 
LEU CA   C  N S 167 
LEU C    C  N N 168 
LEU O    O  N N 169 
LEU CB   C  N N 170 
LEU CG   C  N N 171 
LEU CD1  C  N N 172 
LEU CD2  C  N N 173 
LEU OXT  O  N N 174 
LEU H    H  N N 175 
LEU H2   H  N N 176 
LEU HA   H  N N 177 
LEU HB2  H  N N 178 
LEU HB3  H  N N 179 
LEU HG   H  N N 180 
LEU HD11 H  N N 181 
LEU HD12 H  N N 182 
LEU HD13 H  N N 183 
LEU HD21 H  N N 184 
LEU HD22 H  N N 185 
LEU HD23 H  N N 186 
LEU HXT  H  N N 187 
LYS N    N  N N 188 
LYS CA   C  N S 189 
LYS C    C  N N 190 
LYS O    O  N N 191 
LYS CB   C  N N 192 
LYS CG   C  N N 193 
LYS CD   C  N N 194 
LYS CE   C  N N 195 
LYS NZ   N  N N 196 
LYS OXT  O  N N 197 
LYS H    H  N N 198 
LYS H2   H  N N 199 
LYS HA   H  N N 200 
LYS HB2  H  N N 201 
LYS HB3  H  N N 202 
LYS HG2  H  N N 203 
LYS HG3  H  N N 204 
LYS HD2  H  N N 205 
LYS HD3  H  N N 206 
LYS HE2  H  N N 207 
LYS HE3  H  N N 208 
LYS HZ1  H  N N 209 
LYS HZ2  H  N N 210 
LYS HZ3  H  N N 211 
LYS HXT  H  N N 212 
MSE N    N  N N 213 
MSE CA   C  N S 214 
MSE C    C  N N 215 
MSE O    O  N N 216 
MSE OXT  O  N N 217 
MSE CB   C  N N 218 
MSE CG   C  N N 219 
MSE SE   SE N N 220 
MSE CE   C  N N 221 
MSE H    H  N N 222 
MSE H2   H  N N 223 
MSE HA   H  N N 224 
MSE HXT  H  N N 225 
MSE HB2  H  N N 226 
MSE HB3  H  N N 227 
MSE HG2  H  N N 228 
MSE HG3  H  N N 229 
MSE HE1  H  N N 230 
MSE HE2  H  N N 231 
MSE HE3  H  N N 232 
PHE N    N  N N 233 
PHE CA   C  N S 234 
PHE C    C  N N 235 
PHE O    O  N N 236 
PHE CB   C  N N 237 
PHE CG   C  Y N 238 
PHE CD1  C  Y N 239 
PHE CD2  C  Y N 240 
PHE CE1  C  Y N 241 
PHE CE2  C  Y N 242 
PHE CZ   C  Y N 243 
PHE OXT  O  N N 244 
PHE H    H  N N 245 
PHE H2   H  N N 246 
PHE HA   H  N N 247 
PHE HB2  H  N N 248 
PHE HB3  H  N N 249 
PHE HD1  H  N N 250 
PHE HD2  H  N N 251 
PHE HE1  H  N N 252 
PHE HE2  H  N N 253 
PHE HZ   H  N N 254 
PHE HXT  H  N N 255 
PRO N    N  N N 256 
PRO CA   C  N S 257 
PRO C    C  N N 258 
PRO O    O  N N 259 
PRO CB   C  N N 260 
PRO CG   C  N N 261 
PRO CD   C  N N 262 
PRO OXT  O  N N 263 
PRO H    H  N N 264 
PRO HA   H  N N 265 
PRO HB2  H  N N 266 
PRO HB3  H  N N 267 
PRO HG2  H  N N 268 
PRO HG3  H  N N 269 
PRO HD2  H  N N 270 
PRO HD3  H  N N 271 
PRO HXT  H  N N 272 
SER N    N  N N 273 
SER CA   C  N S 274 
SER C    C  N N 275 
SER O    O  N N 276 
SER CB   C  N N 277 
SER OG   O  N N 278 
SER OXT  O  N N 279 
SER H    H  N N 280 
SER H2   H  N N 281 
SER HA   H  N N 282 
SER HB2  H  N N 283 
SER HB3  H  N N 284 
SER HG   H  N N 285 
SER HXT  H  N N 286 
THR N    N  N N 287 
THR CA   C  N S 288 
THR C    C  N N 289 
THR O    O  N N 290 
THR CB   C  N R 291 
THR OG1  O  N N 292 
THR CG2  C  N N 293 
THR OXT  O  N N 294 
THR H    H  N N 295 
THR H2   H  N N 296 
THR HA   H  N N 297 
THR HB   H  N N 298 
THR HG1  H  N N 299 
THR HG21 H  N N 300 
THR HG22 H  N N 301 
THR HG23 H  N N 302 
THR HXT  H  N N 303 
TRP N    N  N N 304 
TRP CA   C  N S 305 
TRP C    C  N N 306 
TRP O    O  N N 307 
TRP CB   C  N N 308 
TRP CG   C  Y N 309 
TRP CD1  C  Y N 310 
TRP CD2  C  Y N 311 
TRP NE1  N  Y N 312 
TRP CE2  C  Y N 313 
TRP CE3  C  Y N 314 
TRP CZ2  C  Y N 315 
TRP CZ3  C  Y N 316 
TRP CH2  C  Y N 317 
TRP OXT  O  N N 318 
TRP H    H  N N 319 
TRP H2   H  N N 320 
TRP HA   H  N N 321 
TRP HB2  H  N N 322 
TRP HB3  H  N N 323 
TRP HD1  H  N N 324 
TRP HE1  H  N N 325 
TRP HE3  H  N N 326 
TRP HZ2  H  N N 327 
TRP HZ3  H  N N 328 
TRP HH2  H  N N 329 
TRP HXT  H  N N 330 
TYR N    N  N N 331 
TYR CA   C  N S 332 
TYR C    C  N N 333 
TYR O    O  N N 334 
TYR CB   C  N N 335 
TYR CG   C  Y N 336 
TYR CD1  C  Y N 337 
TYR CD2  C  Y N 338 
TYR CE1  C  Y N 339 
TYR CE2  C  Y N 340 
TYR CZ   C  Y N 341 
TYR OH   O  N N 342 
TYR OXT  O  N N 343 
TYR H    H  N N 344 
TYR H2   H  N N 345 
TYR HA   H  N N 346 
TYR HB2  H  N N 347 
TYR HB3  H  N N 348 
TYR HD1  H  N N 349 
TYR HD2  H  N N 350 
TYR HE1  H  N N 351 
TYR HE2  H  N N 352 
TYR HH   H  N N 353 
TYR HXT  H  N N 354 
VAL N    N  N N 355 
VAL CA   C  N S 356 
VAL C    C  N N 357 
VAL O    O  N N 358 
VAL CB   C  N N 359 
VAL CG1  C  N N 360 
VAL CG2  C  N N 361 
VAL OXT  O  N N 362 
VAL H    H  N N 363 
VAL H2   H  N N 364 
VAL HA   H  N N 365 
VAL HB   H  N N 366 
VAL HG11 H  N N 367 
VAL HG12 H  N N 368 
VAL HG13 H  N N 369 
VAL HG21 H  N N 370 
VAL HG22 H  N N 371 
VAL HG23 H  N N 372 
VAL HXT  H  N N 373 
# 
loop_
_chem_comp_bond.comp_id 
_chem_comp_bond.atom_id_1 
_chem_comp_bond.atom_id_2 
_chem_comp_bond.value_order 
_chem_comp_bond.pdbx_aromatic_flag 
_chem_comp_bond.pdbx_stereo_config 
_chem_comp_bond.pdbx_ordinal 
ALA N   CA   sing N N 1   
ALA N   H    sing N N 2   
ALA N   H2   sing N N 3   
ALA CA  C    sing N N 4   
ALA CA  CB   sing N N 5   
ALA CA  HA   sing N N 6   
ALA C   O    doub N N 7   
ALA C   OXT  sing N N 8   
ALA CB  HB1  sing N N 9   
ALA CB  HB2  sing N N 10  
ALA CB  HB3  sing N N 11  
ALA OXT HXT  sing N N 12  
ARG N   CA   sing N N 13  
ARG N   H    sing N N 14  
ARG N   H2   sing N N 15  
ARG CA  C    sing N N 16  
ARG CA  CB   sing N N 17  
ARG CA  HA   sing N N 18  
ARG C   O    doub N N 19  
ARG C   OXT  sing N N 20  
ARG CB  CG   sing N N 21  
ARG CB  HB2  sing N N 22  
ARG CB  HB3  sing N N 23  
ARG CG  CD   sing N N 24  
ARG CG  HG2  sing N N 25  
ARG CG  HG3  sing N N 26  
ARG CD  NE   sing N N 27  
ARG CD  HD2  sing N N 28  
ARG CD  HD3  sing N N 29  
ARG NE  CZ   sing N N 30  
ARG NE  HE   sing N N 31  
ARG CZ  NH1  sing N N 32  
ARG CZ  NH2  doub N N 33  
ARG NH1 HH11 sing N N 34  
ARG NH1 HH12 sing N N 35  
ARG NH2 HH21 sing N N 36  
ARG NH2 HH22 sing N N 37  
ARG OXT HXT  sing N N 38  
ASP N   CA   sing N N 39  
ASP N   H    sing N N 40  
ASP N   H2   sing N N 41  
ASP CA  C    sing N N 42  
ASP CA  CB   sing N N 43  
ASP CA  HA   sing N N 44  
ASP C   O    doub N N 45  
ASP C   OXT  sing N N 46  
ASP CB  CG   sing N N 47  
ASP CB  HB2  sing N N 48  
ASP CB  HB3  sing N N 49  
ASP CG  OD1  doub N N 50  
ASP CG  OD2  sing N N 51  
ASP OD2 HD2  sing N N 52  
ASP OXT HXT  sing N N 53  
CYS N   CA   sing N N 54  
CYS N   H    sing N N 55  
CYS N   H2   sing N N 56  
CYS CA  C    sing N N 57  
CYS CA  CB   sing N N 58  
CYS CA  HA   sing N N 59  
CYS C   O    doub N N 60  
CYS C   OXT  sing N N 61  
CYS CB  SG   sing N N 62  
CYS CB  HB2  sing N N 63  
CYS CB  HB3  sing N N 64  
CYS SG  HG   sing N N 65  
CYS OXT HXT  sing N N 66  
GLN N   CA   sing N N 67  
GLN N   H    sing N N 68  
GLN N   H2   sing N N 69  
GLN CA  C    sing N N 70  
GLN CA  CB   sing N N 71  
GLN CA  HA   sing N N 72  
GLN C   O    doub N N 73  
GLN C   OXT  sing N N 74  
GLN CB  CG   sing N N 75  
GLN CB  HB2  sing N N 76  
GLN CB  HB3  sing N N 77  
GLN CG  CD   sing N N 78  
GLN CG  HG2  sing N N 79  
GLN CG  HG3  sing N N 80  
GLN CD  OE1  doub N N 81  
GLN CD  NE2  sing N N 82  
GLN NE2 HE21 sing N N 83  
GLN NE2 HE22 sing N N 84  
GLN OXT HXT  sing N N 85  
GLU N   CA   sing N N 86  
GLU N   H    sing N N 87  
GLU N   H2   sing N N 88  
GLU CA  C    sing N N 89  
GLU CA  CB   sing N N 90  
GLU CA  HA   sing N N 91  
GLU C   O    doub N N 92  
GLU C   OXT  sing N N 93  
GLU CB  CG   sing N N 94  
GLU CB  HB2  sing N N 95  
GLU CB  HB3  sing N N 96  
GLU CG  CD   sing N N 97  
GLU CG  HG2  sing N N 98  
GLU CG  HG3  sing N N 99  
GLU CD  OE1  doub N N 100 
GLU CD  OE2  sing N N 101 
GLU OE2 HE2  sing N N 102 
GLU OXT HXT  sing N N 103 
GLY N   CA   sing N N 104 
GLY N   H    sing N N 105 
GLY N   H2   sing N N 106 
GLY CA  C    sing N N 107 
GLY CA  HA2  sing N N 108 
GLY CA  HA3  sing N N 109 
GLY C   O    doub N N 110 
GLY C   OXT  sing N N 111 
GLY OXT HXT  sing N N 112 
HIS N   CA   sing N N 113 
HIS N   H    sing N N 114 
HIS N   H2   sing N N 115 
HIS CA  C    sing N N 116 
HIS CA  CB   sing N N 117 
HIS CA  HA   sing N N 118 
HIS C   O    doub N N 119 
HIS C   OXT  sing N N 120 
HIS CB  CG   sing N N 121 
HIS CB  HB2  sing N N 122 
HIS CB  HB3  sing N N 123 
HIS CG  ND1  sing Y N 124 
HIS CG  CD2  doub Y N 125 
HIS ND1 CE1  doub Y N 126 
HIS ND1 HD1  sing N N 127 
HIS CD2 NE2  sing Y N 128 
HIS CD2 HD2  sing N N 129 
HIS CE1 NE2  sing Y N 130 
HIS CE1 HE1  sing N N 131 
HIS NE2 HE2  sing N N 132 
HIS OXT HXT  sing N N 133 
HOH O   H1   sing N N 134 
HOH O   H2   sing N N 135 
ILE N   CA   sing N N 136 
ILE N   H    sing N N 137 
ILE N   H2   sing N N 138 
ILE CA  C    sing N N 139 
ILE CA  CB   sing N N 140 
ILE CA  HA   sing N N 141 
ILE C   O    doub N N 142 
ILE C   OXT  sing N N 143 
ILE CB  CG1  sing N N 144 
ILE CB  CG2  sing N N 145 
ILE CB  HB   sing N N 146 
ILE CG1 CD1  sing N N 147 
ILE CG1 HG12 sing N N 148 
ILE CG1 HG13 sing N N 149 
ILE CG2 HG21 sing N N 150 
ILE CG2 HG22 sing N N 151 
ILE CG2 HG23 sing N N 152 
ILE CD1 HD11 sing N N 153 
ILE CD1 HD12 sing N N 154 
ILE CD1 HD13 sing N N 155 
ILE OXT HXT  sing N N 156 
LEU N   CA   sing N N 157 
LEU N   H    sing N N 158 
LEU N   H2   sing N N 159 
LEU CA  C    sing N N 160 
LEU CA  CB   sing N N 161 
LEU CA  HA   sing N N 162 
LEU C   O    doub N N 163 
LEU C   OXT  sing N N 164 
LEU CB  CG   sing N N 165 
LEU CB  HB2  sing N N 166 
LEU CB  HB3  sing N N 167 
LEU CG  CD1  sing N N 168 
LEU CG  CD2  sing N N 169 
LEU CG  HG   sing N N 170 
LEU CD1 HD11 sing N N 171 
LEU CD1 HD12 sing N N 172 
LEU CD1 HD13 sing N N 173 
LEU CD2 HD21 sing N N 174 
LEU CD2 HD22 sing N N 175 
LEU CD2 HD23 sing N N 176 
LEU OXT HXT  sing N N 177 
LYS N   CA   sing N N 178 
LYS N   H    sing N N 179 
LYS N   H2   sing N N 180 
LYS CA  C    sing N N 181 
LYS CA  CB   sing N N 182 
LYS CA  HA   sing N N 183 
LYS C   O    doub N N 184 
LYS C   OXT  sing N N 185 
LYS CB  CG   sing N N 186 
LYS CB  HB2  sing N N 187 
LYS CB  HB3  sing N N 188 
LYS CG  CD   sing N N 189 
LYS CG  HG2  sing N N 190 
LYS CG  HG3  sing N N 191 
LYS CD  CE   sing N N 192 
LYS CD  HD2  sing N N 193 
LYS CD  HD3  sing N N 194 
LYS CE  NZ   sing N N 195 
LYS CE  HE2  sing N N 196 
LYS CE  HE3  sing N N 197 
LYS NZ  HZ1  sing N N 198 
LYS NZ  HZ2  sing N N 199 
LYS NZ  HZ3  sing N N 200 
LYS OXT HXT  sing N N 201 
MSE N   CA   sing N N 202 
MSE N   H    sing N N 203 
MSE N   H2   sing N N 204 
MSE CA  C    sing N N 205 
MSE CA  CB   sing N N 206 
MSE CA  HA   sing N N 207 
MSE C   O    doub N N 208 
MSE C   OXT  sing N N 209 
MSE OXT HXT  sing N N 210 
MSE CB  CG   sing N N 211 
MSE CB  HB2  sing N N 212 
MSE CB  HB3  sing N N 213 
MSE CG  SE   sing N N 214 
MSE CG  HG2  sing N N 215 
MSE CG  HG3  sing N N 216 
MSE SE  CE   sing N N 217 
MSE CE  HE1  sing N N 218 
MSE CE  HE2  sing N N 219 
MSE CE  HE3  sing N N 220 
PHE N   CA   sing N N 221 
PHE N   H    sing N N 222 
PHE N   H2   sing N N 223 
PHE CA  C    sing N N 224 
PHE CA  CB   sing N N 225 
PHE CA  HA   sing N N 226 
PHE C   O    doub N N 227 
PHE C   OXT  sing N N 228 
PHE CB  CG   sing N N 229 
PHE CB  HB2  sing N N 230 
PHE CB  HB3  sing N N 231 
PHE CG  CD1  doub Y N 232 
PHE CG  CD2  sing Y N 233 
PHE CD1 CE1  sing Y N 234 
PHE CD1 HD1  sing N N 235 
PHE CD2 CE2  doub Y N 236 
PHE CD2 HD2  sing N N 237 
PHE CE1 CZ   doub Y N 238 
PHE CE1 HE1  sing N N 239 
PHE CE2 CZ   sing Y N 240 
PHE CE2 HE2  sing N N 241 
PHE CZ  HZ   sing N N 242 
PHE OXT HXT  sing N N 243 
PRO N   CA   sing N N 244 
PRO N   CD   sing N N 245 
PRO N   H    sing N N 246 
PRO CA  C    sing N N 247 
PRO CA  CB   sing N N 248 
PRO CA  HA   sing N N 249 
PRO C   O    doub N N 250 
PRO C   OXT  sing N N 251 
PRO CB  CG   sing N N 252 
PRO CB  HB2  sing N N 253 
PRO CB  HB3  sing N N 254 
PRO CG  CD   sing N N 255 
PRO CG  HG2  sing N N 256 
PRO CG  HG3  sing N N 257 
PRO CD  HD2  sing N N 258 
PRO CD  HD3  sing N N 259 
PRO OXT HXT  sing N N 260 
SER N   CA   sing N N 261 
SER N   H    sing N N 262 
SER N   H2   sing N N 263 
SER CA  C    sing N N 264 
SER CA  CB   sing N N 265 
SER CA  HA   sing N N 266 
SER C   O    doub N N 267 
SER C   OXT  sing N N 268 
SER CB  OG   sing N N 269 
SER CB  HB2  sing N N 270 
SER CB  HB3  sing N N 271 
SER OG  HG   sing N N 272 
SER OXT HXT  sing N N 273 
THR N   CA   sing N N 274 
THR N   H    sing N N 275 
THR N   H2   sing N N 276 
THR CA  C    sing N N 277 
THR CA  CB   sing N N 278 
THR CA  HA   sing N N 279 
THR C   O    doub N N 280 
THR C   OXT  sing N N 281 
THR CB  OG1  sing N N 282 
THR CB  CG2  sing N N 283 
THR CB  HB   sing N N 284 
THR OG1 HG1  sing N N 285 
THR CG2 HG21 sing N N 286 
THR CG2 HG22 sing N N 287 
THR CG2 HG23 sing N N 288 
THR OXT HXT  sing N N 289 
TRP N   CA   sing N N 290 
TRP N   H    sing N N 291 
TRP N   H2   sing N N 292 
TRP CA  C    sing N N 293 
TRP CA  CB   sing N N 294 
TRP CA  HA   sing N N 295 
TRP C   O    doub N N 296 
TRP C   OXT  sing N N 297 
TRP CB  CG   sing N N 298 
TRP CB  HB2  sing N N 299 
TRP CB  HB3  sing N N 300 
TRP CG  CD1  doub Y N 301 
TRP CG  CD2  sing Y N 302 
TRP CD1 NE1  sing Y N 303 
TRP CD1 HD1  sing N N 304 
TRP CD2 CE2  doub Y N 305 
TRP CD2 CE3  sing Y N 306 
TRP NE1 CE2  sing Y N 307 
TRP NE1 HE1  sing N N 308 
TRP CE2 CZ2  sing Y N 309 
TRP CE3 CZ3  doub Y N 310 
TRP CE3 HE3  sing N N 311 
TRP CZ2 CH2  doub Y N 312 
TRP CZ2 HZ2  sing N N 313 
TRP CZ3 CH2  sing Y N 314 
TRP CZ3 HZ3  sing N N 315 
TRP CH2 HH2  sing N N 316 
TRP OXT HXT  sing N N 317 
TYR N   CA   sing N N 318 
TYR N   H    sing N N 319 
TYR N   H2   sing N N 320 
TYR CA  C    sing N N 321 
TYR CA  CB   sing N N 322 
TYR CA  HA   sing N N 323 
TYR C   O    doub N N 324 
TYR C   OXT  sing N N 325 
TYR CB  CG   sing N N 326 
TYR CB  HB2  sing N N 327 
TYR CB  HB3  sing N N 328 
TYR CG  CD1  doub Y N 329 
TYR CG  CD2  sing Y N 330 
TYR CD1 CE1  sing Y N 331 
TYR CD1 HD1  sing N N 332 
TYR CD2 CE2  doub Y N 333 
TYR CD2 HD2  sing N N 334 
TYR CE1 CZ   doub Y N 335 
TYR CE1 HE1  sing N N 336 
TYR CE2 CZ   sing Y N 337 
TYR CE2 HE2  sing N N 338 
TYR CZ  OH   sing N N 339 
TYR OH  HH   sing N N 340 
TYR OXT HXT  sing N N 341 
VAL N   CA   sing N N 342 
VAL N   H    sing N N 343 
VAL N   H2   sing N N 344 
VAL CA  C    sing N N 345 
VAL CA  CB   sing N N 346 
VAL CA  HA   sing N N 347 
VAL C   O    doub N N 348 
VAL C   OXT  sing N N 349 
VAL CB  CG1  sing N N 350 
VAL CB  CG2  sing N N 351 
VAL CB  HB   sing N N 352 
VAL CG1 HG11 sing N N 353 
VAL CG1 HG12 sing N N 354 
VAL CG1 HG13 sing N N 355 
VAL CG2 HG21 sing N N 356 
VAL CG2 HG22 sing N N 357 
VAL CG2 HG23 sing N N 358 
VAL OXT HXT  sing N N 359 
# 
_atom_sites.entry_id                    3DML 
_atom_sites.fract_transf_matrix[1][1]   -0.00013486 
_atom_sites.fract_transf_matrix[1][2]   -0.01422713 
_atom_sites.fract_transf_matrix[1][3]   -0.00112364 
_atom_sites.fract_transf_matrix[2][1]   0.00918390 
_atom_sites.fract_transf_matrix[2][2]   -0.00655535 
_atom_sites.fract_transf_matrix[2][3]   -0.00873919 
_atom_sites.fract_transf_matrix[3][1]   0.01996519 
_atom_sites.fract_transf_matrix[3][2]   -0.00196259 
_atom_sites.fract_transf_matrix[3][3]   0.02245332 
_atom_sites.fract_transf_vector[1]      0.129266 
_atom_sites.fract_transf_vector[2]      0.516337 
_atom_sites.fract_transf_vector[3]      0.017109 
# 
loop_
_atom_type.symbol 
C  
N  
O  
S  
SE 
# 
loop_
_atom_site.group_PDB 
_atom_site.id 
_atom_site.type_symbol 
_atom_site.label_atom_id 
_atom_site.label_alt_id 
_atom_site.label_comp_id 
_atom_site.label_asym_id 
_atom_site.label_entity_id 
_atom_site.label_seq_id 
_atom_site.pdbx_PDB_ins_code 
_atom_site.Cartn_x 
_atom_site.Cartn_y 
_atom_site.Cartn_z 
_atom_site.occupancy 
_atom_site.B_iso_or_equiv 
_atom_site.pdbx_formal_charge 
_atom_site.auth_seq_id 
_atom_site.auth_comp_id 
_atom_site.auth_asym_id 
_atom_site.auth_atom_id 
_atom_site.pdbx_PDB_model_num 
ATOM   1   N  N   . GLU A 1 19  ? -9.193  4.803   10.492  1.00 29.63 ? 2   GLU A N   1 
ATOM   2   C  CA  . GLU A 1 19  ? -8.037  3.997   10.938  1.00 28.10 ? 2   GLU A CA  1 
ATOM   3   C  C   . GLU A 1 19  ? -7.463  3.189   9.773   1.00 26.11 ? 2   GLU A C   1 
ATOM   4   O  O   . GLU A 1 19  ? -6.695  2.259   9.984   1.00 25.57 ? 2   GLU A O   1 
ATOM   5   C  CB  . GLU A 1 19  ? -8.439  3.074   12.082  1.00 29.22 ? 2   GLU A CB  1 
ATOM   6   C  CG  . GLU A 1 19  ? -9.913  2.765   12.152  1.00 33.42 ? 2   GLU A CG  1 
ATOM   7   C  CD  . GLU A 1 19  ? -10.453 2.130   10.897  1.00 37.76 ? 2   GLU A CD  1 
ATOM   8   O  OE1 . GLU A 1 19  ? -11.040 2.863   10.064  1.00 39.97 ? 2   GLU A OE1 1 
ATOM   9   O  OE2 . GLU A 1 19  ? -10.286 0.899   10.741  1.00 40.87 ? 2   GLU A OE2 1 
ATOM   10  N  N   . LEU A 1 20  ? -7.825  3.560   8.546   1.00 23.40 ? 3   LEU A N   1 
ATOM   11  C  CA  . LEU A 1 20  ? -7.177  2.973   7.363   1.00 21.05 ? 3   LEU A CA  1 
ATOM   12  C  C   . LEU A 1 20  ? -5.816  3.620   7.023   1.00 19.24 ? 3   LEU A C   1 
ATOM   13  O  O   . LEU A 1 20  ? -5.655  4.831   7.108   1.00 18.44 ? 3   LEU A O   1 
ATOM   14  C  CB  . LEU A 1 20  ? -8.109  3.061   6.150   1.00 20.91 ? 3   LEU A CB  1 
ATOM   15  C  CG  . LEU A 1 20  ? -9.035  1.914   5.763   1.00 23.73 ? 3   LEU A CG  1 
ATOM   16  C  CD1 . LEU A 1 20  ? -9.673  1.225   6.931   1.00 24.76 ? 3   LEU A CD1 1 
ATOM   17  C  CD2 . LEU A 1 20  ? -10.068 2.357   4.712   1.00 22.74 ? 3   LEU A CD2 1 
ATOM   18  N  N   . ARG A 1 21  ? -4.841  2.785   6.647   1.00 17.03 ? 4   ARG A N   1 
ATOM   19  C  CA  A ARG A 1 21  ? -3.541  3.219   6.135   0.50 15.95 ? 4   ARG A CA  1 
ATOM   20  C  CA  B ARG A 1 21  ? -3.594  3.263   6.065   0.50 16.03 ? 4   ARG A CA  1 
ATOM   21  C  C   . ARG A 1 21  ? -3.134  2.269   5.014   1.00 14.93 ? 4   ARG A C   1 
ATOM   22  O  O   . ARG A 1 21  ? -3.439  1.085   5.085   1.00 14.35 ? 4   ARG A O   1 
ATOM   23  C  CB  A ARG A 1 21  ? -2.459  3.126   7.215   0.50 15.95 ? 4   ARG A CB  1 
ATOM   24  C  CB  B ARG A 1 21  ? -2.495  3.463   7.118   0.50 16.33 ? 4   ARG A CB  1 
ATOM   25  C  CG  A ARG A 1 21  ? -2.475  4.207   8.279   0.50 17.76 ? 4   ARG A CG  1 
ATOM   26  C  CG  B ARG A 1 21  ? -1.947  2.195   7.717   0.50 17.91 ? 4   ARG A CG  1 
ATOM   27  C  CD  A ARG A 1 21  ? -1.341  3.958   9.254   0.50 20.23 ? 4   ARG A CD  1 
ATOM   28  C  CD  B ARG A 1 21  ? -1.285  2.474   9.041   0.50 22.79 ? 4   ARG A CD  1 
ATOM   29  N  NE  A ARG A 1 21  ? -1.636  2.835   10.154  0.50 24.00 ? 4   ARG A NE  1 
ATOM   30  N  NE  B ARG A 1 21  ? -1.591  1.425   10.006  0.50 24.88 ? 4   ARG A NE  1 
ATOM   31  C  CZ  A ARG A 1 21  ? -0.717  2.090   10.772  0.50 25.02 ? 4   ARG A CZ  1 
ATOM   32  C  CZ  B ARG A 1 21  ? -0.686  0.638   10.571  0.50 26.58 ? 4   ARG A CZ  1 
ATOM   33  N  NH1 A ARG A 1 21  ? 0.587   2.322   10.598  0.50 22.82 ? 4   ARG A NH1 1 
ATOM   34  N  NH1 B ARG A 1 21  ? 0.605   0.786   10.290  0.50 28.58 ? 4   ARG A NH1 1 
ATOM   35  N  NH2 A ARG A 1 21  ? -1.113  1.096   11.564  0.50 25.28 ? 4   ARG A NH2 1 
ATOM   36  N  NH2 B ARG A 1 21  ? -1.072  -0.282  11.435  0.50 28.40 ? 4   ARG A NH2 1 
ATOM   37  N  N   . LEU A 1 22  ? -2.415  2.774   4.028   1.00 13.89 ? 5   LEU A N   1 
ATOM   38  C  CA  . LEU A 1 22  ? -1.855  1.920   2.987   1.00 13.51 ? 5   LEU A CA  1 
ATOM   39  C  C   . LEU A 1 22  ? -0.356  1.838   3.160   1.00 13.66 ? 5   LEU A C   1 
ATOM   40  O  O   . LEU A 1 22  ? 0.346   2.832   2.987   1.00 14.35 ? 5   LEU A O   1 
ATOM   41  C  CB  . LEU A 1 22  ? -2.148  2.485   1.599   1.00 13.15 ? 5   LEU A CB  1 
ATOM   42  C  CG  . LEU A 1 22  ? -1.910  1.559   0.406   1.00 12.79 ? 5   LEU A CG  1 
ATOM   43  C  CD1 . LEU A 1 22  ? -2.905  0.383   0.381   1.00 13.07 ? 5   LEU A CD1 1 
ATOM   44  C  CD2 . LEU A 1 22  ? -2.116  2.397   -0.822  1.00 13.83 ? 5   LEU A CD2 1 
ATOM   45  N  N   . LEU A 1 23  ? 0.131   0.653   3.491   1.00 13.34 ? 6   LEU A N   1 
ATOM   46  C  CA  . LEU A 1 23  ? 1.554   0.418   3.575   1.00 14.13 ? 6   LEU A CA  1 
ATOM   47  C  C   . LEU A 1 23  ? 2.066   0.047   2.208   1.00 14.79 ? 6   LEU A C   1 
ATOM   48  O  O   . LEU A 1 23  ? 1.524   -0.860  1.549   1.00 15.02 ? 6   LEU A O   1 
ATOM   49  C  CB  . LEU A 1 23  ? 1.849   -0.734  4.530   1.00 14.21 ? 6   LEU A CB  1 
ATOM   50  C  CG  . LEU A 1 23  ? 1.379   -0.557  5.957   1.00 16.33 ? 6   LEU A CG  1 
ATOM   51  C  CD1 . LEU A 1 23  ? 1.777   -1.806  6.746   1.00 19.26 ? 6   LEU A CD1 1 
ATOM   52  C  CD2 . LEU A 1 23  ? 1.989   0.696   6.568   1.00 17.95 ? 6   LEU A CD2 1 
HETATM 53  N  N   . MSE A 1 24  ? 3.111   0.734   1.785   1.00 13.32 ? 7   MSE A N   1 
HETATM 54  C  CA  A MSE A 1 24  ? 3.750   0.413   0.535   0.50 13.42 ? 7   MSE A CA  1 
HETATM 55  C  CA  B MSE A 1 24  ? 3.757   0.410   0.529   0.50 14.39 ? 7   MSE A CA  1 
HETATM 56  C  C   . MSE A 1 24  ? 5.134   -0.149  0.819   1.00 13.60 ? 7   MSE A C   1 
HETATM 57  O  O   . MSE A 1 24  ? 5.990   0.550   1.377   1.00 13.62 ? 7   MSE A O   1 
HETATM 58  C  CB  A MSE A 1 24  ? 3.854   1.659   -0.326  0.50 13.49 ? 7   MSE A CB  1 
HETATM 59  C  CB  B MSE A 1 24  ? 3.893   1.636   -0.364  0.50 15.28 ? 7   MSE A CB  1 
HETATM 60  C  CG  A MSE A 1 24  ? 4.686   1.422   -1.550  0.50 13.43 ? 7   MSE A CG  1 
HETATM 61  C  CG  B MSE A 1 24  ? 4.560   1.289   -1.687  0.50 19.33 ? 7   MSE A CG  1 
HETATM 62  SE SE  A MSE A 1 24  ? 4.921   3.030   -2.587  0.50 15.56 ? 7   MSE A SE  1 
HETATM 63  SE SE  B MSE A 1 24  ? 5.938   2.535   -2.260  0.50 32.93 ? 7   MSE A SE  1 
HETATM 64  C  CE  A MSE A 1 24  ? 5.578   2.089   -4.155  0.50 9.59  ? 7   MSE A CE  1 
HETATM 65  C  CE  B MSE A 1 24  ? 6.028   1.930   -4.111  0.50 24.94 ? 7   MSE A CE  1 
ATOM   66  N  N   . PHE A 1 25  ? 5.345   -1.405  0.436   1.00 12.23 ? 8   PHE A N   1 
ATOM   67  C  CA  . PHE A 1 25  ? 6.612   -2.076  0.661   1.00 11.59 ? 8   PHE A CA  1 
ATOM   68  C  C   . PHE A 1 25  ? 7.498   -1.974  -0.562  1.00 12.68 ? 8   PHE A C   1 
ATOM   69  O  O   . PHE A 1 25  ? 7.081   -2.329  -1.670  1.00 12.16 ? 8   PHE A O   1 
ATOM   70  C  CB  . PHE A 1 25  ? 6.387   -3.537  1.076   1.00 11.52 ? 8   PHE A CB  1 
ATOM   71  C  CG  . PHE A 1 25  ? 5.830   -3.673  2.452   1.00 10.78 ? 8   PHE A CG  1 
ATOM   72  C  CD1 . PHE A 1 25  ? 6.686   -3.792  3.548   1.00 10.87 ? 8   PHE A CD1 1 
ATOM   73  C  CD2 . PHE A 1 25  ? 4.449   -3.647  2.665   1.00 9.82  ? 8   PHE A CD2 1 
ATOM   74  C  CE1 . PHE A 1 25  ? 6.161   -3.914  4.838   1.00 10.81 ? 8   PHE A CE1 1 
ATOM   75  C  CE2 . PHE A 1 25  ? 3.915   -3.765  3.945   1.00 10.20 ? 8   PHE A CE2 1 
ATOM   76  C  CZ  . PHE A 1 25  ? 4.757   -3.891  5.043   1.00 9.62  ? 8   PHE A CZ  1 
ATOM   77  N  N   . GLU A 1 26  ? 8.720   -1.492  -0.336  1.00 13.21 ? 9   GLU A N   1 
ATOM   78  C  CA  A GLU A 1 26  ? 9.697   -1.215  -1.399  0.50 14.20 ? 9   GLU A CA  1 
ATOM   79  C  CA  B GLU A 1 26  ? 9.671   -1.238  -1.424  0.50 14.53 ? 9   GLU A CA  1 
ATOM   80  C  C   . GLU A 1 26  ? 11.025  -1.909  -1.147  1.00 14.70 ? 9   GLU A C   1 
ATOM   81  O  O   . GLU A 1 26  ? 11.241  -2.476  -0.074  1.00 14.34 ? 9   GLU A O   1 
ATOM   82  C  CB  A GLU A 1 26  ? 9.983   0.285   -1.450  0.50 14.77 ? 9   GLU A CB  1 
ATOM   83  C  CB  B GLU A 1 26  ? 9.819   0.289   -1.666  0.50 15.32 ? 9   GLU A CB  1 
ATOM   84  C  CG  A GLU A 1 26  ? 8.789   1.155   -1.712  0.50 13.74 ? 9   GLU A CG  1 
ATOM   85  C  CG  B GLU A 1 26  ? 10.112  1.127   -0.407  0.50 16.01 ? 9   GLU A CG  1 
ATOM   86  C  CD  A GLU A 1 26  ? 9.193   2.476   -2.327  0.50 15.29 ? 9   GLU A CD  1 
ATOM   87  C  CD  B GLU A 1 26  ? 10.042  2.645   -0.611  0.50 19.07 ? 9   GLU A CD  1 
ATOM   88  O  OE1 A GLU A 1 26  ? 8.441   2.984   -3.179  0.50 15.84 ? 9   GLU A OE1 1 
ATOM   89  O  OE1 B GLU A 1 26  ? 9.160   3.146   -1.343  0.50 18.29 ? 9   GLU A OE1 1 
ATOM   90  O  OE2 A GLU A 1 26  ? 10.266  3.003   -1.964  0.50 16.17 ? 9   GLU A OE2 1 
ATOM   91  O  OE2 B GLU A 1 26  ? 10.880  3.357   -0.009  0.50 23.14 ? 9   GLU A OE2 1 
ATOM   92  N  N   . GLN A 1 27  ? 11.919  -1.874  -2.138  1.00 15.47 ? 10  GLN A N   1 
ATOM   93  C  CA  . GLN A 1 27  ? 13.306  -2.298  -1.959  1.00 15.96 ? 10  GLN A CA  1 
ATOM   94  C  C   . GLN A 1 27  ? 14.160  -1.551  -2.973  1.00 17.39 ? 10  GLN A C   1 
ATOM   95  O  O   . GLN A 1 27  ? 13.619  -1.021  -3.950  1.00 15.80 ? 10  GLN A O   1 
ATOM   96  C  CB  . GLN A 1 27  ? 13.475  -3.807  -2.148  1.00 16.87 ? 10  GLN A CB  1 
ATOM   97  C  CG  . GLN A 1 27  ? 13.264  -4.348  -3.583  1.00 16.91 ? 10  GLN A CG  1 
ATOM   98  C  CD  . GLN A 1 27  ? 13.424  -5.847  -3.610  1.00 19.51 ? 10  GLN A CD  1 
ATOM   99  O  OE1 . GLN A 1 27  ? 14.493  -6.369  -3.267  1.00 19.14 ? 10  GLN A OE1 1 
ATOM   100 N  NE2 . GLN A 1 27  ? 12.360  -6.562  -4.000  1.00 19.18 ? 10  GLN A NE2 1 
ATOM   101 N  N   . PRO A 1 28  ? 15.483  -1.468  -2.724  1.00 18.91 ? 11  PRO A N   1 
ATOM   102 C  CA  . PRO A 1 28  ? 16.391  -0.820  -3.664  1.00 20.20 ? 11  PRO A CA  1 
ATOM   103 C  C   . PRO A 1 28  ? 16.345  -1.425  -5.050  1.00 20.16 ? 11  PRO A C   1 
ATOM   104 O  O   . PRO A 1 28  ? 16.243  -2.656  -5.213  1.00 20.32 ? 11  PRO A O   1 
ATOM   105 C  CB  . PRO A 1 28  ? 17.773  -1.047  -3.026  1.00 21.16 ? 11  PRO A CB  1 
ATOM   106 C  CG  . PRO A 1 28  ? 17.490  -1.111  -1.587  1.00 20.77 ? 11  PRO A CG  1 
ATOM   107 C  CD  . PRO A 1 28  ? 16.205  -1.916  -1.518  1.00 19.37 ? 11  PRO A CD  1 
ATOM   108 N  N   . GLY A 1 29  ? 16.400  -0.545  -6.047  1.00 21.10 ? 12  GLY A N   1 
ATOM   109 C  CA  . GLY A 1 29  ? 16.431  -0.960  -7.438  1.00 20.89 ? 12  GLY A CA  1 
ATOM   110 C  C   . GLY A 1 29  ? 15.111  -1.467  -7.989  1.00 20.84 ? 12  GLY A C   1 
ATOM   111 O  O   . GLY A 1 29  ? 15.083  -2.046  -9.071  1.00 21.87 ? 12  GLY A O   1 
ATOM   112 N  N   . CYS A 1 30  ? 14.018  -1.269  -7.253  1.00 19.32 ? 13  CYS A N   1 
ATOM   113 C  CA  . CYS A 1 30  ? 12.714  -1.715  -7.735  1.00 17.70 ? 13  CYS A CA  1 
ATOM   114 C  C   . CYS A 1 30  ? 12.116  -0.718  -8.733  1.00 16.34 ? 13  CYS A C   1 
ATOM   115 O  O   . CYS A 1 30  ? 11.618  0.352   -8.361  1.00 14.74 ? 13  CYS A O   1 
ATOM   116 C  CB  . CYS A 1 30  ? 11.753  -1.958  -6.568  1.00 17.94 ? 13  CYS A CB  1 
ATOM   117 S  SG  . CYS A 1 30  ? 10.192  -2.716  -7.097  1.00 19.77 ? 13  CYS A SG  1 
ATOM   118 N  N   . LEU A 1 31  ? 12.170  -1.079  -10.007 1.00 14.87 ? 14  LEU A N   1 
ATOM   119 C  CA  . LEU A 1 31  ? 11.674  -0.204  -11.058 1.00 14.54 ? 14  LEU A CA  1 
ATOM   120 C  C   . LEU A 1 31  ? 10.181  0.113   -10.921 1.00 13.09 ? 14  LEU A C   1 
ATOM   121 O  O   . LEU A 1 31  ? 9.767   1.254   -11.124 1.00 12.18 ? 14  LEU A O   1 
ATOM   122 C  CB  . LEU A 1 31  ? 11.979  -0.814  -12.416 1.00 15.47 ? 14  LEU A CB  1 
ATOM   123 C  CG  . LEU A 1 31  ? 11.668  0.013   -13.648 1.00 20.97 ? 14  LEU A CG  1 
ATOM   124 C  CD1 . LEU A 1 31  ? 12.844  -0.164  -14.616 1.00 26.35 ? 14  LEU A CD1 1 
ATOM   125 C  CD2 . LEU A 1 31  ? 10.390  -0.452  -14.297 1.00 24.81 ? 14  LEU A CD2 1 
ATOM   126 N  N   . TYR A 1 32  ? 9.373   -0.889  -10.586 1.00 12.95 ? 15  TYR A N   1 
ATOM   127 C  CA  . TYR A 1 32  ? 7.932   -0.685  -10.431 1.00 13.04 ? 15  TYR A CA  1 
ATOM   128 C  C   . TYR A 1 32  ? 7.547   0.175   -9.222  1.00 12.71 ? 15  TYR A C   1 
ATOM   129 O  O   . TYR A 1 32  ? 6.589   0.923   -9.319  1.00 12.53 ? 15  TYR A O   1 
ATOM   130 C  CB  . TYR A 1 32  ? 7.170   -2.019  -10.476 1.00 13.98 ? 15  TYR A CB  1 
ATOM   131 C  CG  . TYR A 1 32  ? 7.001   -2.498  -11.908 1.00 14.88 ? 15  TYR A CG  1 
ATOM   132 C  CD1 . TYR A 1 32  ? 7.947   -3.327  -12.504 1.00 17.74 ? 15  TYR A CD1 1 
ATOM   133 C  CD2 . TYR A 1 32  ? 5.926   -2.061  -12.674 1.00 15.25 ? 15  TYR A CD2 1 
ATOM   134 C  CE1 . TYR A 1 32  ? 7.802   -3.742  -13.828 1.00 16.76 ? 15  TYR A CE1 1 
ATOM   135 C  CE2 . TYR A 1 32  ? 5.770   -2.473  -13.997 1.00 16.79 ? 15  TYR A CE2 1 
ATOM   136 C  CZ  . TYR A 1 32  ? 6.717   -3.324  -14.558 1.00 17.83 ? 15  TYR A CZ  1 
ATOM   137 O  OH  . TYR A 1 32  ? 6.555   -3.713  -15.874 1.00 21.42 ? 15  TYR A OH  1 
ATOM   138 N  N   . CYS A 1 33  ? 8.290   0.080   -8.117  1.00 12.10 ? 16  CYS A N   1 
ATOM   139 C  CA  . CYS A 1 33  ? 8.190   1.088   -7.026  1.00 13.34 ? 16  CYS A CA  1 
ATOM   140 C  C   . CYS A 1 33  ? 8.450   2.493   -7.539  1.00 12.92 ? 16  CYS A C   1 
ATOM   141 O  O   . CYS A 1 33  ? 7.699   3.417   -7.242  1.00 12.88 ? 16  CYS A O   1 
ATOM   142 C  CB  . CYS A 1 33  ? 9.170   0.795   -5.891  1.00 13.38 ? 16  CYS A CB  1 
ATOM   143 S  SG  . CYS A 1 33  ? 8.713   -0.701  -4.997  1.00 20.14 ? 16  CYS A SG  1 
ATOM   144 N  N   . ALA A 1 34  ? 9.521   2.662   -8.304  1.00 13.08 ? 17  ALA A N   1 
ATOM   145 C  CA  . ALA A 1 34  ? 9.867   3.989   -8.829  1.00 13.53 ? 17  ALA A CA  1 
ATOM   146 C  C   . ALA A 1 34  ? 8.778   4.508   -9.779  1.00 13.39 ? 17  ALA A C   1 
ATOM   147 O  O   . ALA A 1 34  ? 8.477   5.724   -9.796  1.00 13.59 ? 17  ALA A O   1 
ATOM   148 C  CB  . ALA A 1 34  ? 11.208  3.937   -9.529  1.00 14.14 ? 17  ALA A CB  1 
ATOM   149 N  N   . ARG A 1 35  ? 8.186   3.613   -10.577 1.00 12.53 ? 18  ARG A N   1 
ATOM   150 C  CA  . ARG A 1 35  ? 7.058   4.018   -11.424 1.00 12.93 ? 18  ARG A CA  1 
ATOM   151 C  C   . ARG A 1 35  ? 5.860   4.502   -10.634 1.00 12.38 ? 18  ARG A C   1 
ATOM   152 O  O   . ARG A 1 35  ? 5.263   5.512   -10.973 1.00 12.51 ? 18  ARG A O   1 
ATOM   153 C  CB  . ARG A 1 35  ? 6.600   2.902   -12.346 1.00 13.23 ? 18  ARG A CB  1 
ATOM   154 C  CG  . ARG A 1 35  ? 7.541   2.644   -13.493 1.00 15.15 ? 18  ARG A CG  1 
ATOM   155 C  CD  . ARG A 1 35  ? 6.816   1.721   -14.489 1.00 16.59 ? 18  ARG A CD  1 
ATOM   156 N  NE  . ARG A 1 35  ? 7.726   1.203   -15.500 1.00 21.44 ? 18  ARG A NE  1 
ATOM   157 C  CZ  . ARG A 1 35  ? 7.370   0.308   -16.411 1.00 22.22 ? 18  ARG A CZ  1 
ATOM   158 N  NH1 . ARG A 1 35  ? 6.129   -0.159  -16.431 1.00 22.91 ? 18  ARG A NH1 1 
ATOM   159 N  NH2 . ARG A 1 35  ? 8.256   -0.114  -17.295 1.00 23.18 ? 18  ARG A NH2 1 
ATOM   160 N  N   . TRP A 1 36  ? 5.527   3.805   -9.557  1.00 12.88 ? 19  TRP A N   1 
ATOM   161 C  CA  . TRP A 1 36  ? 4.390   4.209   -8.727  1.00 12.97 ? 19  TRP A CA  1 
ATOM   162 C  C   . TRP A 1 36  ? 4.692   5.558   -8.066  1.00 13.64 ? 19  TRP A C   1 
ATOM   163 O  O   . TRP A 1 36  ? 3.808   6.432   -7.991  1.00 12.73 ? 19  TRP A O   1 
ATOM   164 C  CB  . TRP A 1 36  ? 4.126   3.177   -7.634  1.00 12.39 ? 19  TRP A CB  1 
ATOM   165 C  CG  . TRP A 1 36  ? 2.839   3.432   -6.874  1.00 11.58 ? 19  TRP A CG  1 
ATOM   166 C  CD1 . TRP A 1 36  ? 1.600   2.995   -7.205  1.00 11.95 ? 19  TRP A CD1 1 
ATOM   167 C  CD2 . TRP A 1 36  ? 2.691   4.186   -5.671  1.00 13.53 ? 19  TRP A CD2 1 
ATOM   168 N  NE1 . TRP A 1 36  ? 0.679   3.408   -6.273  1.00 12.67 ? 19  TRP A NE1 1 
ATOM   169 C  CE2 . TRP A 1 36  ? 1.328   4.136   -5.311  1.00 12.82 ? 19  TRP A CE2 1 
ATOM   170 C  CE3 . TRP A 1 36  ? 3.585   4.882   -4.848  1.00 13.99 ? 19  TRP A CE3 1 
ATOM   171 C  CZ2 . TRP A 1 36  ? 0.827   4.766   -4.162  1.00 14.28 ? 19  TRP A CZ2 1 
ATOM   172 C  CZ3 . TRP A 1 36  ? 3.076   5.517   -3.687  1.00 14.52 ? 19  TRP A CZ3 1 
ATOM   173 C  CH2 . TRP A 1 36  ? 1.707   5.460   -3.379  1.00 13.45 ? 19  TRP A CH2 1 
ATOM   174 N  N   . ASP A 1 37  ? 5.925   5.696   -7.567  1.00 14.44 ? 20  ASP A N   1 
ATOM   175 C  CA  . ASP A 1 37  ? 6.392   6.964   -6.950  1.00 17.22 ? 20  ASP A CA  1 
ATOM   176 C  C   . ASP A 1 37  ? 6.287   8.152   -7.910  1.00 17.38 ? 20  ASP A C   1 
ATOM   177 O  O   . ASP A 1 37  ? 5.952   9.247   -7.493  1.00 18.68 ? 20  ASP A O   1 
ATOM   178 C  CB  . ASP A 1 37  ? 7.836   6.863   -6.424  1.00 17.68 ? 20  ASP A CB  1 
ATOM   179 C  CG  . ASP A 1 37  ? 7.973   5.960   -5.205  1.00 19.97 ? 20  ASP A CG  1 
ATOM   180 O  OD1 . ASP A 1 37  ? 6.990   5.691   -4.479  1.00 21.35 ? 20  ASP A OD1 1 
ATOM   181 O  OD2 . ASP A 1 37  ? 9.104   5.495   -4.971  1.00 26.59 ? 20  ASP A OD2 1 
ATOM   182 N  N   . ALA A 1 38  ? 6.564   7.938   -9.190  1.00 17.60 ? 21  ALA A N   1 
ATOM   183 C  CA  . ALA A 1 38  ? 6.449   8.991   -10.195 1.00 17.96 ? 21  ALA A CA  1 
ATOM   184 C  C   . ALA A 1 38  ? 5.009   9.231   -10.640 1.00 18.86 ? 21  ALA A C   1 
ATOM   185 O  O   . ALA A 1 38  ? 4.635   10.365  -10.943 1.00 19.24 ? 21  ALA A O   1 
ATOM   186 C  CB  . ALA A 1 38  ? 7.301   8.663   -11.411 1.00 17.82 ? 21  ALA A CB  1 
ATOM   187 N  N   . GLU A 1 39  ? 4.209   8.168   -10.713 1.00 17.51 ? 22  GLU A N   1 
ATOM   188 C  CA  . GLU A 1 39  ? 2.914   8.245   -11.374 1.00 17.77 ? 22  GLU A CA  1 
ATOM   189 C  C   . GLU A 1 39  ? 1.760   8.472   -10.421 1.00 17.45 ? 22  GLU A C   1 
ATOM   190 O  O   . GLU A 1 39  ? 0.899   9.331   -10.674 1.00 18.85 ? 22  GLU A O   1 
ATOM   191 C  CB  . GLU A 1 39  ? 2.644   6.984   -12.196 1.00 17.56 ? 22  GLU A CB  1 
ATOM   192 C  CG  . GLU A 1 39  ? 3.549   6.895   -13.394 1.00 20.93 ? 22  GLU A CG  1 
ATOM   193 C  CD  . GLU A 1 39  ? 3.554   5.552   -14.094 1.00 24.45 ? 22  GLU A CD  1 
ATOM   194 O  OE1 . GLU A 1 39  ? 2.649   4.695   -13.875 1.00 24.73 ? 22  GLU A OE1 1 
ATOM   195 O  OE2 . GLU A 1 39  ? 4.492   5.374   -14.905 1.00 26.63 ? 22  GLU A OE2 1 
ATOM   196 N  N   . ILE A 1 40  ? 1.712   7.682   -9.350  1.00 15.17 ? 23  ILE A N   1 
ATOM   197 C  CA  . ILE A 1 40  ? 0.596   7.742   -8.416  1.00 13.27 ? 23  ILE A CA  1 
ATOM   198 C  C   . ILE A 1 40  ? 0.925   8.626   -7.200  1.00 13.45 ? 23  ILE A C   1 
ATOM   199 O  O   . ILE A 1 40  ? 0.095   9.452   -6.786  1.00 12.72 ? 23  ILE A O   1 
ATOM   200 C  CB  . ILE A 1 40  ? 0.183   6.330   -7.917  1.00 13.16 ? 23  ILE A CB  1 
ATOM   201 C  CG1 . ILE A 1 40  ? -0.342  5.430   -9.063  1.00 12.91 ? 23  ILE A CG1 1 
ATOM   202 C  CG2 . ILE A 1 40  ? -0.821  6.427   -6.764  1.00 11.32 ? 23  ILE A CG2 1 
ATOM   203 C  CD1 . ILE A 1 40  ? -1.589  5.943   -9.715  1.00 11.67 ? 23  ILE A CD1 1 
ATOM   204 N  N   . ALA A 1 41  ? 2.107   8.440   -6.615  1.00 12.50 ? 24  ALA A N   1 
ATOM   205 C  CA  . ALA A 1 41  ? 2.455   9.109   -5.345  1.00 13.21 ? 24  ALA A CA  1 
ATOM   206 C  C   . ALA A 1 41  ? 2.137   10.628  -5.300  1.00 13.72 ? 24  ALA A C   1 
ATOM   207 O  O   . ALA A 1 41  ? 1.571   11.095  -4.332  1.00 13.80 ? 24  ALA A O   1 
ATOM   208 C  CB  . ALA A 1 41  ? 3.925   8.859   -4.961  1.00 12.62 ? 24  ALA A CB  1 
ATOM   209 N  N   . PRO A 1 42  ? 2.508   11.391  -6.346  1.00 15.15 ? 25  PRO A N   1 
ATOM   210 C  CA  . PRO A 1 42  ? 2.202   12.835  -6.296  1.00 16.06 ? 25  PRO A CA  1 
ATOM   211 C  C   . PRO A 1 42  ? 0.685   13.136  -6.187  1.00 15.86 ? 25  PRO A C   1 
ATOM   212 O  O   . PRO A 1 42  ? 0.288   14.046  -5.441  1.00 16.22 ? 25  PRO A O   1 
ATOM   213 C  CB  . PRO A 1 42  ? 2.772   13.367  -7.621  1.00 16.89 ? 25  PRO A CB  1 
ATOM   214 C  CG  . PRO A 1 42  ? 3.759   12.296  -8.108  1.00 17.49 ? 25  PRO A CG  1 
ATOM   215 C  CD  . PRO A 1 42  ? 3.180   10.997  -7.603  1.00 15.30 ? 25  PRO A CD  1 
ATOM   216 N  N   . GLN A 1 43  ? -0.163  12.380  -6.893  1.00 14.75 ? 26  GLN A N   1 
ATOM   217 C  CA  . GLN A 1 43  ? -1.617  12.601  -6.849  1.00 15.08 ? 26  GLN A CA  1 
ATOM   218 C  C   . GLN A 1 43  ? -2.229  12.048  -5.576  1.00 13.93 ? 26  GLN A C   1 
ATOM   219 O  O   . GLN A 1 43  ? -3.239  12.546  -5.093  1.00 13.70 ? 26  GLN A O   1 
ATOM   220 C  CB  . GLN A 1 43  ? -2.316  11.854  -8.007  1.00 16.32 ? 26  GLN A CB  1 
ATOM   221 C  CG  . GLN A 1 43  ? -1.645  12.004  -9.328  1.00 19.07 ? 26  GLN A CG  1 
ATOM   222 C  CD  . GLN A 1 43  ? -2.318  11.167  -10.400 1.00 21.21 ? 26  GLN A CD  1 
ATOM   223 O  OE1 . GLN A 1 43  ? -1.883  10.034  -10.704 1.00 20.17 ? 26  GLN A OE1 1 
ATOM   224 N  NE2 . GLN A 1 43  ? -3.385  11.713  -10.981 1.00 17.88 ? 26  GLN A NE2 1 
ATOM   225 N  N   . TYR A 1 44  ? -1.628  10.985  -5.050  1.00 11.94 ? 27  TYR A N   1 
ATOM   226 C  CA  . TYR A 1 44  ? -2.275  10.175  -4.040  1.00 12.01 ? 27  TYR A CA  1 
ATOM   227 C  C   . TYR A 1 44  ? -2.899  10.929  -2.837  1.00 11.57 ? 27  TYR A C   1 
ATOM   228 O  O   . TYR A 1 44  ? -4.092  10.791  -2.581  1.00 12.39 ? 27  TYR A O   1 
ATOM   229 C  CB  . TYR A 1 44  ? -1.319  9.035   -3.597  1.00 11.78 ? 27  TYR A CB  1 
ATOM   230 C  CG  . TYR A 1 44  ? -2.024  8.003   -2.771  1.00 11.76 ? 27  TYR A CG  1 
ATOM   231 C  CD1 . TYR A 1 44  ? -2.795  7.007   -3.372  1.00 14.81 ? 27  TYR A CD1 1 
ATOM   232 C  CD2 . TYR A 1 44  ? -1.932  8.022   -1.375  1.00 12.28 ? 27  TYR A CD2 1 
ATOM   233 C  CE1 . TYR A 1 44  ? -3.462  6.054   -2.611  1.00 13.17 ? 27  TYR A CE1 1 
ATOM   234 C  CE2 . TYR A 1 44  ? -2.586  7.089   -0.602  1.00 12.73 ? 27  TYR A CE2 1 
ATOM   235 C  CZ  . TYR A 1 44  ? -3.349  6.093   -1.218  1.00 12.36 ? 27  TYR A CZ  1 
ATOM   236 O  OH  . TYR A 1 44  ? -4.011  5.153   -0.455  1.00 13.73 ? 27  TYR A OH  1 
ATOM   237 N  N   . PRO A 1 45  ? -2.112  11.736  -2.097  1.00 12.11 ? 28  PRO A N   1 
ATOM   238 C  CA  . PRO A 1 45  ? -2.736  12.398  -0.937  1.00 11.80 ? 28  PRO A CA  1 
ATOM   239 C  C   . PRO A 1 45  ? -3.734  13.506  -1.300  1.00 12.24 ? 28  PRO A C   1 
ATOM   240 O  O   . PRO A 1 45  ? -4.398  14.046  -0.417  1.00 11.92 ? 28  PRO A O   1 
ATOM   241 C  CB  . PRO A 1 45  ? -1.522  12.977  -0.179  1.00 11.72 ? 28  PRO A CB  1 
ATOM   242 C  CG  . PRO A 1 45  ? -0.521  13.252  -1.237  1.00 13.56 ? 28  PRO A CG  1 
ATOM   243 C  CD  . PRO A 1 45  ? -0.673  12.074  -2.201  1.00 12.62 ? 28  PRO A CD  1 
ATOM   244 N  N   . LEU A 1 46  ? -3.838  13.819  -2.586  1.00 12.45 ? 29  LEU A N   1 
ATOM   245 C  CA  . LEU A 1 46  ? -4.742  14.850  -3.077  1.00 13.46 ? 29  LEU A CA  1 
ATOM   246 C  C   . LEU A 1 46  ? -6.081  14.310  -3.564  1.00 14.50 ? 29  LEU A C   1 
ATOM   247 O  O   . LEU A 1 46  ? -6.966  15.088  -3.966  1.00 15.95 ? 29  LEU A O   1 
ATOM   248 C  CB  . LEU A 1 46  ? -4.048  15.617  -4.204  1.00 13.16 ? 29  LEU A CB  1 
ATOM   249 C  CG  . LEU A 1 46  ? -2.662  16.143  -3.814  1.00 13.65 ? 29  LEU A CG  1 
ATOM   250 C  CD1 . LEU A 1 46  ? -2.004  16.796  -5.024  1.00 13.04 ? 29  LEU A CD1 1 
ATOM   251 C  CD2 . LEU A 1 46  ? -2.729  17.097  -2.645  1.00 14.99 ? 29  LEU A CD2 1 
ATOM   252 N  N   . THR A 1 47  ? -6.224  12.988  -3.520  1.00 15.81 ? 30  THR A N   1 
ATOM   253 C  CA  . THR A 1 47  ? -7.433  12.282  -3.956  1.00 17.31 ? 30  THR A CA  1 
ATOM   254 C  C   . THR A 1 47  ? -8.242  11.801  -2.757  1.00 18.19 ? 30  THR A C   1 
ATOM   255 O  O   . THR A 1 47  ? -7.711  11.613  -1.655  1.00 16.60 ? 30  THR A O   1 
ATOM   256 C  CB  . THR A 1 47  ? -7.084  11.040  -4.820  1.00 17.13 ? 30  THR A CB  1 
ATOM   257 O  OG1 . THR A 1 47  ? -6.376  10.084  -4.022  1.00 18.65 ? 30  THR A OG1 1 
ATOM   258 C  CG2 . THR A 1 47  ? -6.223  11.407  -6.014  1.00 18.33 ? 30  THR A CG2 1 
ATOM   259 N  N   . ASP A 1 48  ? -9.538  11.582  -2.969  1.00 19.79 ? 31  ASP A N   1 
ATOM   260 C  CA  . ASP A 1 48  ? -10.376 10.987  -1.929  1.00 21.25 ? 31  ASP A CA  1 
ATOM   261 C  C   . ASP A 1 48  ? -9.820  9.648   -1.411  1.00 22.01 ? 31  ASP A C   1 
ATOM   262 O  O   . ASP A 1 48  ? -9.802  9.412   -0.201  1.00 20.86 ? 31  ASP A O   1 
ATOM   263 C  CB  . ASP A 1 48  ? -11.793 10.756  -2.452  1.00 22.29 ? 31  ASP A CB  1 
ATOM   264 C  CG  . ASP A 1 48  ? -12.530 12.024  -2.743  1.00 24.57 ? 31  ASP A CG  1 
ATOM   265 O  OD1 . ASP A 1 48  ? -11.976 13.122  -2.595  1.00 27.37 ? 31  ASP A OD1 1 
ATOM   266 O  OD2 . ASP A 1 48  ? -13.700 11.916  -3.141  1.00 30.57 ? 31  ASP A OD2 1 
ATOM   267 N  N   . GLU A 1 49  ? -9.372  8.777   -2.318  1.00 22.45 ? 32  GLU A N   1 
ATOM   268 C  CA  A GLU A 1 49  ? -8.811  7.476   -1.931  0.50 23.30 ? 32  GLU A CA  1 
ATOM   269 C  CA  B GLU A 1 49  ? -8.787  7.479   -1.900  0.50 23.48 ? 32  GLU A CA  1 
ATOM   270 C  C   . GLU A 1 49  ? -7.572  7.636   -1.063  1.00 23.96 ? 32  GLU A C   1 
ATOM   271 O  O   . GLU A 1 49  ? -7.431  6.984   -0.033  1.00 23.94 ? 32  GLU A O   1 
ATOM   272 C  CB  A GLU A 1 49  ? -8.513  6.614   -3.172  0.50 23.46 ? 32  GLU A CB  1 
ATOM   273 C  CB  B GLU A 1 49  ? -8.359  6.624   -3.076  0.50 23.81 ? 32  GLU A CB  1 
ATOM   274 C  CG  A GLU A 1 49  ? -9.701  5.781   -3.641  0.50 23.22 ? 32  GLU A CG  1 
ATOM   275 C  CG  B GLU A 1 49  ? -9.459  5.888   -3.694  0.50 24.47 ? 32  GLU A CG  1 
ATOM   276 C  CD  A GLU A 1 49  ? -9.422  4.985   -4.939  0.50 23.87 ? 32  GLU A CD  1 
ATOM   277 C  CD  B GLU A 1 49  ? -9.971  6.626   -4.887  0.50 26.28 ? 32  GLU A CD  1 
ATOM   278 O  OE1 A GLU A 1 49  ? -8.929  3.841   -4.866  0.50 19.29 ? 32  GLU A OE1 1 
ATOM   279 O  OE1 B GLU A 1 49  ? -9.610  7.837   -5.008  0.50 25.36 ? 32  GLU A OE1 1 
ATOM   280 O  OE2 A GLU A 1 49  ? -9.744  5.509   -6.052  0.50 23.76 ? 32  GLU A OE2 1 
ATOM   281 O  OE2 B GLU A 1 49  ? -10.711 5.973   -5.718  0.50 26.94 ? 32  GLU A OE2 1 
ATOM   282 N  N   . GLY A 1 50  ? -6.673  8.495   -1.512  1.00 24.40 ? 33  GLY A N   1 
ATOM   283 C  CA  . GLY A 1 50  ? -5.452  8.719   -0.810  1.00 24.53 ? 33  GLY A CA  1 
ATOM   284 C  C   . GLY A 1 50  ? -5.721  9.251   0.552   1.00 25.23 ? 33  GLY A C   1 
ATOM   285 O  O   . GLY A 1 50  ? -5.002  8.938   1.494   1.00 26.61 ? 33  GLY A O   1 
ATOM   286 N  N   . ARG A 1 51  ? -6.759  10.066  0.672   1.00 23.85 ? 34  ARG A N   1 
ATOM   287 C  CA  . ARG A 1 51  ? -7.087  10.667  1.952   1.00 23.28 ? 34  ARG A CA  1 
ATOM   288 C  C   . ARG A 1 51  ? -7.781  9.659   2.888   1.00 22.47 ? 34  ARG A C   1 
ATOM   289 O  O   . ARG A 1 51  ? -7.668  9.750   4.114   1.00 22.12 ? 34  ARG A O   1 
ATOM   290 C  CB  . ARG A 1 51  ? -7.925  11.926  1.714   1.00 23.97 ? 34  ARG A CB  1 
ATOM   291 C  CG  . ARG A 1 51  ? -7.076  13.053  1.065   1.00 26.85 ? 34  ARG A CG  1 
ATOM   292 C  CD  . ARG A 1 51  ? -7.874  14.195  0.458   1.00 31.21 ? 34  ARG A CD  1 
ATOM   293 N  NE  . ARG A 1 51  ? -8.964  14.610  1.343   1.00 36.33 ? 34  ARG A NE  1 
ATOM   294 C  CZ  . ARG A 1 51  ? -10.241 14.741  0.975   1.00 38.86 ? 34  ARG A CZ  1 
ATOM   295 N  NH1 . ARG A 1 51  ? -10.617 14.538  -0.291  1.00 39.56 ? 34  ARG A NH1 1 
ATOM   296 N  NH2 . ARG A 1 51  ? -11.144 15.121  1.875   1.00 41.08 ? 34  ARG A NH2 1 
ATOM   297 N  N   . ALA A 1 52  ? -8.474  8.689   2.296   1.00 21.22 ? 35  ALA A N   1 
ATOM   298 C  CA  . ALA A 1 52  ? -9.134  7.633   3.049   1.00 20.46 ? 35  ALA A CA  1 
ATOM   299 C  C   . ALA A 1 52  ? -8.091  6.653   3.619   1.00 19.57 ? 35  ALA A C   1 
ATOM   300 O  O   . ALA A 1 52  ? -8.284  6.101   4.693   1.00 20.51 ? 35  ALA A O   1 
ATOM   301 C  CB  . ALA A 1 52  ? -10.121 6.896   2.161   1.00 20.79 ? 35  ALA A CB  1 
ATOM   302 N  N   . ALA A 1 53  ? -6.998  6.453   2.893   1.00 16.97 ? 36  ALA A N   1 
ATOM   303 C  CA  . ALA A 1 53  ? -5.959  5.503   3.291   1.00 15.71 ? 36  ALA A CA  1 
ATOM   304 C  C   . ALA A 1 53  ? -4.564  6.066   3.046   1.00 14.71 ? 36  ALA A C   1 
ATOM   305 O  O   . ALA A 1 53  ? -3.911  5.700   2.077   1.00 14.36 ? 36  ALA A O   1 
ATOM   306 C  CB  . ALA A 1 53  ? -6.150  4.177   2.543   1.00 15.52 ? 36  ALA A CB  1 
ATOM   307 N  N   . PRO A 1 54  ? -4.083  6.948   3.940   1.00 14.41 ? 37  PRO A N   1 
ATOM   308 C  CA  . PRO A 1 54  ? -2.774  7.564   3.755   1.00 14.05 ? 37  PRO A CA  1 
ATOM   309 C  C   . PRO A 1 54  ? -1.640  6.527   3.609   1.00 13.70 ? 37  PRO A C   1 
ATOM   310 O  O   . PRO A 1 54  ? -1.610  5.525   4.348   1.00 13.17 ? 37  PRO A O   1 
ATOM   311 C  CB  . PRO A 1 54  ? -2.592  8.383   5.046   1.00 14.33 ? 37  PRO A CB  1 
ATOM   312 C  CG  . PRO A 1 54  ? -3.946  8.674   5.491   1.00 15.93 ? 37  PRO A CG  1 
ATOM   313 C  CD  . PRO A 1 54  ? -4.728  7.422   5.181   1.00 15.46 ? 37  PRO A CD  1 
ATOM   314 N  N   . VAL A 1 55  ? -0.724  6.772   2.680   1.00 13.87 ? 38  VAL A N   1 
ATOM   315 C  CA  . VAL A 1 55  ? 0.364   5.829   2.381   1.00 15.63 ? 38  VAL A CA  1 
ATOM   316 C  C   . VAL A 1 55  ? 1.561   6.025   3.317   1.00 16.18 ? 38  VAL A C   1 
ATOM   317 O  O   . VAL A 1 55  ? 1.864   7.158   3.728   1.00 16.30 ? 38  VAL A O   1 
ATOM   318 C  CB  . VAL A 1 55  ? 0.795   5.885   0.872   1.00 16.02 ? 38  VAL A CB  1 
ATOM   319 C  CG1 . VAL A 1 55  ? 1.387   7.249   0.504   1.00 18.02 ? 38  VAL A CG1 1 
ATOM   320 C  CG2 . VAL A 1 55  ? 1.779   4.781   0.512   1.00 18.32 ? 38  VAL A CG2 1 
ATOM   321 N  N   . GLN A 1 56  ? 2.186   4.907   3.680   1.00 16.31 ? 39  GLN A N   1 
ATOM   322 C  CA  A GLN A 1 56  ? 3.427   4.907   4.450   0.50 16.77 ? 39  GLN A CA  1 
ATOM   323 C  CA  B GLN A 1 56  ? 3.415   4.875   4.489   0.50 17.08 ? 39  GLN A CA  1 
ATOM   324 C  C   . GLN A 1 56  ? 4.359   3.883   3.793   1.00 16.71 ? 39  GLN A C   1 
ATOM   325 O  O   . GLN A 1 56  ? 3.976   2.734   3.557   1.00 17.31 ? 39  GLN A O   1 
ATOM   326 C  CB  A GLN A 1 56  ? 3.154   4.545   5.912   0.50 17.26 ? 39  GLN A CB  1 
ATOM   327 C  CB  B GLN A 1 56  ? 3.100   4.411   5.925   0.50 17.64 ? 39  GLN A CB  1 
ATOM   328 C  CG  A GLN A 1 56  ? 1.840   5.123   6.517   0.50 18.73 ? 39  GLN A CG  1 
ATOM   329 C  CG  B GLN A 1 56  ? 2.981   5.546   6.995   0.50 20.88 ? 39  GLN A CG  1 
ATOM   330 C  CD  A GLN A 1 56  ? 1.814   6.654   6.722   0.50 20.44 ? 39  GLN A CD  1 
ATOM   331 C  CD  B GLN A 1 56  ? 1.891   5.281   8.036   0.50 23.44 ? 39  GLN A CD  1 
ATOM   332 O  OE1 A GLN A 1 56  ? 2.855   7.329   6.837   0.50 19.02 ? 39  GLN A OE1 1 
ATOM   333 O  OE1 B GLN A 1 56  ? 0.702   5.490   7.771   0.50 27.02 ? 39  GLN A OE1 1 
ATOM   334 N  NE2 A GLN A 1 56  ? 0.594   7.201   6.782   0.50 21.08 ? 39  GLN A NE2 1 
ATOM   335 N  NE2 B GLN A 1 56  ? 2.292   4.835   9.228   0.50 24.04 ? 39  GLN A NE2 1 
ATOM   336 N  N   . ARG A 1 57  ? 5.570   4.303   3.441   1.00 15.79 ? 40  ARG A N   1 
ATOM   337 C  CA  . ARG A 1 57  ? 6.492   3.396   2.793   1.00 15.80 ? 40  ARG A CA  1 
ATOM   338 C  C   . ARG A 1 57  ? 7.337   2.656   3.819   1.00 15.53 ? 40  ARG A C   1 
ATOM   339 O  O   . ARG A 1 57  ? 7.720   3.231   4.852   1.00 14.97 ? 40  ARG A O   1 
ATOM   340 C  CB  . ARG A 1 57  ? 7.431   4.158   1.869   1.00 16.58 ? 40  ARG A CB  1 
ATOM   341 C  CG  . ARG A 1 57  ? 6.744   4.867   0.714   1.00 16.80 ? 40  ARG A CG  1 
ATOM   342 C  CD  . ARG A 1 57  ? 7.809   5.456   -0.202  1.00 22.13 ? 40  ARG A CD  1 
ATOM   343 N  NE  . ARG A 1 57  ? 7.263   6.024   -1.440  1.00 20.03 ? 40  ARG A NE  1 
ATOM   344 C  CZ  . ARG A 1 57  ? 6.559   7.144   -1.434  1.00 22.06 ? 40  ARG A CZ  1 
ATOM   345 N  NH1 . ARG A 1 57  ? 6.325   7.733   -0.267  1.00 20.63 ? 40  ARG A NH1 1 
ATOM   346 N  NH2 . ARG A 1 57  ? 6.083   7.669   -2.567  1.00 20.06 ? 40  ARG A NH2 1 
ATOM   347 N  N   . LEU A 1 58  ? 7.669   1.410   3.503   1.00 14.03 ? 41  LEU A N   1 
ATOM   348 C  CA  . LEU A 1 58  ? 8.539   0.598   4.337   1.00 13.57 ? 41  LEU A CA  1 
ATOM   349 C  C   . LEU A 1 58  ? 9.380   -0.244  3.405   1.00 13.72 ? 41  LEU A C   1 
ATOM   350 O  O   . LEU A 1 58  ? 9.022   -0.430  2.241   1.00 14.76 ? 41  LEU A O   1 
ATOM   351 C  CB  . LEU A 1 58  ? 7.720   -0.330  5.252   1.00 13.08 ? 41  LEU A CB  1 
ATOM   352 C  CG  . LEU A 1 58  ? 6.775   0.313   6.265   1.00 14.17 ? 41  LEU A CG  1 
ATOM   353 C  CD1 . LEU A 1 58  ? 5.863   -0.747  6.869   1.00 15.69 ? 41  LEU A CD1 1 
ATOM   354 C  CD2 . LEU A 1 58  ? 7.576   1.034   7.377   1.00 13.15 ? 41  LEU A CD2 1 
ATOM   355 N  N   . GLN A 1 59  ? 10.498  -0.748  3.928   1.00 13.31 ? 42  GLN A N   1 
ATOM   356 C  CA  . GLN A 1 59  ? 11.375  -1.610  3.184   1.00 13.73 ? 42  GLN A CA  1 
ATOM   357 C  C   . GLN A 1 59  ? 10.982  -3.043  3.447   1.00 13.76 ? 42  GLN A C   1 
ATOM   358 O  O   . GLN A 1 59  ? 10.800  -3.450  4.600   1.00 12.74 ? 42  GLN A O   1 
ATOM   359 C  CB  . GLN A 1 59  ? 12.835  -1.406  3.616   1.00 14.56 ? 42  GLN A CB  1 
ATOM   360 C  CG  . GLN A 1 59  ? 13.408  -0.066  3.200   1.00 17.83 ? 42  GLN A CG  1 
ATOM   361 C  CD  . GLN A 1 59  ? 13.610  -0.034  1.716   1.00 21.90 ? 42  GLN A CD  1 
ATOM   362 O  OE1 . GLN A 1 59  ? 14.218  -0.944  1.148   1.00 22.90 ? 42  GLN A OE1 1 
ATOM   363 N  NE2 . GLN A 1 59  ? 13.059  0.972   1.069   1.00 24.36 ? 42  GLN A NE2 1 
HETATM 364 N  N   . MSE A 1 60  ? 10.872  -3.822  2.372   1.00 13.81 ? 43  MSE A N   1 
HETATM 365 C  CA  . MSE A 1 60  ? 10.474  -5.219  2.490   1.00 14.63 ? 43  MSE A CA  1 
HETATM 366 C  C   . MSE A 1 60  ? 11.371  -6.005  3.446   1.00 15.26 ? 43  MSE A C   1 
HETATM 367 O  O   . MSE A 1 60  ? 10.879  -6.863  4.183   1.00 15.18 ? 43  MSE A O   1 
HETATM 368 C  CB  . MSE A 1 60  ? 10.526  -5.917  1.122   1.00 13.35 ? 43  MSE A CB  1 
HETATM 369 C  CG  . MSE A 1 60  ? 10.259  -7.426  1.254   1.00 15.63 ? 43  MSE A CG  1 
HETATM 370 SE SE  . MSE A 1 60  ? 10.206  -8.305  -0.506  1.00 22.29 ? 43  MSE A SE  1 
HETATM 371 C  CE  . MSE A 1 60  ? 12.064  -8.125  -0.981  1.00 16.27 ? 43  MSE A CE  1 
ATOM   372 N  N   . ARG A 1 61  ? 12.673  -5.730  3.440   1.00 15.93 ? 44  ARG A N   1 
ATOM   373 C  CA  . ARG A 1 61  ? 13.576  -6.545  4.266   1.00 17.72 ? 44  ARG A CA  1 
ATOM   374 C  C   . ARG A 1 61  ? 13.768  -6.083  5.713   1.00 16.95 ? 44  ARG A C   1 
ATOM   375 O  O   . ARG A 1 61  ? 14.402  -6.778  6.508   1.00 17.13 ? 44  ARG A O   1 
ATOM   376 C  CB  . ARG A 1 61  ? 14.911  -6.799  3.551   1.00 19.23 ? 44  ARG A CB  1 
ATOM   377 C  CG  . ARG A 1 61  ? 14.696  -7.581  2.208   1.00 23.77 ? 44  ARG A CG  1 
ATOM   378 C  CD  . ARG A 1 61  ? 16.000  -8.113  1.616   1.00 27.25 ? 44  ARG A CD  1 
ATOM   379 N  NE  . ARG A 1 61  ? 15.750  -9.027  0.497   1.00 31.62 ? 44  ARG A NE  1 
ATOM   380 C  CZ  . ARG A 1 61  ? 15.521  -8.635  -0.753  1.00 32.96 ? 44  ARG A CZ  1 
ATOM   381 N  NH1 . ARG A 1 61  ? 15.500  -7.337  -1.051  1.00 33.27 ? 44  ARG A NH1 1 
ATOM   382 N  NH2 . ARG A 1 61  ? 15.305  -9.542  -1.700  1.00 32.20 ? 44  ARG A NH2 1 
ATOM   383 N  N   . ASP A 1 62  ? 13.181  -4.948  6.073   1.00 15.75 ? 45  ASP A N   1 
ATOM   384 C  CA  . ASP A 1 62  ? 13.252  -4.476  7.459   1.00 15.40 ? 45  ASP A CA  1 
ATOM   385 C  C   . ASP A 1 62  ? 12.267  -5.209  8.363   1.00 15.52 ? 45  ASP A C   1 
ATOM   386 O  O   . ASP A 1 62  ? 11.239  -5.706  7.899   1.00 15.21 ? 45  ASP A O   1 
ATOM   387 C  CB  . ASP A 1 62  ? 12.938  -2.978  7.559   1.00 14.25 ? 45  ASP A CB  1 
ATOM   388 C  CG  . ASP A 1 62  ? 14.045  -2.095  7.047   1.00 14.95 ? 45  ASP A CG  1 
ATOM   389 O  OD1 . ASP A 1 62  ? 15.160  -2.579  6.771   1.00 16.06 ? 45  ASP A OD1 1 
ATOM   390 O  OD2 . ASP A 1 62  ? 13.779  -0.878  6.913   1.00 16.70 ? 45  ASP A OD2 1 
ATOM   391 N  N   . PRO A 1 63  ? 12.563  -5.261  9.673   1.00 15.79 ? 46  PRO A N   1 
ATOM   392 C  CA  . PRO A 1 63  ? 11.557  -5.660  10.642  1.00 16.19 ? 46  PRO A CA  1 
ATOM   393 C  C   . PRO A 1 63  ? 10.360  -4.727  10.545  1.00 16.38 ? 46  PRO A C   1 
ATOM   394 O  O   . PRO A 1 63  ? 10.517  -3.554  10.203  1.00 16.18 ? 46  PRO A O   1 
ATOM   395 C  CB  . PRO A 1 63  ? 12.262  -5.447  12.006  1.00 15.61 ? 46  PRO A CB  1 
ATOM   396 C  CG  . PRO A 1 63  ? 13.664  -5.420  11.727  1.00 15.77 ? 46  PRO A CG  1 
ATOM   397 C  CD  . PRO A 1 63  ? 13.860  -4.964  10.312  1.00 16.30 ? 46  PRO A CD  1 
ATOM   398 N  N   . LEU A 1 64  ? 9.164   -5.241  10.817  1.00 16.90 ? 47  LEU A N   1 
ATOM   399 C  CA  . LEU A 1 64  ? 7.947   -4.424  10.763  1.00 18.81 ? 47  LEU A CA  1 
ATOM   400 C  C   . LEU A 1 64  ? 7.887   -3.405  11.896  1.00 20.35 ? 47  LEU A C   1 
ATOM   401 O  O   . LEU A 1 64  ? 8.419   -3.682  12.970  1.00 21.22 ? 47  LEU A O   1 
ATOM   402 C  CB  . LEU A 1 64  ? 6.716   -5.334  10.812  1.00 18.54 ? 47  LEU A CB  1 
ATOM   403 C  CG  . LEU A 1 64  ? 6.481   -6.161  9.546   1.00 19.55 ? 47  LEU A CG  1 
ATOM   404 C  CD1 . LEU A 1 64  ? 5.396   -7.193  9.832   1.00 20.38 ? 47  LEU A CD1 1 
ATOM   405 C  CD2 . LEU A 1 64  ? 6.059   -5.220  8.411   1.00 18.74 ? 47  LEU A CD2 1 
ATOM   406 N  N   . PRO A 1 65  ? 7.239   -2.231  11.674  1.00 21.50 ? 48  PRO A N   1 
ATOM   407 C  CA  . PRO A 1 65  ? 7.011   -1.343  12.811  1.00 22.84 ? 48  PRO A CA  1 
ATOM   408 C  C   . PRO A 1 65  ? 6.251   -2.114  13.906  1.00 24.12 ? 48  PRO A C   1 
ATOM   409 O  O   . PRO A 1 65  ? 5.405   -2.973  13.606  1.00 24.16 ? 48  PRO A O   1 
ATOM   410 C  CB  . PRO A 1 65  ? 6.144   -0.221  12.231  1.00 22.69 ? 48  PRO A CB  1 
ATOM   411 C  CG  . PRO A 1 65  ? 6.396   -0.229  10.787  1.00 22.86 ? 48  PRO A CG  1 
ATOM   412 C  CD  . PRO A 1 65  ? 6.669   -1.683  10.430  1.00 21.27 ? 48  PRO A CD  1 
ATOM   413 N  N   . PRO A 1 66  ? 6.597   -1.880  15.172  1.00 24.95 ? 49  PRO A N   1 
ATOM   414 C  CA  . PRO A 1 66  ? 5.912   -2.593  16.251  1.00 25.54 ? 49  PRO A CA  1 
ATOM   415 C  C   . PRO A 1 66  ? 4.375   -2.482  16.208  1.00 25.00 ? 49  PRO A C   1 
ATOM   416 O  O   . PRO A 1 66  ? 3.828   -1.427  15.847  1.00 26.50 ? 49  PRO A O   1 
ATOM   417 C  CB  . PRO A 1 66  ? 6.470   -1.914  17.510  1.00 26.01 ? 49  PRO A CB  1 
ATOM   418 C  CG  . PRO A 1 66  ? 7.847   -1.509  17.092  1.00 25.80 ? 49  PRO A CG  1 
ATOM   419 C  CD  . PRO A 1 66  ? 7.679   -1.017  15.684  1.00 25.72 ? 49  PRO A CD  1 
ATOM   420 N  N   . GLY A 1 67  ? 3.701   -3.578  16.544  1.00 25.36 ? 50  GLY A N   1 
ATOM   421 C  CA  . GLY A 1 67  ? 2.232   -3.610  16.644  1.00 24.75 ? 50  GLY A CA  1 
ATOM   422 C  C   . GLY A 1 67  ? 1.489   -3.951  15.358  1.00 23.65 ? 50  GLY A C   1 
ATOM   423 O  O   . GLY A 1 67  ? 0.275   -4.185  15.375  1.00 24.58 ? 50  GLY A O   1 
ATOM   424 N  N   . LEU A 1 68  ? 2.215   -3.979  14.244  1.00 21.89 ? 51  LEU A N   1 
ATOM   425 C  CA  A LEU A 1 68  ? 1.612   -4.136  12.920  0.50 20.57 ? 51  LEU A CA  1 
ATOM   426 C  CA  B LEU A 1 68  ? 1.609   -4.129  12.936  0.50 20.80 ? 51  LEU A CA  1 
ATOM   427 C  C   . LEU A 1 68  ? 1.435   -5.615  12.606  1.00 19.91 ? 51  LEU A C   1 
ATOM   428 O  O   . LEU A 1 68  ? 2.395   -6.379  12.636  1.00 20.02 ? 51  LEU A O   1 
ATOM   429 C  CB  A LEU A 1 68  ? 2.487   -3.453  11.851  0.50 20.58 ? 51  LEU A CB  1 
ATOM   430 C  CB  B LEU A 1 68  ? 2.497   -3.404  11.927  0.50 21.11 ? 51  LEU A CB  1 
ATOM   431 C  CG  A LEU A 1 68  ? 2.026   -2.257  11.006  0.50 21.27 ? 51  LEU A CG  1 
ATOM   432 C  CG  B LEU A 1 68  ? 2.040   -3.141  10.512  0.50 22.49 ? 51  LEU A CG  1 
ATOM   433 C  CD1 A LEU A 1 68  ? 1.279   -1.186  11.757  0.50 20.00 ? 51  LEU A CD1 1 
ATOM   434 C  CD1 B LEU A 1 68  ? 2.405   -1.693  10.152  0.50 23.73 ? 51  LEU A CD1 1 
ATOM   435 C  CD2 A LEU A 1 68  ? 3.206   -1.646  10.258  0.50 19.81 ? 51  LEU A CD2 1 
ATOM   436 C  CD2 B LEU A 1 68  ? 2.690   -4.143  9.574   0.50 23.42 ? 51  LEU A CD2 1 
ATOM   437 N  N   . GLU A 1 69  ? 0.206   -6.031  12.317  1.00 17.86 ? 52  GLU A N   1 
ATOM   438 C  CA  . GLU A 1 69  ? -0.071  -7.454  12.095  1.00 17.13 ? 52  GLU A CA  1 
ATOM   439 C  C   . GLU A 1 69  ? -0.421  -7.722  10.621  1.00 15.48 ? 52  GLU A C   1 
ATOM   440 O  O   . GLU A 1 69  ? -1.489  -7.312  10.151  1.00 14.36 ? 52  GLU A O   1 
ATOM   441 C  CB  . GLU A 1 69  ? -1.230  -7.925  12.983  1.00 17.52 ? 52  GLU A CB  1 
ATOM   442 C  CG  . GLU A 1 69  ? -1.143  -7.444  14.434  1.00 21.90 ? 52  GLU A CG  1 
ATOM   443 C  CD  . GLU A 1 69  ? -0.088  -8.192  15.220  1.00 29.23 ? 52  GLU A CD  1 
ATOM   444 O  OE1 . GLU A 1 69  ? 0.111   -9.395  14.956  1.00 31.72 ? 52  GLU A OE1 1 
ATOM   445 O  OE2 . GLU A 1 69  ? 0.543   -7.583  16.112  1.00 34.42 ? 52  GLU A OE2 1 
ATOM   446 N  N   . LEU A 1 70  ? 0.485   -8.387  9.912   1.00 13.40 ? 53  LEU A N   1 
ATOM   447 C  CA  . LEU A 1 70  ? 0.222   -8.813  8.538   1.00 13.52 ? 53  LEU A CA  1 
ATOM   448 C  C   . LEU A 1 70  ? -0.316  -10.240 8.439   1.00 13.02 ? 53  LEU A C   1 
ATOM   449 O  O   . LEU A 1 70  ? 0.059   -11.114 9.242   1.00 12.23 ? 53  LEU A O   1 
ATOM   450 C  CB  . LEU A 1 70  ? 1.491   -8.727  7.684   1.00 13.79 ? 53  LEU A CB  1 
ATOM   451 C  CG  . LEU A 1 70  ? 2.215   -7.382  7.542   1.00 16.02 ? 53  LEU A CG  1 
ATOM   452 C  CD1 . LEU A 1 70  ? 3.379   -7.500  6.579   1.00 16.25 ? 53  LEU A CD1 1 
ATOM   453 C  CD2 . LEU A 1 70  ? 1.270   -6.283  7.069   1.00 18.55 ? 53  LEU A CD2 1 
ATOM   454 N  N   . ALA A 1 71  ? -1.111  -10.490 7.394   1.00 12.81 ? 54  ALA A N   1 
ATOM   455 C  CA  . ALA A 1 71  ? -1.698  -11.827 7.166   1.00 12.71 ? 54  ALA A CA  1 
ATOM   456 C  C   . ALA A 1 71  ? -0.638  -12.844 6.685   1.00 13.63 ? 54  ALA A C   1 
ATOM   457 O  O   . ALA A 1 71  ? -0.764  -14.057 6.897   1.00 14.73 ? 54  ALA A O   1 
ATOM   458 C  CB  . ALA A 1 71  ? -2.806  -11.716 6.149   1.00 12.67 ? 54  ALA A CB  1 
ATOM   459 N  N   . ARG A 1 72  ? 0.383   -12.350 5.983   1.00 12.36 ? 55  ARG A N   1 
ATOM   460 C  CA  . ARG A 1 72  ? 1.442   -13.182 5.453   1.00 12.08 ? 55  ARG A CA  1 
ATOM   461 C  C   . ARG A 1 72  ? 2.623   -12.268 5.152   1.00 11.95 ? 55  ARG A C   1 
ATOM   462 O  O   . ARG A 1 72  ? 2.447   -11.049 5.115   1.00 11.17 ? 55  ARG A O   1 
ATOM   463 C  CB  . ARG A 1 72  ? 0.970   -13.937 4.200   1.00 11.12 ? 55  ARG A CB  1 
ATOM   464 C  CG  . ARG A 1 72  ? 0.350   -13.072 3.116   1.00 14.69 ? 55  ARG A CG  1 
ATOM   465 C  CD  . ARG A 1 72  ? -0.053  -13.986 1.938   1.00 15.70 ? 55  ARG A CD  1 
ATOM   466 N  NE  . ARG A 1 72  ? -0.718  -13.263 0.860   1.00 20.71 ? 55  ARG A NE  1 
ATOM   467 C  CZ  . ARG A 1 72  ? -0.125  -12.862 -0.264  1.00 22.24 ? 55  ARG A CZ  1 
ATOM   468 N  NH1 . ARG A 1 72  ? 1.179   -13.063 -0.464  1.00 23.66 ? 55  ARG A NH1 1 
ATOM   469 N  NH2 . ARG A 1 72  ? -0.841  -12.229 -1.184  1.00 25.58 ? 55  ARG A NH2 1 
ATOM   470 N  N   . PRO A 1 73  ? 3.833   -12.846 4.983   1.00 12.23 ? 56  PRO A N   1 
ATOM   471 C  CA  . PRO A 1 73  ? 4.995   -11.998 4.711   1.00 11.97 ? 56  PRO A CA  1 
ATOM   472 C  C   . PRO A 1 73  ? 4.864   -11.197 3.412   1.00 11.47 ? 56  PRO A C   1 
ATOM   473 O  O   . PRO A 1 73  ? 4.073   -11.548 2.526   1.00 10.70 ? 56  PRO A O   1 
ATOM   474 C  CB  . PRO A 1 73  ? 6.160   -12.984 4.597   1.00 12.52 ? 56  PRO A CB  1 
ATOM   475 C  CG  . PRO A 1 73  ? 5.620   -14.348 4.749   1.00 14.82 ? 56  PRO A CG  1 
ATOM   476 C  CD  . PRO A 1 73  ? 4.194   -14.267 5.184   1.00 12.53 ? 56  PRO A CD  1 
ATOM   477 N  N   . VAL A 1 74  ? 5.606   -10.104 3.323   1.00 11.35 ? 57  VAL A N   1 
ATOM   478 C  CA  . VAL A 1 74  ? 5.706   -9.383  2.043   1.00 12.31 ? 57  VAL A CA  1 
ATOM   479 C  C   . VAL A 1 74  ? 6.832   -10.034 1.236   1.00 13.56 ? 57  VAL A C   1 
ATOM   480 O  O   . VAL A 1 74  ? 7.974   -10.074 1.698   1.00 14.18 ? 57  VAL A O   1 
ATOM   481 C  CB  . VAL A 1 74  ? 6.037   -7.899  2.242   1.00 11.19 ? 57  VAL A CB  1 
ATOM   482 C  CG1 . VAL A 1 74  ? 6.221   -7.202  0.891   1.00 11.07 ? 57  VAL A CG1 1 
ATOM   483 C  CG2 . VAL A 1 74  ? 4.910   -7.242  3.024   1.00 13.73 ? 57  VAL A CG2 1 
ATOM   484 N  N   . THR A 1 75  ? 6.517   -10.522 0.037   1.00 14.70 ? 58  THR A N   1 
ATOM   485 C  CA  . THR A 1 75  ? 7.495   -11.262 -0.741  1.00 16.08 ? 58  THR A CA  1 
ATOM   486 C  C   . THR A 1 75  ? 7.741   -10.641 -2.128  1.00 16.31 ? 58  THR A C   1 
ATOM   487 O  O   . THR A 1 75  ? 8.592   -11.141 -2.900  1.00 17.10 ? 58  THR A O   1 
ATOM   488 C  CB  . THR A 1 75  ? 7.047   -12.721 -0.889  1.00 17.18 ? 58  THR A CB  1 
ATOM   489 O  OG1 . THR A 1 75  ? 5.709   -12.745 -1.399  1.00 20.42 ? 58  THR A OG1 1 
ATOM   490 C  CG2 . THR A 1 75  ? 7.055   -13.424 0.493   1.00 19.83 ? 58  THR A CG2 1 
ATOM   491 N  N   . PHE A 1 76  ? 7.032   -9.551  -2.426  1.00 14.22 ? 59  PHE A N   1 
ATOM   492 C  CA  . PHE A 1 76  ? 7.060   -8.942  -3.747  1.00 14.10 ? 59  PHE A CA  1 
ATOM   493 C  C   . PHE A 1 76  ? 7.053   -7.453  -3.522  1.00 13.49 ? 59  PHE A C   1 
ATOM   494 O  O   . PHE A 1 76  ? 6.414   -6.989  -2.596  1.00 13.83 ? 59  PHE A O   1 
ATOM   495 C  CB  . PHE A 1 76  ? 5.820   -9.333  -4.577  1.00 14.28 ? 59  PHE A CB  1 
ATOM   496 C  CG  . PHE A 1 76  ? 5.882   -8.855  -6.004  1.00 13.27 ? 59  PHE A CG  1 
ATOM   497 C  CD1 . PHE A 1 76  ? 6.456   -9.659  -6.993  1.00 15.68 ? 59  PHE A CD1 1 
ATOM   498 C  CD2 . PHE A 1 76  ? 5.368   -7.604  -6.356  1.00 14.65 ? 59  PHE A CD2 1 
ATOM   499 C  CE1 . PHE A 1 76  ? 6.516   -9.195  -8.335  1.00 16.47 ? 59  PHE A CE1 1 
ATOM   500 C  CE2 . PHE A 1 76  ? 5.423   -7.139  -7.686  1.00 15.22 ? 59  PHE A CE2 1 
ATOM   501 C  CZ  . PHE A 1 76  ? 6.011   -7.929  -8.660  1.00 13.87 ? 59  PHE A CZ  1 
ATOM   502 N  N   . THR A 1 77  ? 7.827   -6.709  -4.306  1.00 13.04 ? 60  THR A N   1 
ATOM   503 C  CA  . THR A 1 77  ? 7.716   -5.247  -4.288  1.00 13.54 ? 60  THR A CA  1 
ATOM   504 C  C   . THR A 1 77  ? 7.395   -4.709  -5.697  1.00 13.95 ? 60  THR A C   1 
ATOM   505 O  O   . THR A 1 77  ? 7.947   -5.204  -6.679  1.00 14.60 ? 60  THR A O   1 
ATOM   506 C  CB  . THR A 1 77  ? 9.012   -4.572  -3.798  1.00 13.20 ? 60  THR A CB  1 
ATOM   507 O  OG1 . THR A 1 77  ? 10.089  -4.917  -4.670  1.00 13.82 ? 60  THR A OG1 1 
ATOM   508 C  CG2 . THR A 1 77  ? 9.362   -5.007  -2.369  1.00 12.97 ? 60  THR A CG2 1 
ATOM   509 N  N   . PRO A 1 78  ? 6.509   -3.694  -5.798  1.00 13.95 ? 61  PRO A N   1 
ATOM   510 C  CA  . PRO A 1 78  ? 5.793   -3.057  -4.689  1.00 13.40 ? 61  PRO A CA  1 
ATOM   511 C  C   . PRO A 1 78  ? 4.629   -3.916  -4.207  1.00 13.63 ? 61  PRO A C   1 
ATOM   512 O  O   . PRO A 1 78  ? 3.952   -4.572  -5.008  1.00 13.70 ? 61  PRO A O   1 
ATOM   513 C  CB  . PRO A 1 78  ? 5.257   -1.753  -5.310  1.00 13.99 ? 61  PRO A CB  1 
ATOM   514 C  CG  . PRO A 1 78  ? 5.095   -2.087  -6.773  1.00 13.80 ? 61  PRO A CG  1 
ATOM   515 C  CD  . PRO A 1 78  ? 6.113   -3.137  -7.114  1.00 13.86 ? 61  PRO A CD  1 
ATOM   516 N  N   . THR A 1 79  ? 4.405   -3.922  -2.900  1.00 12.71 ? 62  THR A N   1 
ATOM   517 C  CA  . THR A 1 79  ? 3.169   -4.499  -2.353  1.00 11.29 ? 62  THR A CA  1 
ATOM   518 C  C   . THR A 1 79  ? 2.490   -3.398  -1.559  1.00 10.98 ? 62  THR A C   1 
ATOM   519 O  O   . THR A 1 79  ? 3.152   -2.681  -0.803  1.00 10.91 ? 62  THR A O   1 
ATOM   520 C  CB  . THR A 1 79  ? 3.464   -5.707  -1.429  1.00 11.67 ? 62  THR A CB  1 
ATOM   521 O  OG1 . THR A 1 79  ? 3.940   -6.802  -2.222  1.00 12.20 ? 62  THR A OG1 1 
ATOM   522 C  CG2 . THR A 1 79  ? 2.199   -6.168  -0.669  1.00 10.84 ? 62  THR A CG2 1 
ATOM   523 N  N   . PHE A 1 80  ? 1.181   -3.283  -1.697  1.00 10.31 ? 63  PHE A N   1 
ATOM   524 C  CA  . PHE A 1 80  ? 0.433   -2.270  -0.967  1.00 10.77 ? 63  PHE A CA  1 
ATOM   525 C  C   . PHE A 1 80  ? -0.502  -2.979  -0.012  1.00 11.00 ? 63  PHE A C   1 
ATOM   526 O  O   . PHE A 1 80  ? -1.372  -3.712  -0.463  1.00 11.88 ? 63  PHE A O   1 
ATOM   527 C  CB  . PHE A 1 80  ? -0.384  -1.407  -1.929  1.00 10.75 ? 63  PHE A CB  1 
ATOM   528 C  CG  . PHE A 1 80  ? 0.452   -0.752  -3.007  1.00 11.37 ? 63  PHE A CG  1 
ATOM   529 C  CD1 . PHE A 1 80  ? 1.011   0.514   -2.781  1.00 11.84 ? 63  PHE A CD1 1 
ATOM   530 C  CD2 . PHE A 1 80  ? 0.681   -1.403  -4.220  1.00 13.23 ? 63  PHE A CD2 1 
ATOM   531 C  CE1 . PHE A 1 80  ? 1.781   1.140   -3.766  1.00 10.44 ? 63  PHE A CE1 1 
ATOM   532 C  CE2 . PHE A 1 80  ? 1.467   -0.799  -5.230  1.00 10.96 ? 63  PHE A CE2 1 
ATOM   533 C  CZ  . PHE A 1 80  ? 2.018   0.480   -4.990  1.00 12.25 ? 63  PHE A CZ  1 
ATOM   534 N  N   . VAL A 1 81  ? -0.305  -2.793  1.289   1.00 10.18 ? 64  VAL A N   1 
ATOM   535 C  CA  . VAL A 1 81  ? -1.139  -3.489  2.254   1.00 9.85  ? 64  VAL A CA  1 
ATOM   536 C  C   . VAL A 1 81  ? -2.096  -2.491  2.901   1.00 10.68 ? 64  VAL A C   1 
ATOM   537 O  O   . VAL A 1 81  ? -1.666  -1.501  3.501   1.00 10.08 ? 64  VAL A O   1 
ATOM   538 C  CB  . VAL A 1 81  ? -0.319  -4.194  3.357   1.00 10.17 ? 64  VAL A CB  1 
ATOM   539 C  CG1 . VAL A 1 81  ? -1.268  -4.910  4.326   1.00 11.44 ? 64  VAL A CG1 1 
ATOM   540 C  CG2 . VAL A 1 81  ? 0.662   -5.201  2.739   1.00 10.66 ? 64  VAL A CG2 1 
ATOM   541 N  N   . LEU A 1 82  ? -3.385  -2.760  2.771   1.00 10.41 ? 65  LEU A N   1 
ATOM   542 C  CA  . LEU A 1 82  ? -4.376  -1.915  3.426   1.00 11.76 ? 65  LEU A CA  1 
ATOM   543 C  C   . LEU A 1 82  ? -4.564  -2.444  4.832   1.00 12.74 ? 65  LEU A C   1 
ATOM   544 O  O   . LEU A 1 82  ? -4.988  -3.597  5.034   1.00 13.24 ? 65  LEU A O   1 
ATOM   545 C  CB  . LEU A 1 82  ? -5.701  -1.904  2.658   1.00 11.65 ? 65  LEU A CB  1 
ATOM   546 C  CG  . LEU A 1 82  ? -6.739  -0.938  3.244   1.00 13.51 ? 65  LEU A CG  1 
ATOM   547 C  CD1 . LEU A 1 82  ? -6.368  0.534   2.954   1.00 12.69 ? 65  LEU A CD1 1 
ATOM   548 C  CD2 . LEU A 1 82  ? -8.132  -1.265  2.727   1.00 14.15 ? 65  LEU A CD2 1 
HETATM 549 N  N   . MSE A 1 83  ? -4.252  -1.580  5.793   1.00 13.04 ? 66  MSE A N   1 
HETATM 550 C  CA  . MSE A 1 83  ? -4.371  -1.872  7.219   1.00 13.68 ? 66  MSE A CA  1 
HETATM 551 C  C   . MSE A 1 83  ? -5.611  -1.202  7.755   1.00 15.05 ? 66  MSE A C   1 
HETATM 552 O  O   . MSE A 1 83  ? -5.879  -0.037  7.449   1.00 15.03 ? 66  MSE A O   1 
HETATM 553 C  CB  . MSE A 1 83  ? -3.186  -1.280  7.978   1.00 12.69 ? 66  MSE A CB  1 
HETATM 554 C  CG  . MSE A 1 83  ? -1.845  -1.633  7.443   1.00 15.10 ? 66  MSE A CG  1 
HETATM 555 SE SE  . MSE A 1 83  ? -1.469  -3.544  7.656   1.00 21.33 ? 66  MSE A SE  1 
HETATM 556 C  CE  . MSE A 1 83  ? -1.339  -3.550  9.593   1.00 17.39 ? 66  MSE A CE  1 
ATOM   557 N  N   . ALA A 1 84  ? -6.348  -1.923  8.586   1.00 16.07 ? 67  ALA A N   1 
ATOM   558 C  CA  . ALA A 1 84  ? -7.444  -1.330  9.347   1.00 17.88 ? 67  ALA A CA  1 
ATOM   559 C  C   . ALA A 1 84  ? -6.964  -1.371  10.788  1.00 19.34 ? 67  ALA A C   1 
ATOM   560 O  O   . ALA A 1 84  ? -6.856  -2.446  11.388  1.00 19.83 ? 67  ALA A O   1 
ATOM   561 C  CB  . ALA A 1 84  ? -8.691  -2.135  9.181   1.00 17.61 ? 67  ALA A CB  1 
ATOM   562 N  N   . GLY A 1 85  ? -6.631  -0.208  11.327  1.00 20.51 ? 68  GLY A N   1 
ATOM   563 C  CA  . GLY A 1 85  ? -5.980  -0.158  12.622  1.00 21.97 ? 68  GLY A CA  1 
ATOM   564 C  C   . GLY A 1 85  ? -4.642  -0.860  12.479  1.00 22.26 ? 68  GLY A C   1 
ATOM   565 O  O   . GLY A 1 85  ? -3.872  -0.570  11.569  1.00 22.59 ? 68  GLY A O   1 
ATOM   566 N  N   . ASP A 1 86  ? -4.356  -1.808  13.354  1.00 22.24 ? 69  ASP A N   1 
ATOM   567 C  CA  . ASP A 1 86  ? -3.025  -2.406  13.280  1.00 22.33 ? 69  ASP A CA  1 
ATOM   568 C  C   . ASP A 1 86  ? -3.003  -3.739  12.532  1.00 19.69 ? 69  ASP A C   1 
ATOM   569 O  O   . ASP A 1 86  ? -2.039  -4.482  12.663  1.00 20.48 ? 69  ASP A O   1 
ATOM   570 C  CB  . ASP A 1 86  ? -2.468  -2.609  14.691  1.00 23.90 ? 69  ASP A CB  1 
ATOM   571 C  CG  . ASP A 1 86  ? -2.310  -1.305  15.456  1.00 29.13 ? 69  ASP A CG  1 
ATOM   572 O  OD1 . ASP A 1 86  ? -1.912  -0.267  14.857  1.00 34.50 ? 69  ASP A OD1 1 
ATOM   573 O  OD2 . ASP A 1 86  ? -2.583  -1.327  16.678  1.00 36.94 ? 69  ASP A OD2 1 
ATOM   574 N  N   . VAL A 1 87  ? -4.055  -4.029  11.762  1.00 17.83 ? 70  VAL A N   1 
ATOM   575 C  CA  A VAL A 1 87  ? -4.201  -5.358  11.160  0.50 16.68 ? 70  VAL A CA  1 
ATOM   576 C  CA  B VAL A 1 87  ? -4.256  -5.361  11.182  0.50 16.31 ? 70  VAL A CA  1 
ATOM   577 C  C   . VAL A 1 87  ? -4.512  -5.290  9.669   1.00 15.73 ? 70  VAL A C   1 
ATOM   578 O  O   . VAL A 1 87  ? -5.351  -4.503  9.218   1.00 14.96 ? 70  VAL A O   1 
ATOM   579 C  CB  A VAL A 1 87  ? -5.233  -6.259  11.914  0.50 17.21 ? 70  VAL A CB  1 
ATOM   580 C  CB  B VAL A 1 87  ? -5.445  -6.056  11.892  0.50 16.76 ? 70  VAL A CB  1 
ATOM   581 C  CG1 A VAL A 1 87  ? -6.671  -5.804  11.691  0.50 17.31 ? 70  VAL A CG1 1 
ATOM   582 C  CG1 B VAL A 1 87  ? -5.718  -7.442  11.324  0.50 15.95 ? 70  VAL A CG1 1 
ATOM   583 C  CG2 A VAL A 1 87  ? -5.081  -7.702  11.492  0.50 17.04 ? 70  VAL A CG2 1 
ATOM   584 C  CG2 B VAL A 1 87  ? -5.192  -6.123  13.397  0.50 15.42 ? 70  VAL A CG2 1 
ATOM   585 N  N   . GLU A 1 88  ? -3.817  -6.126  8.909   1.00 14.09 ? 71  GLU A N   1 
ATOM   586 C  CA  . GLU A 1 88  ? -4.012  -6.182  7.481   1.00 13.63 ? 71  GLU A CA  1 
ATOM   587 C  C   . GLU A 1 88  ? -5.468  -6.504  7.161   1.00 14.23 ? 71  GLU A C   1 
ATOM   588 O  O   . GLU A 1 88  ? -6.027  -7.482  7.688   1.00 14.30 ? 71  GLU A O   1 
ATOM   589 C  CB  . GLU A 1 88  ? -3.123  -7.244  6.859   1.00 13.35 ? 71  GLU A CB  1 
ATOM   590 C  CG  . GLU A 1 88  ? -3.432  -7.478  5.367   1.00 12.76 ? 71  GLU A CG  1 
ATOM   591 C  CD  . GLU A 1 88  ? -2.336  -8.237  4.642   1.00 14.95 ? 71  GLU A CD  1 
ATOM   592 O  OE1 . GLU A 1 88  ? -1.329  -8.608  5.282   1.00 14.33 ? 71  GLU A OE1 1 
ATOM   593 O  OE2 . GLU A 1 88  ? -2.475  -8.443  3.419   1.00 13.71 ? 71  GLU A OE2 1 
ATOM   594 N  N   . SER A 1 89  ? -6.054  -5.695  6.283   1.00 13.19 ? 72  SER A N   1 
ATOM   595 C  CA  . SER A 1 89  ? -7.396  -5.965  5.765   1.00 14.24 ? 72  SER A CA  1 
ATOM   596 C  C   . SER A 1 89  ? -7.302  -6.649  4.399   1.00 13.75 ? 72  SER A C   1 
ATOM   597 O  O   . SER A 1 89  ? -8.062  -7.570  4.098   1.00 13.78 ? 72  SER A O   1 
ATOM   598 C  CB  . SER A 1 89  ? -8.213  -4.659  5.671   1.00 14.49 ? 72  SER A CB  1 
ATOM   599 O  OG  . SER A 1 89  ? -9.477  -4.885  5.060   1.00 17.00 ? 72  SER A OG  1 
ATOM   600 N  N   . GLY A 1 90  ? -6.374  -6.200  3.557   1.00 12.80 ? 73  GLY A N   1 
ATOM   601 C  CA  . GLY A 1 90  ? -6.212  -6.805  2.237   1.00 11.69 ? 73  GLY A CA  1 
ATOM   602 C  C   . GLY A 1 90  ? -4.966  -6.214  1.627   1.00 10.92 ? 73  GLY A C   1 
ATOM   603 O  O   . GLY A 1 90  ? -4.354  -5.332  2.224   1.00 10.72 ? 73  GLY A O   1 
ATOM   604 N  N   . ARG A 1 91  ? -4.583  -6.694  0.447   1.00 10.13 ? 74  ARG A N   1 
ATOM   605 C  CA  . ARG A 1 91  ? -3.376  -6.180  -0.199  1.00 10.79 ? 74  ARG A CA  1 
ATOM   606 C  C   . ARG A 1 91  ? -3.457  -6.263  -1.710  1.00 10.99 ? 74  ARG A C   1 
ATOM   607 O  O   . ARG A 1 91  ? -4.228  -7.047  -2.269  1.00 10.90 ? 74  ARG A O   1 
ATOM   608 C  CB  . ARG A 1 91  ? -2.120  -6.928  0.309   1.00 10.43 ? 74  ARG A CB  1 
ATOM   609 C  CG  . ARG A 1 91  ? -2.009  -8.377  -0.163  1.00 11.57 ? 74  ARG A CG  1 
ATOM   610 C  CD  . ARG A 1 91  ? -0.616  -8.941  0.197   1.00 12.58 ? 74  ARG A CD  1 
ATOM   611 N  NE  . ARG A 1 91  ? -0.404  -9.018  1.648   1.00 10.97 ? 74  ARG A NE  1 
ATOM   612 C  CZ  . ARG A 1 91  ? 0.720   -9.464  2.221   1.00 10.64 ? 74  ARG A CZ  1 
ATOM   613 N  NH1 . ARG A 1 91  ? 1.748   -9.841  1.462   1.00 8.76  ? 74  ARG A NH1 1 
ATOM   614 N  NH2 . ARG A 1 91  ? 0.822   -9.496  3.548   1.00 14.03 ? 74  ARG A NH2 1 
ATOM   615 N  N   . LEU A 1 92  ? -2.669  -5.416  -2.354  1.00 10.65 ? 75  LEU A N   1 
ATOM   616 C  CA  . LEU A 1 92  ? -2.448  -5.463  -3.788  1.00 12.76 ? 75  LEU A CA  1 
ATOM   617 C  C   . LEU A 1 92  ? -0.962  -5.719  -3.992  1.00 12.86 ? 75  LEU A C   1 
ATOM   618 O  O   . LEU A 1 92  ? -0.126  -5.013  -3.420  1.00 12.07 ? 75  LEU A O   1 
ATOM   619 C  CB  . LEU A 1 92  ? -2.706  -4.097  -4.401  1.00 13.29 ? 75  LEU A CB  1 
ATOM   620 C  CG  . LEU A 1 92  ? -4.007  -3.359  -4.281  1.00 18.49 ? 75  LEU A CG  1 
ATOM   621 C  CD1 . LEU A 1 92  ? -3.837  -2.081  -5.113  1.00 22.24 ? 75  LEU A CD1 1 
ATOM   622 C  CD2 . LEU A 1 92  ? -5.062  -4.284  -4.852  1.00 23.31 ? 75  LEU A CD2 1 
ATOM   623 N  N   . GLU A 1 93  ? -0.615  -6.700  -4.819  1.00 12.96 ? 76  GLU A N   1 
ATOM   624 C  CA  . GLU A 1 93  ? 0.795   -6.932  -5.104  1.00 14.00 ? 76  GLU A CA  1 
ATOM   625 C  C   . GLU A 1 93  ? 1.074   -6.520  -6.545  1.00 14.36 ? 76  GLU A C   1 
ATOM   626 O  O   . GLU A 1 93  ? 0.411   -6.993  -7.466  1.00 14.75 ? 76  GLU A O   1 
ATOM   627 C  CB  . GLU A 1 93  ? 1.180   -8.401  -4.842  1.00 14.54 ? 76  GLU A CB  1 
ATOM   628 C  CG  . GLU A 1 93  ? 0.921   -8.827  -3.364  1.00 16.52 ? 76  GLU A CG  1 
ATOM   629 C  CD  . GLU A 1 93  ? 1.258   -10.295 -3.085  1.00 23.41 ? 76  GLU A CD  1 
ATOM   630 O  OE1 . GLU A 1 93  ? 0.837   -11.153 -3.884  1.00 25.04 ? 76  GLU A OE1 1 
ATOM   631 O  OE2 . GLU A 1 93  ? 1.896   -10.602 -2.031  1.00 27.91 ? 76  GLU A OE2 1 
ATOM   632 N  N   . GLY A 1 94  ? 2.066   -5.657  -6.710  1.00 13.99 ? 77  GLY A N   1 
ATOM   633 C  CA  . GLY A 1 94  ? 2.502   -5.169  -8.023  1.00 14.32 ? 77  GLY A CA  1 
ATOM   634 C  C   . GLY A 1 94  ? 1.846   -3.851  -8.433  1.00 14.49 ? 77  GLY A C   1 
ATOM   635 O  O   . GLY A 1 94  ? 0.945   -3.339  -7.749  1.00 15.08 ? 77  GLY A O   1 
ATOM   636 N  N   . TYR A 1 95  ? 2.328   -3.306  -9.546  1.00 14.29 ? 78  TYR A N   1 
ATOM   637 C  CA  . TYR A 1 95  ? 1.840   -2.048  -10.080 1.00 14.98 ? 78  TYR A CA  1 
ATOM   638 C  C   . TYR A 1 95  ? 1.806   -2.122  -11.616 1.00 16.09 ? 78  TYR A C   1 
ATOM   639 O  O   . TYR A 1 95  ? 2.724   -1.651  -12.295 1.00 15.49 ? 78  TYR A O   1 
ATOM   640 C  CB  . TYR A 1 95  ? 2.679   -0.859  -9.569  1.00 13.83 ? 78  TYR A CB  1 
ATOM   641 C  CG  . TYR A 1 95  ? 2.254   0.446   -10.213 1.00 13.69 ? 78  TYR A CG  1 
ATOM   642 C  CD1 . TYR A 1 95  ? 0.930   0.887   -10.126 1.00 12.25 ? 78  TYR A CD1 1 
ATOM   643 C  CD2 . TYR A 1 95  ? 3.178   1.229   -10.929 1.00 14.15 ? 78  TYR A CD2 1 
ATOM   644 C  CE1 . TYR A 1 95  ? 0.514   2.087   -10.743 1.00 11.02 ? 78  TYR A CE1 1 
ATOM   645 C  CE2 . TYR A 1 95  ? 2.777   2.437   -11.542 1.00 13.20 ? 78  TYR A CE2 1 
ATOM   646 C  CZ  . TYR A 1 95  ? 1.438   2.843   -11.440 1.00 13.00 ? 78  TYR A CZ  1 
ATOM   647 O  OH  . TYR A 1 95  ? 1.027   3.997   -12.055 1.00 11.69 ? 78  TYR A OH  1 
ATOM   648 N  N   . PRO A 1 96  ? 0.757   -2.753  -12.165 1.00 17.62 ? 79  PRO A N   1 
ATOM   649 C  CA  . PRO A 1 96  ? 0.639   -2.843  -13.634 1.00 18.74 ? 79  PRO A CA  1 
ATOM   650 C  C   . PRO A 1 96  ? 0.183   -1.546  -14.317 1.00 19.33 ? 79  PRO A C   1 
ATOM   651 O  O   . PRO A 1 96  ? 0.180   -1.472  -15.553 1.00 20.51 ? 79  PRO A O   1 
ATOM   652 C  CB  . PRO A 1 96  ? -0.389  -3.967  -13.857 1.00 19.39 ? 79  PRO A CB  1 
ATOM   653 C  CG  . PRO A 1 96  ? -0.803  -4.455  -12.495 1.00 19.11 ? 79  PRO A CG  1 
ATOM   654 C  CD  . PRO A 1 96  ? -0.336  -3.453  -11.470 1.00 17.87 ? 79  PRO A CD  1 
ATOM   655 N  N   . GLY A 1 97  ? -0.147  -0.518  -13.539 1.00 17.45 ? 80  GLY A N   1 
ATOM   656 C  CA  . GLY A 1 97  ? -0.358  0.813   -14.104 1.00 15.84 ? 80  GLY A CA  1 
ATOM   657 C  C   . GLY A 1 97  ? -1.457  1.524   -13.364 1.00 15.19 ? 80  GLY A C   1 
ATOM   658 O  O   . GLY A 1 97  ? -2.134  0.917   -12.544 1.00 13.52 ? 80  GLY A O   1 
ATOM   659 N  N   . GLU A 1 98  ? -1.655  2.808   -13.676 1.00 15.07 ? 81  GLU A N   1 
ATOM   660 C  CA  . GLU A 1 98  ? -2.555  3.648   -12.904 1.00 16.15 ? 81  GLU A CA  1 
ATOM   661 C  C   . GLU A 1 98  ? -3.938  3.075   -12.868 1.00 15.53 ? 81  GLU A C   1 
ATOM   662 O  O   . GLU A 1 98  ? -4.551  3.043   -11.806 1.00 14.67 ? 81  GLU A O   1 
ATOM   663 C  CB  . GLU A 1 98  ? -2.634  5.080   -13.464 1.00 16.52 ? 81  GLU A CB  1 
ATOM   664 C  CG  . GLU A 1 98  ? -1.358  5.878   -13.278 1.00 21.90 ? 81  GLU A CG  1 
ATOM   665 C  CD  . GLU A 1 98  ? -1.433  7.283   -13.866 1.00 25.26 ? 81  GLU A CD  1 
ATOM   666 O  OE1 . GLU A 1 98  ? -2.206  7.501   -14.825 1.00 29.23 ? 81  GLU A OE1 1 
ATOM   667 O  OE2 . GLU A 1 98  ? -0.691  8.168   -13.379 1.00 30.88 ? 81  GLU A OE2 1 
ATOM   668 N  N   . ASP A 1 99  ? -4.411  2.609   -14.030 1.00 15.21 ? 82  ASP A N   1 
ATOM   669 C  CA  . ASP A 1 99  ? -5.796  2.185   -14.171 1.00 16.59 ? 82  ASP A CA  1 
ATOM   670 C  C   . ASP A 1 99  ? -6.064  0.869   -13.458 1.00 16.26 ? 82  ASP A C   1 
ATOM   671 O  O   . ASP A 1 99  ? -7.199  0.444   -13.302 1.00 17.49 ? 82  ASP A O   1 
ATOM   672 C  CB  . ASP A 1 99  ? -6.162  2.061   -15.660 1.00 16.37 ? 82  ASP A CB  1 
ATOM   673 C  CG  . ASP A 1 99  ? -6.227  3.406   -16.366 1.00 20.51 ? 82  ASP A CG  1 
ATOM   674 O  OD1 . ASP A 1 99  ? -5.749  4.409   -15.778 1.00 21.04 ? 82  ASP A OD1 1 
ATOM   675 O  OD2 . ASP A 1 99  ? -6.751  3.447   -17.522 1.00 23.41 ? 82  ASP A OD2 1 
ATOM   676 N  N   . PHE A 1 100 ? -5.005  0.196   -13.067 1.00 16.14 ? 83  PHE A N   1 
ATOM   677 C  CA  . PHE A 1 100 ? -5.152  -1.035  -12.299 1.00 16.71 ? 83  PHE A CA  1 
ATOM   678 C  C   . PHE A 1 100 ? -5.176  -0.699  -10.818 1.00 15.93 ? 83  PHE A C   1 
ATOM   679 O  O   . PHE A 1 100 ? -6.006  -1.200  -10.074 1.00 16.50 ? 83  PHE A O   1 
ATOM   680 C  CB  . PHE A 1 100 ? -4.029  -1.983  -12.672 1.00 17.62 ? 83  PHE A CB  1 
ATOM   681 C  CG  . PHE A 1 100 ? -4.222  -2.555  -14.038 1.00 20.21 ? 83  PHE A CG  1 
ATOM   682 C  CD1 . PHE A 1 100 ? -4.834  -3.797  -14.199 1.00 22.31 ? 83  PHE A CD1 1 
ATOM   683 C  CD2 . PHE A 1 100 ? -3.893  -1.798  -15.167 1.00 22.23 ? 83  PHE A CD2 1 
ATOM   684 C  CE1 . PHE A 1 100 ? -5.068  -4.307  -15.472 1.00 22.77 ? 83  PHE A CE1 1 
ATOM   685 C  CE2 . PHE A 1 100 ? -4.115  -2.298  -16.446 1.00 23.50 ? 83  PHE A CE2 1 
ATOM   686 C  CZ  . PHE A 1 100 ? -4.713  -3.554  -16.594 1.00 21.22 ? 83  PHE A CZ  1 
ATOM   687 N  N   . PHE A 1 101 ? -4.328  0.230   -10.431 1.00 14.27 ? 84  PHE A N   1 
ATOM   688 C  CA  . PHE A 1 101 ? -4.177  0.618   -9.032  1.00 12.43 ? 84  PHE A CA  1 
ATOM   689 C  C   . PHE A 1 101 ? -5.458  1.150   -8.426  1.00 12.39 ? 84  PHE A C   1 
ATOM   690 O  O   . PHE A 1 101 ? -5.916  0.651   -7.416  1.00 11.62 ? 84  PHE A O   1 
ATOM   691 C  CB  . PHE A 1 101 ? -3.014  1.623   -8.876  1.00 11.62 ? 84  PHE A CB  1 
ATOM   692 C  CG  . PHE A 1 101 ? -2.785  2.039   -7.449  1.00 12.54 ? 84  PHE A CG  1 
ATOM   693 C  CD1 . PHE A 1 101 ? -2.135  1.184   -6.547  1.00 12.36 ? 84  PHE A CD1 1 
ATOM   694 C  CD2 . PHE A 1 101 ? -3.290  3.246   -6.989  1.00 12.18 ? 84  PHE A CD2 1 
ATOM   695 C  CE1 . PHE A 1 101 ? -1.931  1.581   -5.199  1.00 12.71 ? 84  PHE A CE1 1 
ATOM   696 C  CE2 . PHE A 1 101 ? -3.098  3.647   -5.661  1.00 11.89 ? 84  PHE A CE2 1 
ATOM   697 C  CZ  . PHE A 1 101 ? -2.432  2.809   -4.772  1.00 11.74 ? 84  PHE A CZ  1 
ATOM   698 N  N   . TRP A 1 102 ? -6.048  2.183   -9.028  1.00 12.28 ? 85  TRP A N   1 
ATOM   699 C  CA  . TRP A 1 102 ? -7.197  2.831   -8.405  1.00 12.14 ? 85  TRP A CA  1 
ATOM   700 C  C   . TRP A 1 102 ? -8.418  1.952   -8.097  1.00 12.66 ? 85  TRP A C   1 
ATOM   701 O  O   . TRP A 1 102 ? -8.910  1.956   -6.959  1.00 12.59 ? 85  TRP A O   1 
ATOM   702 C  CB  . TRP A 1 102 ? -7.624  4.078   -9.200  1.00 12.62 ? 85  TRP A CB  1 
ATOM   703 C  CG  . TRP A 1 102 ? -6.578  5.167   -9.273  1.00 12.06 ? 85  TRP A CG  1 
ATOM   704 C  CD1 . TRP A 1 102 ? -5.934  5.625   -10.389 1.00 11.98 ? 85  TRP A CD1 1 
ATOM   705 C  CD2 . TRP A 1 102 ? -6.105  5.963   -8.180  1.00 13.52 ? 85  TRP A CD2 1 
ATOM   706 N  NE1 . TRP A 1 102 ? -5.073  6.651   -10.049 1.00 12.99 ? 85  TRP A NE1 1 
ATOM   707 C  CE2 . TRP A 1 102 ? -5.166  6.876   -8.701  1.00 13.31 ? 85  TRP A CE2 1 
ATOM   708 C  CE3 . TRP A 1 102 ? -6.382  5.983   -6.803  1.00 14.48 ? 85  TRP A CE3 1 
ATOM   709 C  CZ2 . TRP A 1 102 ? -4.493  7.803   -7.892  1.00 16.41 ? 85  TRP A CZ2 1 
ATOM   710 C  CZ3 . TRP A 1 102 ? -5.717  6.896   -6.005  1.00 15.02 ? 85  TRP A CZ3 1 
ATOM   711 C  CH2 . TRP A 1 102 ? -4.788  7.795   -6.550  1.00 15.60 ? 85  TRP A CH2 1 
ATOM   712 N  N   . PRO A 1 103 ? -8.941  1.215   -9.092  1.00 13.27 ? 86  PRO A N   1 
ATOM   713 C  CA  . PRO A 1 103 ? -10.141 0.424   -8.784  1.00 14.20 ? 86  PRO A CA  1 
ATOM   714 C  C   . PRO A 1 103 ? -9.826  -0.782  -7.880  1.00 15.21 ? 86  PRO A C   1 
ATOM   715 O  O   . PRO A 1 103 ? -10.697 -1.236  -7.126  1.00 15.48 ? 86  PRO A O   1 
ATOM   716 C  CB  . PRO A 1 103 ? -10.642 -0.051  -10.176 1.00 14.18 ? 86  PRO A CB  1 
ATOM   717 C  CG  . PRO A 1 103 ? -9.483  0.024   -11.062 1.00 13.67 ? 86  PRO A CG  1 
ATOM   718 C  CD  . PRO A 1 103 ? -8.518  1.067   -10.495 1.00 13.38 ? 86  PRO A CD  1 
HETATM 719 N  N   . MSE A 1 104 ? -8.604  -1.296  -7.941  1.00 15.40 ? 87  MSE A N   1 
HETATM 720 C  CA  A MSE A 1 104 ? -8.251  -2.416  -7.070  0.70 16.13 ? 87  MSE A CA  1 
HETATM 721 C  CA  B MSE A 1 104 ? -8.211  -2.418  -7.078  0.30 16.43 ? 87  MSE A CA  1 
HETATM 722 C  C   . MSE A 1 104 ? -8.095  -1.951  -5.635  1.00 15.99 ? 87  MSE A C   1 
HETATM 723 O  O   . MSE A 1 104 ? -8.497  -2.645  -4.705  1.00 15.97 ? 87  MSE A O   1 
HETATM 724 C  CB  A MSE A 1 104 ? -7.009  -3.116  -7.591  0.70 17.02 ? 87  MSE A CB  1 
HETATM 725 C  CB  B MSE A 1 104 ? -6.896  -3.051  -7.537  0.30 17.33 ? 87  MSE A CB  1 
HETATM 726 C  CG  A MSE A 1 104 ? -7.196  -3.517  -9.047  0.70 20.27 ? 87  MSE A CG  1 
HETATM 727 C  CG  B MSE A 1 104 ? -6.967  -3.812  -8.858  0.30 21.45 ? 87  MSE A CG  1 
HETATM 728 SE SE  A MSE A 1 104 ? -5.829  -4.680  -9.699  0.70 28.27 ? 87  MSE A SE  1 
HETATM 729 SE SE  B MSE A 1 104 ? -8.604  -4.813  -9.169  0.30 32.77 ? 87  MSE A SE  1 
HETATM 730 C  CE  A MSE A 1 104 ? -4.189  -3.661  -9.327  0.70 26.31 ? 87  MSE A CE  1 
HETATM 731 C  CE  B MSE A 1 104 ? -7.871  -6.090  -10.457 0.30 28.60 ? 87  MSE A CE  1 
ATOM   732 N  N   . LEU A 1 105 ? -7.550  -0.751  -5.446  1.00 14.97 ? 88  LEU A N   1 
ATOM   733 C  CA  . LEU A 1 105 ? -7.480  -0.192  -4.106  1.00 14.64 ? 88  LEU A CA  1 
ATOM   734 C  C   . LEU A 1 105 ? -8.895  0.097   -3.593  1.00 15.14 ? 88  LEU A C   1 
ATOM   735 O  O   . LEU A 1 105 ? -9.233  -0.187  -2.435  1.00 14.59 ? 88  LEU A O   1 
ATOM   736 C  CB  . LEU A 1 105 ? -6.648  1.094   -4.109  1.00 13.90 ? 88  LEU A CB  1 
ATOM   737 C  CG  . LEU A 1 105 ? -6.660  1.860   -2.769  1.00 15.18 ? 88  LEU A CG  1 
ATOM   738 C  CD1 . LEU A 1 105 ? -6.029  1.037   -1.632  1.00 15.88 ? 88  LEU A CD1 1 
ATOM   739 C  CD2 . LEU A 1 105 ? -5.974  3.195   -2.914  1.00 14.18 ? 88  LEU A CD2 1 
ATOM   740 N  N   . ALA A 1 106 ? -9.731  0.649   -4.466  1.00 15.45 ? 89  ALA A N   1 
ATOM   741 C  CA  . ALA A 1 106 ? -11.113 0.925   -4.100  1.00 16.58 ? 89  ALA A CA  1 
ATOM   742 C  C   . ALA A 1 106 ? -11.835 -0.339  -3.605  1.00 16.54 ? 89  ALA A C   1 
ATOM   743 O  O   . ALA A 1 106 ? -12.558 -0.275  -2.625  1.00 16.57 ? 89  ALA A O   1 
ATOM   744 C  CB  . ALA A 1 106 ? -11.880 1.619   -5.263  1.00 16.08 ? 89  ALA A CB  1 
ATOM   745 N  N   . ARG A 1 107 ? -11.624 -1.485  -4.253  1.00 17.49 ? 90  ARG A N   1 
ATOM   746 C  CA  . ARG A 1 107 ? -12.211 -2.738  -3.745  1.00 18.41 ? 90  ARG A CA  1 
ATOM   747 C  C   . ARG A 1 107 ? -11.758 -3.022  -2.317  1.00 18.34 ? 90  ARG A C   1 
ATOM   748 O  O   . ARG A 1 107 ? -12.561 -3.447  -1.464  1.00 18.11 ? 90  ARG A O   1 
ATOM   749 C  CB  . ARG A 1 107 ? -11.887 -3.947  -4.625  1.00 19.18 ? 90  ARG A CB  1 
ATOM   750 C  CG  . ARG A 1 107 ? -12.653 -5.199  -4.154  1.00 22.65 ? 90  ARG A CG  1 
ATOM   751 C  CD  . ARG A 1 107 ? -12.220 -6.487  -4.877  1.00 26.90 ? 90  ARG A CD  1 
ATOM   752 N  NE  . ARG A 1 107 ? -10.829 -6.858  -4.587  1.00 34.92 ? 90  ARG A NE  1 
ATOM   753 C  CZ  . ARG A 1 107 ? -10.441 -7.697  -3.624  1.00 34.79 ? 90  ARG A CZ  1 
ATOM   754 N  NH1 . ARG A 1 107 ? -11.334 -8.283  -2.829  1.00 35.02 ? 90  ARG A NH1 1 
ATOM   755 N  NH2 . ARG A 1 107 ? -9.144  -7.951  -3.456  1.00 35.79 ? 90  ARG A NH2 1 
ATOM   756 N  N   . LEU A 1 108 ? -10.470 -2.805  -2.051  1.00 17.34 ? 91  LEU A N   1 
ATOM   757 C  CA  . LEU A 1 108 ? -9.935  -3.068  -0.709  1.00 16.71 ? 91  LEU A CA  1 
ATOM   758 C  C   . LEU A 1 108 ? -10.531 -2.119  0.328   1.00 17.33 ? 91  LEU A C   1 
ATOM   759 O  O   . LEU A 1 108 ? -10.931 -2.548  1.423   1.00 16.62 ? 91  LEU A O   1 
ATOM   760 C  CB  . LEU A 1 108 ? -8.409  -2.941  -0.709  1.00 16.52 ? 91  LEU A CB  1 
ATOM   761 C  CG  . LEU A 1 108 ? -7.602  -3.964  -1.495  1.00 15.33 ? 91  LEU A CG  1 
ATOM   762 C  CD1 . LEU A 1 108 ? -6.130  -3.739  -1.198  1.00 16.62 ? 91  LEU A CD1 1 
ATOM   763 C  CD2 . LEU A 1 108 ? -8.026  -5.377  -1.136  1.00 15.64 ? 91  LEU A CD2 1 
ATOM   764 N  N   . ILE A 1 109 ? -10.604 -0.838  -0.013  1.00 17.04 ? 92  ILE A N   1 
ATOM   765 C  CA  . ILE A 1 109 ? -11.194 0.133   0.903   1.00 19.17 ? 92  ILE A CA  1 
ATOM   766 C  C   . ILE A 1 109 ? -12.652 -0.221  1.227   1.00 20.50 ? 92  ILE A C   1 
ATOM   767 O  O   . ILE A 1 109 ? -13.059 -0.158  2.397   1.00 20.18 ? 92  ILE A O   1 
ATOM   768 C  CB  . ILE A 1 109 ? -11.055 1.603   0.387   1.00 19.13 ? 92  ILE A CB  1 
ATOM   769 C  CG1 . ILE A 1 109 ? -9.567  1.995   0.342   1.00 19.03 ? 92  ILE A CG1 1 
ATOM   770 C  CG2 . ILE A 1 109 ? -11.862 2.574   1.283   1.00 18.57 ? 92  ILE A CG2 1 
ATOM   771 C  CD1 . ILE A 1 109 ? -9.271  3.295   -0.366  1.00 18.90 ? 92  ILE A CD1 1 
ATOM   772 N  N   . GLY A 1 110 ? -13.395 -0.631  0.198   1.00 22.20 ? 93  GLY A N   1 
ATOM   773 C  CA  . GLY A 1 110 ? -14.812 -1.001  0.324   1.00 24.94 ? 93  GLY A CA  1 
ATOM   774 C  C   . GLY A 1 110 ? -14.989 -2.194  1.229   1.00 27.18 ? 93  GLY A C   1 
ATOM   775 O  O   . GLY A 1 110 ? -15.910 -2.250  2.047   1.00 27.40 ? 93  GLY A O   1 
ATOM   776 N  N   . GLN A 1 111 ? -14.083 -3.150  1.097   1.00 28.97 ? 94  GLN A N   1 
ATOM   777 C  CA  . GLN A 1 111 ? -14.137 -4.367  1.869   1.00 31.41 ? 94  GLN A CA  1 
ATOM   778 C  C   . GLN A 1 111 ? -13.724 -4.144  3.334   1.00 32.70 ? 94  GLN A C   1 
ATOM   779 O  O   . GLN A 1 111 ? -14.158 -4.873  4.217   1.00 32.81 ? 94  GLN A O   1 
ATOM   780 C  CB  . GLN A 1 111 ? -13.351 -5.439  1.113   1.00 31.80 ? 94  GLN A CB  1 
ATOM   781 C  CG  . GLN A 1 111 ? -12.404 -6.330  1.861   1.00 34.84 ? 94  GLN A CG  1 
ATOM   782 C  CD  . GLN A 1 111 ? -11.307 -6.839  0.934   1.00 36.93 ? 94  GLN A CD  1 
ATOM   783 O  OE1 . GLN A 1 111 ? -10.250 -7.278  1.377   1.00 35.32 ? 94  GLN A OE1 1 
ATOM   784 N  NE2 . GLN A 1 111 ? -11.561 -6.759  -0.377  1.00 40.72 ? 94  GLN A NE2 1 
ATOM   785 N  N   . ALA A 1 112 ? -12.928 -3.111  3.594   1.00 33.82 ? 95  ALA A N   1 
ATOM   786 C  CA  . ALA A 1 112 ? -12.570 -2.742  4.963   1.00 36.10 ? 95  ALA A CA  1 
ATOM   787 C  C   . ALA A 1 112 ? -13.737 -2.049  5.683   1.00 37.99 ? 95  ALA A C   1 
ATOM   788 O  O   . ALA A 1 112 ? -13.745 -1.972  6.910   1.00 38.80 ? 95  ALA A O   1 
ATOM   789 C  CB  . ALA A 1 112 ? -11.325 -1.861  4.979   1.00 35.25 ? 95  ALA A CB  1 
ATOM   790 N  N   . GLU A 1 113 ? -14.704 -1.529  4.933   1.00 40.09 ? 96  GLU A N   1 
ATOM   791 C  CA  . GLU A 1 113 ? -15.920 -0.979  5.552   1.00 42.45 ? 96  GLU A CA  1 
ATOM   792 C  C   . GLU A 1 113 ? -17.194 -1.488  4.855   1.00 42.99 ? 96  GLU A C   1 
ATOM   793 O  O   . GLU A 1 113 ? -17.769 -0.771  3.981   1.00 44.12 ? 96  GLU A O   1 
ATOM   794 C  CB  . GLU A 1 113 ? -15.874 0.555   5.553   1.00 42.67 ? 96  GLU A CB  1 
ATOM   795 C  CG  . GLU A 1 113 ? -14.481 1.119   5.833   1.00 44.63 ? 96  GLU A CG  1 
ATOM   796 C  CD  . GLU A 1 113 ? -14.166 2.270   4.911   1.00 47.66 ? 96  GLU A CD  1 
ATOM   797 O  OE1 . GLU A 1 113 ? -14.693 2.278   3.775   1.00 50.02 ? 96  GLU A OE1 1 
ATOM   798 O  OE2 . GLU A 1 113 ? -13.401 3.176   5.314   1.00 49.28 ? 96  GLU A OE2 1 
ATOM   799 N  N   . PRO A 1 114 ? -17.620 -2.719  5.183   1.00 43.61 ? 97  PRO A N   1 
HETATM 800 O  O   . HOH B 2 .   ? 11.058  -0.206  6.704   1.00 11.72 ? 501 HOH A O   1 
HETATM 801 O  O   . HOH B 2 .   ? 2.718   -9.560  11.266  1.00 17.35 ? 502 HOH A O   1 
HETATM 802 O  O   . HOH B 2 .   ? 9.200   -4.325  6.561   1.00 13.20 ? 503 HOH A O   1 
HETATM 803 O  O   . HOH B 2 .   ? -9.531  -4.653  2.513   1.00 14.75 ? 504 HOH A O   1 
HETATM 804 O  O   A HOH B 2 .   ? -9.601  8.765   -4.402  0.50 29.68 ? 505 HOH A O   1 
HETATM 805 O  O   B HOH B 2 .   ? -10.249 9.579   -5.630  0.50 22.51 ? 505 HOH A O   1 
HETATM 806 O  O   . HOH B 2 .   ? 8.361   -6.906  5.251   1.00 21.10 ? 506 HOH A O   1 
HETATM 807 O  O   . HOH B 2 .   ? 3.465   0.009   -14.481 1.00 21.36 ? 507 HOH A O   1 
HETATM 808 O  O   . HOH B 2 .   ? 7.056   -9.431  5.536   1.00 18.81 ? 508 HOH A O   1 
HETATM 809 O  O   . HOH B 2 .   ? 4.811   -5.968  13.837  1.00 25.44 ? 509 HOH A O   1 
HETATM 810 O  O   . HOH B 2 .   ? 9.792   -8.291  -5.953  1.00 18.76 ? 510 HOH A O   1 
HETATM 811 O  O   . HOH B 2 .   ? -8.434  -5.439  -4.985  1.00 31.45 ? 511 HOH A O   1 
HETATM 812 O  O   . HOH B 2 .   ? 9.541   -2.142  8.251   1.00 15.12 ? 512 HOH A O   1 
HETATM 813 O  O   . HOH B 2 .   ? -9.164  -6.068  9.339   1.00 50.92 ? 513 HOH A O   1 
HETATM 814 O  O   . HOH B 2 .   ? 1.155   -12.087 11.520  1.00 15.01 ? 514 HOH A O   1 
HETATM 815 O  O   . HOH B 2 .   ? 3.973   8.743   3.892   0.50 24.21 ? 515 HOH A O   1 
HETATM 816 O  O   . HOH B 2 .   ? -2.936  2.117   -16.627 1.00 28.24 ? 516 HOH A O   1 
HETATM 817 O  O   . HOH B 2 .   ? -5.944  -2.494  15.370  1.00 38.81 ? 517 HOH A O   1 
HETATM 818 O  O   . HOH B 2 .   ? 0.106   3.891   -15.582 1.00 34.54 ? 518 HOH A O   1 
HETATM 819 O  O   . HOH B 2 .   ? 1.634   15.331  -3.598  1.00 19.85 ? 519 HOH A O   1 
HETATM 820 O  O   . HOH B 2 .   ? -0.495  -11.374 13.529  1.00 19.76 ? 520 HOH A O   1 
HETATM 821 O  O   . HOH B 2 .   ? 6.161   7.113   3.914   1.00 24.32 ? 521 HOH A O   1 
HETATM 822 O  O   . HOH B 2 .   ? -1.238  -1.550  -8.386  1.00 25.41 ? 522 HOH A O   1 
HETATM 823 O  O   . HOH B 2 .   ? 13.864  -4.164  1.319   1.00 17.96 ? 523 HOH A O   1 
HETATM 824 O  O   . HOH B 2 .   ? 5.976   4.364   6.764   1.00 39.63 ? 524 HOH A O   1 
HETATM 825 O  O   . HOH B 2 .   ? -8.402  -8.404  8.969   1.00 22.14 ? 525 HOH A O   1 
HETATM 826 O  O   . HOH B 2 .   ? -3.160  10.483  1.988   1.00 31.60 ? 526 HOH A O   1 
HETATM 827 O  O   . HOH B 2 .   ? 0.404   10.345  -13.394 1.00 36.64 ? 527 HOH A O   1 
HETATM 828 O  O   . HOH B 2 .   ? 10.300  7.545   -9.219  1.00 21.70 ? 528 HOH A O   1 
HETATM 829 O  O   . HOH B 2 .   ? 11.311  -11.499 -2.289  1.00 54.63 ? 529 HOH A O   1 
HETATM 830 O  O   . HOH B 2 .   ? 12.054  -9.481  -4.453  1.00 27.04 ? 530 HOH A O   1 
HETATM 831 O  O   . HOH B 2 .   ? 13.697  1.507   -1.758  1.00 42.77 ? 531 HOH A O   1 
HETATM 832 O  O   . HOH B 2 .   ? 3.935   -9.395  -1.094  1.00 17.28 ? 532 HOH A O   1 
HETATM 833 O  O   . HOH B 2 .   ? 16.324  -2.069  2.149   1.00 44.41 ? 533 HOH A O   1 
HETATM 834 O  O   . HOH B 2 .   ? 3.334   -13.894 1.300   1.00 26.18 ? 534 HOH A O   1 
HETATM 835 O  O   . HOH B 2 .   ? -4.332  1.504   10.089  1.00 31.61 ? 535 HOH A O   1 
HETATM 836 O  O   . HOH B 2 .   ? -2.649  -8.167  -5.861  1.00 32.48 ? 536 HOH A O   1 
HETATM 837 O  O   . HOH B 2 .   ? -0.854  9.469   1.613   1.00 16.79 ? 537 HOH A O   1 
HETATM 838 O  O   . HOH B 2 .   ? 8.815   -7.994  11.545  1.00 31.12 ? 538 HOH A O   1 
HETATM 839 O  O   . HOH B 2 .   ? -5.780  -9.399  -0.254  1.00 25.95 ? 539 HOH A O   1 
HETATM 840 O  O   . HOH B 2 .   ? -1.334  -9.190  -8.032  1.00 38.13 ? 540 HOH A O   1 
HETATM 841 O  O   . HOH B 2 .   ? 16.786  -4.814  -3.620  1.00 23.61 ? 541 HOH A O   1 
HETATM 842 O  O   . HOH B 2 .   ? 6.232   12.662  -10.663 1.00 38.21 ? 542 HOH A O   1 
HETATM 843 O  O   . HOH B 2 .   ? -14.057 2.327   -2.015  1.00 42.74 ? 543 HOH A O   1 
HETATM 844 O  O   . HOH B 2 .   ? -3.797  14.009  2.223   1.00 25.35 ? 544 HOH A O   1 
HETATM 845 O  O   . HOH B 2 .   ? 10.379  3.666   4.904   1.00 28.53 ? 545 HOH A O   1 
HETATM 846 O  O   . HOH B 2 .   ? 5.361   10.536  -1.901  1.00 31.80 ? 546 HOH A O   1 
HETATM 847 O  O   . HOH B 2 .   ? -1.311  14.394  3.208   1.00 27.88 ? 547 HOH A O   1 
HETATM 848 O  O   . HOH B 2 .   ? -4.344  -9.996  2.630   1.00 27.63 ? 548 HOH A O   1 
HETATM 849 O  O   . HOH B 2 .   ? -6.081  -7.188  -4.423  1.00 42.28 ? 549 HOH A O   1 
HETATM 850 O  O   . HOH B 2 .   ? 2.877   2.408   -15.165 1.00 35.50 ? 550 HOH A O   1 
HETATM 851 O  O   . HOH B 2 .   ? -4.804  1.056   -18.627 1.00 33.47 ? 551 HOH A O   1 
HETATM 852 O  O   . HOH B 2 .   ? -7.307  6.879   7.931   1.00 34.07 ? 552 HOH A O   1 
HETATM 853 O  O   . HOH B 2 .   ? -1.012  -5.123  17.335  1.00 29.83 ? 553 HOH A O   1 
HETATM 854 O  O   . HOH B 2 .   ? 2.662   11.180  -1.907  1.00 27.11 ? 554 HOH A O   1 
HETATM 855 O  O   . HOH B 2 .   ? 10.641  6.106   -2.274  1.00 53.06 ? 555 HOH A O   1 
HETATM 856 O  O   . HOH B 2 .   ? 12.334  1.915   -4.078  1.00 38.67 ? 556 HOH A O   1 
HETATM 857 O  O   . HOH B 2 .   ? -5.567  3.863   -20.271 1.00 43.44 ? 557 HOH A O   1 
HETATM 858 O  O   . HOH B 2 .   ? 2.708   -8.193  17.666  1.00 68.60 ? 558 HOH A O   1 
HETATM 859 O  O   . HOH B 2 .   ? 10.848  -8.295  7.286   1.00 43.70 ? 559 HOH A O   1 
HETATM 860 O  O   . HOH B 2 .   ? 3.046   2.062   12.802  1.00 37.52 ? 560 HOH A O   1 
HETATM 861 O  O   . HOH B 2 .   ? -11.653 10.391  1.509   1.00 31.84 ? 561 HOH A O   1 
HETATM 862 O  O   . HOH B 2 .   ? 1.692   11.878  -11.457 1.00 36.97 ? 562 HOH A O   1 
HETATM 863 O  O   . HOH B 2 .   ? -10.999 -5.232  7.510   1.00 42.58 ? 563 HOH A O   1 
HETATM 864 O  O   . HOH B 2 .   ? -4.009  11.951  3.615   1.00 36.44 ? 564 HOH A O   1 
HETATM 865 O  O   . HOH B 2 .   ? -6.323  11.661  5.251   1.00 29.59 ? 565 HOH A O   1 
HETATM 866 O  O   . HOH B 2 .   ? -12.201 -2.778  8.600   1.00 41.33 ? 566 HOH A O   1 
HETATM 867 O  O   . HOH B 2 .   ? -11.006 5.633   5.630   1.00 37.08 ? 567 HOH A O   1 
HETATM 868 O  O   . HOH B 2 .   ? -6.326  -10.902 4.330   1.00 42.57 ? 568 HOH A O   1 
HETATM 869 O  O   . HOH B 2 .   ? 3.711   -12.814 -3.733  1.00 43.59 ? 569 HOH A O   1 
HETATM 870 O  O   . HOH B 2 .   ? -8.479  -9.139  0.638   1.00 48.04 ? 570 HOH A O   1 
HETATM 871 O  O   . HOH B 2 .   ? 10.871  3.147   -13.081 1.00 32.68 ? 571 HOH A O   1 
HETATM 872 O  O   . HOH B 2 .   ? -13.362 6.025   1.270   1.00 48.45 ? 572 HOH A O   1 
HETATM 873 O  O   . HOH B 2 .   ? 7.122   11.186  -5.910  1.00 53.91 ? 573 HOH A O   1 
HETATM 874 O  O   . HOH B 2 .   ? 16.300  -3.942  4.520   1.00 34.26 ? 574 HOH A O   1 
HETATM 875 O  O   . HOH B 2 .   ? 1.921   11.146  0.749   1.00 43.22 ? 575 HOH A O   1 
HETATM 876 O  O   . HOH B 2 .   ? -12.034 5.884   -0.931  1.00 34.82 ? 576 HOH A O   1 
HETATM 877 O  O   . HOH B 2 .   ? 9.979   3.453   -15.897 1.00 42.23 ? 577 HOH A O   1 
HETATM 878 O  O   . HOH B 2 .   ? 2.743   -14.573 -5.203  1.00 46.85 ? 578 HOH A O   1 
HETATM 879 O  O   . HOH B 2 .   ? 18.106  -5.436  3.976   1.00 36.99 ? 579 HOH A O   1 
HETATM 880 O  O   . HOH B 2 .   ? -12.318 3.999   -2.714  1.00 34.74 ? 580 HOH A O   1 
HETATM 881 O  O   . HOH B 2 .   ? 1.734   14.473  -10.590 1.00 38.78 ? 581 HOH A O   1 
HETATM 882 O  O   . HOH B 2 .   ? 10.018  5.681   -13.047 1.00 42.23 ? 582 HOH A O   1 
HETATM 883 O  O   . HOH B 2 .   ? -9.322  15.078  -2.503  1.00 29.15 ? 583 HOH A O   1 
HETATM 884 O  O   . HOH B 2 .   ? -6.584  -10.705 6.785   1.00 44.56 ? 584 HOH A O   1 
HETATM 885 O  O   . HOH B 2 .   ? -9.368  5.832   7.640   1.00 41.16 ? 585 HOH A O   1 
HETATM 886 O  O   . HOH B 2 .   ? 18.174  -3.862  0.869   1.00 71.28 ? 586 HOH A O   1 
HETATM 887 O  O   . HOH B 2 .   ? -15.191 -3.746  -1.998  1.00 38.06 ? 587 HOH A O   1 
HETATM 888 O  O   . HOH B 2 .   ? -3.727  -11.220 -1.891  1.00 42.40 ? 588 HOH A O   1 
HETATM 889 O  O   . HOH B 2 .   ? -11.788 -7.415  5.597   1.00 72.69 ? 589 HOH A O   1 
HETATM 890 O  O   . HOH B 2 .   ? 12.938  2.105   -6.302  1.00 44.49 ? 590 HOH A O   1 
HETATM 891 O  O   . HOH B 2 .   ? -1.003  7.977   8.368   0.50 44.53 ? 591 HOH A O   1 
HETATM 892 O  O   . HOH B 2 .   ? -1.442  -5.954  -9.426  1.00 37.79 ? 592 HOH A O   1 
HETATM 893 O  O   . HOH B 2 .   ? 11.119  2.775   2.458   1.00 49.33 ? 593 HOH A O   1 
HETATM 894 O  O   . HOH B 2 .   ? -9.103  -3.921  12.346  1.00 35.98 ? 594 HOH A O   1 
HETATM 895 O  O   . HOH B 2 .   ? 3.061   -10.382 16.151  1.00 43.76 ? 595 HOH A O   1 
HETATM 896 O  O   . HOH B 2 .   ? 11.228  1.217   -17.935 1.00 42.86 ? 596 HOH A O   1 
HETATM 897 O  O   . HOH B 2 .   ? 0.159   -1.150  13.830  1.00 55.05 ? 597 HOH A O   1 
HETATM 898 O  O   . HOH B 2 .   ? 8.905   -5.545  14.350  1.00 49.70 ? 598 HOH A O   1 
HETATM 899 O  O   . HOH B 2 .   ? 9.518   10.461  -13.676 1.00 45.56 ? 599 HOH A O   1 
HETATM 900 O  O   . HOH B 2 .   ? 10.884  -6.512  -7.623  1.00 43.05 ? 600 HOH A O   1 
HETATM 901 O  O   . HOH B 2 .   ? -18.368 -1.882  0.072   1.00 54.87 ? 601 HOH A O   1 
HETATM 902 O  O   . HOH B 2 .   ? -2.510  -9.747  -3.823  1.00 49.70 ? 602 HOH A O   1 
HETATM 903 O  O   . HOH B 2 .   ? -5.683  9.907   -9.683  0.50 46.94 ? 603 HOH A O   1 
HETATM 904 O  O   . HOH B 2 .   ? -3.346  -12.604 0.430   1.00 58.55 ? 604 HOH A O   1 
HETATM 905 O  O   . HOH B 2 .   ? -9.704  -0.209  13.183  1.00 57.35 ? 605 HOH A O   1 
HETATM 906 O  O   . HOH B 2 .   ? 0.287   5.114   11.519  1.00 63.01 ? 606 HOH A O   1 
HETATM 907 O  O   . HOH B 2 .   ? -5.638  -13.385 0.111   1.00 44.66 ? 607 HOH A O   1 
HETATM 908 O  O   . HOH B 2 .   ? 4.939   3.251   -17.513 1.00 63.36 ? 608 HOH A O   1 
HETATM 909 O  O   . HOH B 2 .   ? -3.324  -12.068 2.724   1.00 56.20 ? 609 HOH A O   1 
HETATM 910 O  O   . HOH B 2 .   ? 11.762  6.620   -7.174  1.00 53.60 ? 610 HOH A O   1 
HETATM 911 O  O   . HOH B 2 .   ? -0.845  -11.572 -5.664  1.00 36.10 ? 611 HOH A O   1 
HETATM 912 O  O   . HOH B 2 .   ? -11.469 -5.404  -8.846  1.00 60.72 ? 612 HOH A O   1 
HETATM 913 O  O   . HOH B 2 .   ? 10.389  -9.294  -7.952  1.00 51.96 ? 613 HOH A O   1 
HETATM 914 O  O   . HOH B 2 .   ? -2.127  -4.546  -7.432  1.00 50.44 ? 614 HOH A O   1 
HETATM 915 O  O   . HOH B 2 .   ? 9.462   -10.620 3.921   1.00 45.49 ? 615 HOH A O   1 
HETATM 916 O  O   . HOH B 2 .   ? 6.451   -7.815  13.851  1.00 42.30 ? 616 HOH A O   1 
HETATM 917 O  O   . HOH B 2 .   ? -15.790 1.640   -4.027  1.00 56.30 ? 617 HOH A O   1 
HETATM 918 O  O   . HOH B 2 .   ? 7.187   14.129  -7.435  1.00 66.06 ? 618 HOH A O   1 
HETATM 919 O  O   . HOH B 2 .   ? 7.318   -9.769  8.370   1.00 46.19 ? 619 HOH A O   1 
HETATM 920 O  O   . HOH B 2 .   ? 6.202   -13.063 -5.493  1.00 62.95 ? 620 HOH A O   1 
HETATM 921 O  O   . HOH B 2 .   ? -12.458 0.589   9.259   1.00 54.10 ? 621 HOH A O   1 
HETATM 922 O  O   . HOH B 2 .   ? 10.606  7.944   -11.822 1.00 68.78 ? 622 HOH A O   1 
HETATM 923 O  O   . HOH B 2 .   ? -8.341  9.048   6.639   1.00 52.46 ? 623 HOH A O   1 
HETATM 924 O  O   . HOH B 2 .   ? 15.796  1.749   -5.700  1.00 66.12 ? 624 HOH A O   1 
HETATM 925 O  O   . HOH B 2 .   ? 7.022   6.684   -14.930 1.00 52.03 ? 625 HOH A O   1 
HETATM 926 O  O   . HOH B 2 .   ? 9.772   9.253   -2.353  0.50 49.77 ? 626 HOH A O   1 
HETATM 927 O  O   . HOH B 2 .   ? 18.014  -8.346  5.418   1.00 58.54 ? 628 HOH A O   1 
HETATM 928 O  O   . HOH B 2 .   ? -12.863 12.406  0.352   1.00 59.39 ? 629 HOH A O   1 
HETATM 929 O  O   . HOH B 2 .   ? -1.519  -16.163 0.206   1.00 59.83 ? 630 HOH A O   1 
HETATM 930 O  O   . HOH B 2 .   ? -16.029 2.477   0.038   1.00 58.29 ? 631 HOH A O   1 
HETATM 931 O  O   . HOH B 2 .   ? -4.013  -14.032 -2.763  1.00 48.90 ? 632 HOH A O   1 
HETATM 932 O  O   . HOH B 2 .   ? 18.567  -6.105  -2.453  1.00 67.13 ? 633 HOH A O   1 
HETATM 933 O  O   . HOH B 2 .   ? -5.384  0.656   16.118  1.00 67.83 ? 635 HOH A O   1 
HETATM 934 O  O   . HOH B 2 .   ? 1.226   6.969   -15.955 1.00 54.82 ? 636 HOH A O   1 
HETATM 935 O  O   . HOH B 2 .   ? 15.597  -9.173  6.277   1.00 37.54 ? 637 HOH A O   1 
HETATM 936 O  O   . HOH B 2 .   ? -2.873  -13.560 -6.191  1.00 62.50 ? 638 HOH A O   1 
HETATM 937 O  O   . HOH B 2 .   ? 13.507  4.028   -12.475 1.00 41.21 ? 639 HOH A O   1 
HETATM 938 O  O   . HOH B 2 .   ? -19.461 -6.118  -2.121  1.00 63.46 ? 640 HOH A O   1 
HETATM 939 O  O   . HOH B 2 .   ? -13.889 -6.985  -8.344  1.00 61.90 ? 641 HOH A O   1 
HETATM 940 O  O   . HOH B 2 .   ? -4.016  3.035   12.092  1.00 65.45 ? 642 HOH A O   1 
HETATM 941 O  O   . HOH B 2 .   ? -7.232  2.289   14.812  1.00 68.09 ? 643 HOH A O   1 
HETATM 942 O  O   . HOH B 2 .   ? -8.125  -3.575  14.666  1.00 53.75 ? 644 HOH A O   1 
HETATM 943 O  O   . HOH B 2 .   ? 14.118  0.028   -17.676 1.00 63.63 ? 645 HOH A O   1 
HETATM 944 O  O   . HOH B 2 .   ? 19.130  -3.064  5.496   1.00 66.19 ? 646 HOH A O   1 
HETATM 945 O  O   . HOH B 2 .   ? 16.637  2.105   -1.877  1.00 67.85 ? 647 HOH A O   1 
HETATM 946 O  O   . HOH B 2 .   ? -11.444 11.413  3.980   1.00 62.44 ? 648 HOH A O   1 
HETATM 947 O  O   . HOH B 2 .   ? 12.989  -12.203 -0.129  1.00 66.10 ? 649 HOH A O   1 
HETATM 948 O  O   . HOH B 2 .   ? 9.413   10.088  -8.192  1.00 53.62 ? 650 HOH A O   1 
HETATM 949 O  O   . HOH B 2 .   ? -17.666 -4.792  3.000   1.00 65.77 ? 651 HOH A O   1 
HETATM 950 O  O   . HOH B 2 .   ? 11.521  -8.907  12.542  1.00 55.19 ? 652 HOH A O   1 
HETATM 951 O  O   . HOH B 2 .   ? 4.294   -15.145 -1.618  1.00 64.22 ? 653 HOH A O   1 
HETATM 952 O  O   . HOH B 2 .   ? -14.796 9.328   -1.588  0.50 57.84 ? 655 HOH A O   1 
HETATM 953 O  O   . HOH B 2 .   ? 12.766  -11.070 9.118   1.00 76.66 ? 656 HOH A O   1 
HETATM 954 O  O   . HOH B 2 .   ? 15.127  -1.425  -12.165 1.00 78.28 ? 657 HOH A O   1 
HETATM 955 O  O   . HOH B 2 .   ? 13.925  -8.540  8.773   1.00 56.97 ? 658 HOH A O   1 
HETATM 956 O  O   . HOH B 2 .   ? -9.449  -10.470 6.242   1.00 68.51 ? 659 HOH A O   1 
HETATM 957 O  O   . HOH B 2 .   ? -15.873 -1.697  -4.124  1.00 69.46 ? 661 HOH A O   1 
HETATM 958 O  O   . HOH B 2 .   ? 3.140   11.276  -14.037 1.00 59.27 ? 662 HOH A O   1 
HETATM 959 O  O   . HOH B 2 .   ? 14.532  2.137   -10.233 1.00 41.86 ? 663 HOH A O   1 
HETATM 960 O  O   . HOH B 2 .   ? -9.481  -6.343  -7.163  1.00 53.69 ? 665 HOH A O   1 
HETATM 961 O  O   . HOH B 2 .   ? 16.172  -5.334  0.188   1.00 46.30 ? 667 HOH A O   1 
# 
